data_3AKZ
#
_entry.id   3AKZ
#
_cell.length_a   63.203
_cell.length_b   159.903
_cell.length_c   156.166
_cell.angle_alpha   90.00
_cell.angle_beta   90.06
_cell.angle_gamma   90.00
#
_symmetry.space_group_name_H-M   'P 1 21 1'
#
loop_
_entity.id
_entity.type
_entity.pdbx_description
1 polymer 'Glutamyl-tRNA synthetase 2'
2 polymer tRNAGln
3 non-polymer "O5'-(L-GLUTAMYL-SULFAMOYL)-ADENOSINE"
#
loop_
_entity_poly.entity_id
_entity_poly.type
_entity_poly.pdbx_seq_one_letter_code
_entity_poly.pdbx_strand_id
1 'polypeptide(L)'
;MFITGAFFDILEVGPKKIRRCFELVRVRFAPSPTGHLHVGGARTALFNWMFARKEGGKFILRIEDTDTERSSREYEQQIL
ESLRWCGLDWDEGPDIGGDFGPYRQSERLEIYREYAEKLVEDKRAYYVVYDKEDPSKELFTTYEYPHEYKEKGHPVTIKF
KVLPGKTSFEDLLKGYMEFDNSTLEDFIIMKSNGFPTYNFAVVVDDHLMRISHVFRGEDHLSNTPKQLMIYEAFGWEAPV
FMHIPLILGSDRTPLSKRHGATSVEHFRREGILSRALMNYLALLGWRVEGDEIFTIEEKLQSFDPKDISNKGVIFDYQKL
EWVNGKHMRRIDLEDLKREFIEWAKYAGKEIPSVDERYFSETLRICREKVNTLSQLYDIMYPFMNDDYEYEKDYVEKFLK
REEAERVLEEAKKAFKDLNSWNMEEIEKTLRDLSEKGLASKKVVFQLIRGAVTGKLVTPGLFETIEVLGKERTLKRLERT
LQFLKKT
;
B,D,C,A
2 'polyribonucleotide' UGGGAGGUCGUCUAACGGUAGGACGGCGGACUCUGGAUCCGCUGGUGGAGGUUCGAGUCCUCCCCUCCCAGCCA F,H,G,E
#
loop_
_chem_comp.id
_chem_comp.type
_chem_comp.name
_chem_comp.formula
A RNA linking ADENOSINE-5'-MONOPHOSPHATE 'C10 H14 N5 O7 P'
C RNA linking CYTIDINE-5'-MONOPHOSPHATE 'C9 H14 N3 O8 P'
G RNA linking GUANOSINE-5'-MONOPHOSPHATE 'C10 H14 N5 O8 P'
U RNA linking URIDINE-5'-MONOPHOSPHATE 'C9 H13 N2 O9 P'
#
# COMPACT_ATOMS: atom_id res chain seq x y z
N LEU A 24 -28.00 41.78 63.57
CA LEU A 24 -26.58 42.13 63.89
C LEU A 24 -25.60 41.10 63.35
N VAL A 25 -26.01 40.38 62.31
CA VAL A 25 -25.18 39.36 61.70
C VAL A 25 -24.41 39.90 60.50
N ARG A 26 -23.09 39.88 60.60
CA ARG A 26 -22.23 40.38 59.52
C ARG A 26 -20.95 39.55 59.39
N VAL A 27 -20.98 38.57 58.50
CA VAL A 27 -19.82 37.72 58.25
C VAL A 27 -19.16 38.14 56.94
N ARG A 28 -17.85 38.03 56.87
CA ARG A 28 -17.13 38.43 55.66
C ARG A 28 -16.11 37.39 55.20
N PHE A 29 -15.49 37.66 54.07
CA PHE A 29 -14.48 36.80 53.49
C PHE A 29 -13.30 37.68 53.10
N ALA A 30 -12.16 37.45 53.72
CA ALA A 30 -10.96 38.24 53.45
C ALA A 30 -9.97 37.51 52.54
N PRO A 31 -10.09 37.73 51.22
CA PRO A 31 -9.20 37.10 50.23
C PRO A 31 -7.79 37.67 50.27
N SER A 32 -7.05 37.45 49.19
CA SER A 32 -5.68 37.93 49.06
C SER A 32 -5.22 37.80 47.62
N PRO A 33 -4.88 38.92 46.97
CA PRO A 33 -4.41 38.95 45.57
C PRO A 33 -3.13 38.18 45.32
N THR A 34 -3.25 36.94 44.86
CA THR A 34 -2.09 36.10 44.59
C THR A 34 -2.40 35.00 43.57
N GLY A 35 -2.52 35.40 42.31
CA GLY A 35 -2.79 34.43 41.25
C GLY A 35 -4.27 34.24 40.95
N HIS A 36 -4.92 33.39 41.75
CA HIS A 36 -6.34 33.10 41.58
C HIS A 36 -6.89 32.40 42.82
N LEU A 37 -8.14 31.94 42.74
CA LEU A 37 -8.77 31.25 43.86
C LEU A 37 -9.03 29.79 43.56
N HIS A 38 -8.86 28.94 44.57
CA HIS A 38 -9.07 27.50 44.42
C HIS A 38 -10.30 27.07 45.22
N VAL A 39 -10.66 25.79 45.11
CA VAL A 39 -11.81 25.24 45.80
C VAL A 39 -11.64 25.35 47.32
N GLY A 40 -10.41 25.29 47.78
CA GLY A 40 -10.15 25.39 49.21
C GLY A 40 -10.67 26.69 49.78
N GLY A 41 -10.40 27.78 49.09
CA GLY A 41 -10.85 29.08 49.55
C GLY A 41 -12.32 29.32 49.27
N ALA A 42 -12.77 28.92 48.09
CA ALA A 42 -14.17 29.09 47.70
C ALA A 42 -15.10 28.40 48.70
N ARG A 43 -14.74 27.19 49.12
CA ARG A 43 -15.55 26.44 50.07
C ARG A 43 -15.74 27.23 51.36
N THR A 44 -14.66 27.83 51.85
CA THR A 44 -14.71 28.63 53.06
C THR A 44 -15.57 29.87 52.83
N ALA A 45 -15.63 30.30 51.57
CA ALA A 45 -16.42 31.47 51.19
C ALA A 45 -17.89 31.10 51.11
N LEU A 46 -18.15 29.92 50.55
CA LEU A 46 -19.50 29.41 50.40
C LEU A 46 -20.21 29.33 51.76
N PHE A 47 -19.44 29.03 52.79
CA PHE A 47 -19.97 28.91 54.14
C PHE A 47 -20.58 30.23 54.60
N ASN A 48 -19.73 31.25 54.75
CA ASN A 48 -20.18 32.56 55.20
C ASN A 48 -21.31 33.11 54.32
N TRP A 49 -21.31 32.71 53.06
CA TRP A 49 -22.35 33.17 52.13
C TRP A 49 -23.69 32.62 52.56
N MET A 50 -23.79 31.30 52.64
CA MET A 50 -25.03 30.64 53.04
C MET A 50 -25.45 31.11 54.43
N PHE A 51 -24.53 31.04 55.39
CA PHE A 51 -24.82 31.46 56.75
C PHE A 51 -25.47 32.84 56.75
N ALA A 52 -24.83 33.79 56.09
CA ALA A 52 -25.34 35.15 56.02
C ALA A 52 -26.73 35.21 55.39
N ARG A 53 -27.08 34.17 54.63
CA ARG A 53 -28.37 34.13 53.98
C ARG A 53 -29.43 33.41 54.82
N LYS A 54 -29.02 32.38 55.54
CA LYS A 54 -29.94 31.63 56.39
C LYS A 54 -30.43 32.49 57.54
N GLU A 55 -29.55 33.34 58.06
CA GLU A 55 -29.90 34.22 59.17
C GLU A 55 -30.32 35.60 58.66
N GLY A 56 -30.02 35.88 57.39
CA GLY A 56 -30.38 37.16 56.82
C GLY A 56 -29.35 38.23 57.11
N GLY A 57 -28.18 37.81 57.58
CA GLY A 57 -27.13 38.76 57.90
C GLY A 57 -26.49 39.37 56.66
N LYS A 58 -25.48 40.21 56.88
CA LYS A 58 -24.77 40.88 55.80
C LYS A 58 -23.45 40.18 55.48
N PHE A 59 -23.18 39.99 54.19
CA PHE A 59 -21.94 39.36 53.75
C PHE A 59 -21.02 40.44 53.19
N ILE A 60 -19.78 40.48 53.69
CA ILE A 60 -18.82 41.48 53.26
C ILE A 60 -17.59 40.89 52.56
N LEU A 61 -17.02 41.66 51.64
CA LEU A 61 -15.84 41.24 50.90
C LEU A 61 -14.69 42.18 51.25
N ARG A 62 -13.62 41.64 51.83
CA ARG A 62 -12.47 42.45 52.22
C ARG A 62 -11.18 41.87 51.66
N ILE A 63 -10.62 42.54 50.66
CA ILE A 63 -9.38 42.10 50.03
C ILE A 63 -8.16 42.37 50.90
N GLU A 64 -7.53 41.29 51.36
CA GLU A 64 -6.34 41.40 52.21
C GLU A 64 -5.08 41.46 51.35
N ASP A 65 -4.54 42.67 51.18
CA ASP A 65 -3.34 42.86 50.39
C ASP A 65 -2.32 43.70 51.15
N THR A 66 -2.15 43.38 52.43
CA THR A 66 -1.20 44.09 53.29
C THR A 66 0.24 43.73 52.96
N ASP A 67 0.43 42.65 52.22
CA ASP A 67 1.77 42.21 51.83
C ASP A 67 2.17 42.96 50.57
N THR A 68 2.80 44.12 50.74
CA THR A 68 3.23 44.95 49.62
C THR A 68 4.04 44.15 48.60
N GLU A 69 4.78 43.16 49.10
CA GLU A 69 5.62 42.32 48.24
C GLU A 69 4.79 41.57 47.20
N ARG A 70 3.79 40.83 47.66
CA ARG A 70 2.94 40.04 46.77
C ARG A 70 1.64 40.75 46.43
N SER A 71 1.68 42.08 46.35
CA SER A 71 0.49 42.87 46.02
C SER A 71 0.21 42.85 44.52
N SER A 72 -1.06 43.01 44.16
CA SER A 72 -1.46 43.00 42.76
C SER A 72 -2.90 43.46 42.60
N ARG A 73 -3.40 43.41 41.37
CA ARG A 73 -4.77 43.81 41.06
C ARG A 73 -5.42 42.79 40.14
N GLU A 74 -4.65 42.32 39.16
CA GLU A 74 -5.14 41.34 38.20
C GLU A 74 -5.64 40.12 38.95
N TYR A 75 -4.77 39.54 39.78
CA TYR A 75 -5.10 38.37 40.57
C TYR A 75 -6.07 38.80 41.67
N GLU A 76 -6.16 40.11 41.87
CA GLU A 76 -7.04 40.69 42.88
C GLU A 76 -8.39 41.01 42.25
N GLN A 77 -8.63 40.49 41.06
CA GLN A 77 -9.88 40.71 40.36
C GLN A 77 -10.47 39.41 39.84
N GLN A 78 -9.59 38.51 39.39
CA GLN A 78 -10.02 37.21 38.88
C GLN A 78 -10.73 36.42 39.96
N ILE A 79 -10.63 36.90 41.20
CA ILE A 79 -11.24 36.24 42.35
C ILE A 79 -12.75 36.51 42.40
N LEU A 80 -13.12 37.77 42.36
CA LEU A 80 -14.53 38.15 42.41
C LEU A 80 -15.33 37.58 41.25
N GLU A 81 -14.72 37.56 40.07
CA GLU A 81 -15.39 37.03 38.88
C GLU A 81 -15.76 35.56 39.10
N SER A 82 -14.81 34.78 39.60
CA SER A 82 -15.04 33.37 39.85
C SER A 82 -16.11 33.18 40.92
N LEU A 83 -15.93 33.82 42.06
CA LEU A 83 -16.91 33.72 43.15
C LEU A 83 -18.27 34.06 42.60
N ARG A 84 -18.33 35.12 41.79
CA ARG A 84 -19.57 35.55 41.17
C ARG A 84 -20.12 34.39 40.35
N TRP A 85 -19.23 33.72 39.62
CA TRP A 85 -19.61 32.59 38.79
C TRP A 85 -20.09 31.43 39.66
N CYS A 86 -19.59 31.37 40.89
CA CYS A 86 -19.97 30.32 41.82
C CYS A 86 -21.34 30.63 42.43
N GLY A 87 -21.84 31.83 42.16
CA GLY A 87 -23.13 32.23 42.70
C GLY A 87 -22.99 32.80 44.09
N LEU A 88 -21.85 33.43 44.36
CA LEU A 88 -21.59 34.02 45.67
C LEU A 88 -21.71 35.54 45.62
N ASP A 89 -22.92 36.04 45.89
CA ASP A 89 -23.16 37.47 45.88
C ASP A 89 -22.81 38.06 47.26
N TRP A 90 -22.19 39.23 47.25
CA TRP A 90 -21.80 39.89 48.49
C TRP A 90 -22.39 41.28 48.62
N ASP A 91 -22.79 41.63 49.84
CA ASP A 91 -23.40 42.94 50.12
C ASP A 91 -22.40 44.08 49.91
N GLU A 92 -21.31 44.05 50.68
CA GLU A 92 -20.29 45.08 50.57
C GLU A 92 -19.06 44.56 49.84
N GLY A 93 -18.37 45.45 49.13
CA GLY A 93 -17.19 45.04 48.39
C GLY A 93 -16.52 46.19 47.65
N PRO A 94 -15.28 46.00 47.18
CA PRO A 94 -14.53 47.03 46.46
C PRO A 94 -15.02 47.24 45.02
N ASP A 95 -15.63 46.20 44.45
CA ASP A 95 -16.14 46.27 43.09
C ASP A 95 -17.34 47.21 43.00
N ILE A 96 -18.07 47.32 44.10
CA ILE A 96 -19.26 48.18 44.17
C ILE A 96 -19.15 49.19 45.30
N GLY A 97 -20.29 49.69 45.76
CA GLY A 97 -20.28 50.67 46.85
C GLY A 97 -19.85 50.06 48.17
N GLY A 98 -20.29 50.67 49.26
CA GLY A 98 -19.94 50.17 50.57
C GLY A 98 -19.55 51.29 51.53
N ASP A 99 -20.39 51.53 52.53
CA ASP A 99 -20.13 52.58 53.50
C ASP A 99 -18.98 52.24 54.43
N PHE A 100 -18.96 51.01 54.93
CA PHE A 100 -17.89 50.55 55.82
C PHE A 100 -16.60 50.30 55.05
N GLY A 101 -16.36 51.12 54.03
CA GLY A 101 -15.16 50.98 53.24
C GLY A 101 -14.09 51.97 53.64
N PRO A 102 -12.98 52.05 52.90
CA PRO A 102 -12.69 51.24 51.70
C PRO A 102 -12.53 49.77 52.03
N TYR A 103 -12.55 48.93 50.99
CA TYR A 103 -12.43 47.49 51.17
C TYR A 103 -11.10 46.96 50.62
N ARG A 104 -10.02 47.63 51.00
CA ARG A 104 -8.68 47.25 50.58
C ARG A 104 -7.73 47.37 51.77
N GLN A 105 -7.05 46.28 52.09
CA GLN A 105 -6.11 46.27 53.21
C GLN A 105 -4.88 47.08 52.84
N SER A 106 -5.04 47.99 51.88
CA SER A 106 -3.95 48.85 51.42
C SER A 106 -4.41 50.30 51.41
N GLU A 107 -5.69 50.50 51.07
CA GLU A 107 -6.27 51.84 51.02
C GLU A 107 -6.76 52.27 52.39
N ARG A 108 -6.15 51.73 53.44
CA ARG A 108 -6.54 52.05 54.80
C ARG A 108 -5.34 52.28 55.70
N LEU A 109 -4.21 52.67 55.12
CA LEU A 109 -2.99 52.92 55.88
C LEU A 109 -3.10 54.17 56.73
N GLU A 110 -4.28 54.78 56.74
CA GLU A 110 -4.52 55.98 57.52
C GLU A 110 -5.14 55.59 58.87
N ILE A 111 -5.77 54.43 58.90
CA ILE A 111 -6.43 53.92 60.10
C ILE A 111 -5.50 53.07 60.95
N TYR A 112 -4.88 52.06 60.34
CA TYR A 112 -3.97 51.17 61.06
C TYR A 112 -2.83 51.95 61.70
N ARG A 113 -2.72 53.22 61.34
CA ARG A 113 -1.67 54.09 61.86
C ARG A 113 -1.95 54.53 63.29
N GLU A 114 -2.91 55.44 63.46
CA GLU A 114 -3.26 55.94 64.78
C GLU A 114 -3.51 54.84 65.80
N TYR A 115 -4.16 53.76 65.36
CA TYR A 115 -4.45 52.64 66.24
C TYR A 115 -3.16 51.95 66.69
N ALA A 116 -2.25 51.73 65.76
CA ALA A 116 -0.98 51.08 66.07
C ALA A 116 -0.18 51.93 67.05
N GLU A 117 -0.39 53.24 66.99
CA GLU A 117 0.32 54.16 67.88
C GLU A 117 -0.37 54.28 69.23
N LYS A 118 -1.65 53.93 69.28
CA LYS A 118 -2.39 53.99 70.53
C LYS A 118 -1.94 52.87 71.46
N LEU A 119 -1.53 51.75 70.87
CA LEU A 119 -1.06 50.61 71.65
C LEU A 119 0.25 50.97 72.34
N VAL A 120 0.97 51.93 71.77
CA VAL A 120 2.24 52.36 72.33
C VAL A 120 2.01 53.12 73.64
N GLU A 121 0.81 53.68 73.78
CA GLU A 121 0.44 54.43 74.96
C GLU A 121 0.43 53.52 76.20
N ASP A 122 -0.36 52.45 76.13
CA ASP A 122 -0.48 51.52 77.24
C ASP A 122 0.75 50.61 77.37
N LYS A 123 1.87 51.04 76.79
CA LYS A 123 3.10 50.27 76.86
C LYS A 123 2.91 48.89 76.21
N ARG A 124 1.92 48.79 75.33
CA ARG A 124 1.63 47.54 74.64
C ARG A 124 2.43 47.41 73.34
N ALA A 125 2.76 48.55 72.75
CA ALA A 125 3.52 48.57 71.52
C ALA A 125 4.74 49.48 71.64
N TYR A 126 5.91 48.93 71.35
CA TYR A 126 7.15 49.70 71.44
C TYR A 126 7.85 49.78 70.09
N TYR A 127 8.38 50.96 69.78
CA TYR A 127 9.08 51.18 68.53
C TYR A 127 10.42 50.45 68.53
N VAL A 128 10.57 49.49 67.62
CA VAL A 128 11.81 48.73 67.52
C VAL A 128 12.76 49.37 66.52
N VAL A 129 13.93 49.77 67.01
CA VAL A 129 14.94 50.39 66.16
C VAL A 129 15.89 49.34 65.58
N TYR A 130 16.00 49.30 64.27
CA TYR A 130 16.85 48.34 63.58
C TYR A 130 18.11 48.98 63.02
N ASP A 131 19.08 48.15 62.64
CA ASP A 131 20.34 48.63 62.09
C ASP A 131 20.26 48.77 60.57
N LYS A 132 20.78 49.89 60.06
CA LYS A 132 20.77 50.14 58.63
C LYS A 132 21.95 49.49 57.92
N GLU A 133 23.08 49.40 58.62
CA GLU A 133 24.28 48.79 58.05
C GLU A 133 24.02 47.36 57.62
N ASP A 134 23.19 46.66 58.39
CA ASP A 134 22.83 45.27 58.08
C ASP A 134 21.33 45.07 58.21
N PRO A 135 20.67 44.65 57.12
CA PRO A 135 19.22 44.42 57.13
C PRO A 135 18.85 43.16 57.90
N SER A 136 19.74 42.71 58.77
CA SER A 136 19.51 41.50 59.57
C SER A 136 20.04 41.64 60.98
N LYS A 137 19.87 42.82 61.57
CA LYS A 137 20.34 43.08 62.93
C LYS A 137 19.38 44.00 63.68
N GLU A 138 19.19 43.73 64.96
CA GLU A 138 18.30 44.53 65.79
C GLU A 138 19.11 45.33 66.81
N LEU A 139 18.64 46.53 67.13
CA LEU A 139 19.33 47.38 68.09
C LEU A 139 18.80 47.26 69.51
N PHE A 140 17.68 47.92 69.78
CA PHE A 140 17.08 47.89 71.11
C PHE A 140 15.56 48.08 71.09
N THR A 141 14.99 48.23 72.28
CA THR A 141 13.55 48.42 72.43
C THR A 141 13.27 49.78 73.07
N THR A 142 12.18 50.42 72.65
CA THR A 142 11.82 51.73 73.20
C THR A 142 10.45 52.23 72.72
N TYR A 143 9.68 52.76 73.66
CA TYR A 143 8.35 53.29 73.35
C TYR A 143 8.50 54.66 72.71
N GLU A 144 9.70 55.22 72.81
CA GLU A 144 10.00 56.53 72.25
C GLU A 144 10.00 56.48 70.73
N TYR A 145 9.57 57.57 70.10
CA TYR A 145 9.54 57.63 68.64
C TYR A 145 10.94 57.93 68.12
N PRO A 146 11.57 56.95 67.45
CA PRO A 146 12.92 57.09 66.91
C PRO A 146 13.05 58.04 65.72
N HIS A 147 12.75 59.32 65.95
CA HIS A 147 12.85 60.32 64.89
C HIS A 147 14.29 60.43 64.44
N GLU A 148 15.21 60.33 65.39
CA GLU A 148 16.64 60.42 65.11
C GLU A 148 17.20 59.13 64.52
N TYR A 149 16.32 58.24 64.08
CA TYR A 149 16.75 56.98 63.49
C TYR A 149 16.00 56.68 62.20
N LYS A 150 14.68 56.79 62.23
CA LYS A 150 13.85 56.53 61.06
C LYS A 150 14.08 57.59 59.99
N GLU A 151 14.18 58.85 60.42
CA GLU A 151 14.41 59.95 59.51
C GLU A 151 15.72 59.76 58.75
N LYS A 152 16.67 59.11 59.40
CA LYS A 152 17.97 58.85 58.79
C LYS A 152 17.88 57.72 57.77
N GLY A 153 17.39 56.57 58.22
CA GLY A 153 17.25 55.43 57.35
C GLY A 153 16.98 54.15 58.10
N HIS A 154 17.39 54.11 59.37
CA HIS A 154 17.17 52.94 60.21
C HIS A 154 15.72 52.48 60.18
N PRO A 155 15.47 51.30 59.60
CA PRO A 155 14.11 50.75 59.53
C PRO A 155 13.50 50.59 60.92
N VAL A 156 12.23 50.93 61.06
CA VAL A 156 11.56 50.82 62.35
C VAL A 156 10.14 50.25 62.20
N THR A 157 9.76 49.40 63.15
CA THR A 157 8.44 48.78 63.15
C THR A 157 7.78 48.97 64.51
N ILE A 158 6.75 48.17 64.79
CA ILE A 158 6.03 48.25 66.06
C ILE A 158 5.60 46.85 66.49
N LYS A 159 6.04 46.43 67.67
CA LYS A 159 5.68 45.11 68.18
C LYS A 159 4.65 45.18 69.30
N PHE A 160 3.98 44.06 69.54
CA PHE A 160 2.97 43.97 70.59
C PHE A 160 3.49 43.06 71.70
N LYS A 161 3.77 43.65 72.86
CA LYS A 161 4.30 42.89 73.98
C LYS A 161 3.28 41.89 74.53
N VAL A 162 3.66 40.63 74.58
CA VAL A 162 2.80 39.58 75.09
C VAL A 162 3.08 39.32 76.55
N LEU A 163 2.07 39.54 77.40
CA LEU A 163 2.20 39.33 78.83
C LEU A 163 1.74 37.91 79.16
N PRO A 164 2.17 37.37 80.31
CA PRO A 164 1.77 36.03 80.73
C PRO A 164 0.26 35.87 80.80
N GLY A 165 -0.20 34.64 81.04
CA GLY A 165 -1.62 34.39 81.13
C GLY A 165 -2.10 33.34 80.16
N LYS A 166 -3.42 33.22 80.01
CA LYS A 166 -4.01 32.25 79.11
C LYS A 166 -5.11 32.88 78.27
N THR A 167 -4.84 33.08 76.99
CA THR A 167 -5.82 33.68 76.08
C THR A 167 -6.61 32.58 75.37
N SER A 168 -7.77 32.24 75.94
CA SER A 168 -8.62 31.21 75.36
C SER A 168 -9.88 31.80 74.74
N PHE A 169 -10.58 30.98 73.97
CA PHE A 169 -11.82 31.40 73.32
C PHE A 169 -12.69 30.18 73.03
N GLU A 170 -13.97 30.43 72.73
CA GLU A 170 -14.91 29.35 72.45
C GLU A 170 -15.10 29.16 70.95
N ASP A 171 -14.27 28.33 70.34
CA ASP A 171 -14.37 28.06 68.91
C ASP A 171 -15.71 27.39 68.61
N LEU A 172 -16.37 27.82 67.55
CA LEU A 172 -17.67 27.27 67.17
C LEU A 172 -17.58 25.86 66.60
N LEU A 173 -16.36 25.36 66.41
CA LEU A 173 -16.18 24.01 65.87
C LEU A 173 -15.18 23.19 66.68
N LYS A 174 -14.14 23.86 67.19
CA LYS A 174 -13.12 23.19 67.98
C LYS A 174 -13.44 23.23 69.47
N GLY A 175 -14.20 24.24 69.88
CA GLY A 175 -14.57 24.37 71.27
C GLY A 175 -13.57 25.18 72.08
N TYR A 176 -13.52 24.94 73.38
CA TYR A 176 -12.61 25.66 74.26
C TYR A 176 -11.16 25.58 73.80
N MET A 177 -10.69 26.66 73.18
CA MET A 177 -9.32 26.73 72.69
C MET A 177 -8.49 27.59 73.65
N GLU A 178 -7.76 26.93 74.54
CA GLU A 178 -6.93 27.64 75.50
C GLU A 178 -5.47 27.66 75.05
N PHE A 179 -4.84 28.82 75.18
CA PHE A 179 -3.44 29.00 74.79
C PHE A 179 -2.63 29.66 75.90
N ASP A 180 -1.32 29.47 75.86
CA ASP A 180 -0.43 30.04 76.86
C ASP A 180 0.38 31.19 76.24
N ASN A 181 0.00 32.41 76.60
CA ASN A 181 0.67 33.61 76.08
C ASN A 181 2.18 33.56 76.29
N SER A 182 2.61 32.83 77.31
CA SER A 182 4.03 32.71 77.62
C SER A 182 4.80 32.08 76.46
N THR A 183 4.25 31.00 75.91
CA THR A 183 4.88 30.30 74.80
C THR A 183 5.00 31.21 73.58
N LEU A 184 4.25 32.31 73.60
CA LEU A 184 4.26 33.27 72.51
C LEU A 184 4.90 34.56 72.99
N GLU A 185 5.25 35.45 72.05
CA GLU A 185 5.87 36.72 72.44
C GLU A 185 5.68 37.86 71.44
N ASP A 186 6.19 39.02 71.83
CA ASP A 186 6.12 40.25 71.03
C ASP A 186 6.21 40.01 69.54
N PHE A 187 5.12 40.29 68.83
CA PHE A 187 5.08 40.14 67.39
C PHE A 187 4.82 41.48 66.73
N ILE A 188 5.59 41.80 65.69
CA ILE A 188 5.45 43.05 64.97
C ILE A 188 4.03 43.22 64.41
N ILE A 189 3.54 44.45 64.44
CA ILE A 189 2.20 44.75 63.95
C ILE A 189 2.20 45.88 62.93
N MET A 190 3.40 46.35 62.58
CA MET A 190 3.56 47.44 61.61
C MET A 190 4.87 47.33 60.84
N LYS A 191 4.79 46.92 59.57
CA LYS A 191 5.98 46.78 58.74
C LYS A 191 6.72 48.11 58.71
N SER A 192 8.04 48.05 58.48
CA SER A 192 8.85 49.26 58.43
C SER A 192 8.27 50.31 57.50
N ASN A 193 7.76 49.87 56.35
CA ASN A 193 7.18 50.79 55.38
C ASN A 193 5.79 51.25 55.78
N GLY A 194 5.56 51.39 57.08
CA GLY A 194 4.26 51.82 57.58
C GLY A 194 3.11 51.04 56.99
N PHE A 195 3.13 49.73 57.17
CA PHE A 195 2.09 48.86 56.65
C PHE A 195 1.80 47.77 57.67
N PRO A 196 0.53 47.63 58.08
CA PRO A 196 0.18 46.59 59.06
C PRO A 196 0.46 45.18 58.55
N THR A 197 0.88 44.31 59.45
CA THR A 197 1.20 42.93 59.09
C THR A 197 -0.06 42.14 58.72
N TYR A 198 -0.72 41.58 59.73
CA TYR A 198 -1.94 40.81 59.50
C TYR A 198 -2.78 40.70 60.76
N ASN A 199 -2.22 40.08 61.80
CA ASN A 199 -2.93 39.91 63.06
C ASN A 199 -3.50 41.23 63.55
N PHE A 200 -2.79 42.32 63.26
CA PHE A 200 -3.23 43.65 63.66
C PHE A 200 -4.24 44.19 62.65
N ALA A 201 -3.98 43.94 61.36
CA ALA A 201 -4.85 44.40 60.30
C ALA A 201 -6.23 43.76 60.42
N VAL A 202 -6.25 42.48 60.80
CA VAL A 202 -7.50 41.75 60.96
C VAL A 202 -8.33 42.35 62.09
N VAL A 203 -7.80 42.30 63.30
CA VAL A 203 -8.47 42.84 64.47
C VAL A 203 -9.10 44.21 64.23
N VAL A 204 -8.35 45.09 63.58
CA VAL A 204 -8.82 46.44 63.28
C VAL A 204 -10.05 46.45 62.36
N ASP A 205 -9.97 45.71 61.26
CA ASP A 205 -11.07 45.66 60.31
C ASP A 205 -12.19 44.72 60.73
N ASP A 206 -11.92 43.85 61.69
CA ASP A 206 -12.93 42.91 62.17
C ASP A 206 -13.81 43.56 63.22
N HIS A 207 -13.48 44.80 63.58
CA HIS A 207 -14.26 45.53 64.57
C HIS A 207 -14.87 46.79 63.95
N LEU A 208 -14.04 47.56 63.26
CA LEU A 208 -14.50 48.78 62.61
C LEU A 208 -15.59 48.48 61.59
N MET A 209 -15.49 47.31 60.97
CA MET A 209 -16.48 46.89 59.98
C MET A 209 -17.63 46.15 60.64
N ARG A 210 -17.60 46.12 61.98
CA ARG A 210 -18.64 45.46 62.76
C ARG A 210 -19.00 44.08 62.23
N ILE A 211 -18.12 43.12 62.46
CA ILE A 211 -18.34 41.75 62.02
C ILE A 211 -18.81 40.91 63.19
N SER A 212 -19.98 40.29 63.04
CA SER A 212 -20.55 39.47 64.11
C SER A 212 -19.84 38.12 64.24
N HIS A 213 -19.67 37.43 63.12
CA HIS A 213 -19.00 36.13 63.14
C HIS A 213 -17.84 36.03 62.15
N VAL A 214 -16.75 35.43 62.59
CA VAL A 214 -15.57 35.25 61.76
C VAL A 214 -15.35 33.77 61.46
N PHE A 215 -15.68 33.36 60.24
CA PHE A 215 -15.53 31.97 59.84
C PHE A 215 -14.46 31.86 58.76
N ARG A 216 -13.23 31.55 59.18
CA ARG A 216 -12.12 31.43 58.26
C ARG A 216 -11.64 29.98 58.14
N GLY A 217 -10.47 29.80 57.54
CA GLY A 217 -9.91 28.46 57.37
C GLY A 217 -9.65 27.77 58.69
N GLU A 218 -8.43 27.26 58.84
CA GLU A 218 -8.06 26.56 60.08
C GLU A 218 -6.61 26.84 60.44
N ASP A 219 -5.86 27.38 59.48
CA ASP A 219 -4.46 27.70 59.70
C ASP A 219 -4.35 28.98 60.54
N HIS A 220 -5.50 29.61 60.77
CA HIS A 220 -5.56 30.83 61.54
C HIS A 220 -5.94 30.54 62.99
N LEU A 221 -6.32 29.30 63.26
CA LEU A 221 -6.71 28.90 64.61
C LEU A 221 -5.59 29.17 65.59
N SER A 222 -4.37 29.29 65.07
CA SER A 222 -3.20 29.57 65.89
C SER A 222 -3.00 31.07 66.06
N ASN A 223 -3.54 31.82 65.11
CA ASN A 223 -3.43 33.28 65.13
C ASN A 223 -4.51 33.94 65.97
N THR A 224 -5.64 33.27 66.11
CA THR A 224 -6.76 33.80 66.89
C THR A 224 -6.30 34.32 68.25
N PRO A 225 -5.45 33.54 68.96
CA PRO A 225 -4.98 33.99 70.27
C PRO A 225 -4.28 35.35 70.15
N LYS A 226 -3.34 35.44 69.22
CA LYS A 226 -2.60 36.66 68.97
C LYS A 226 -3.56 37.82 68.76
N GLN A 227 -4.70 37.52 68.16
CA GLN A 227 -5.72 38.53 67.88
C GLN A 227 -6.50 38.92 69.13
N LEU A 228 -6.96 37.92 69.87
CA LEU A 228 -7.73 38.16 71.09
C LEU A 228 -7.04 39.15 72.01
N MET A 229 -5.74 38.97 72.19
CA MET A 229 -4.95 39.87 73.04
C MET A 229 -5.01 41.30 72.54
N ILE A 230 -5.34 41.47 71.27
CA ILE A 230 -5.41 42.79 70.66
C ILE A 230 -6.78 43.41 70.92
N TYR A 231 -7.81 42.57 70.96
CA TYR A 231 -9.18 43.04 71.19
C TYR A 231 -9.31 43.63 72.59
N GLU A 232 -9.04 42.83 73.61
CA GLU A 232 -9.13 43.30 74.98
C GLU A 232 -8.11 44.41 75.24
N ALA A 233 -7.09 44.47 74.41
CA ALA A 233 -6.05 45.50 74.53
C ALA A 233 -6.69 46.86 74.32
N PHE A 234 -7.50 46.97 73.28
CA PHE A 234 -8.19 48.22 72.96
C PHE A 234 -9.46 48.34 73.78
N GLY A 235 -9.79 47.27 74.51
CA GLY A 235 -10.98 47.28 75.33
C GLY A 235 -12.23 46.93 74.53
N TRP A 236 -12.04 46.25 73.41
CA TRP A 236 -13.16 45.85 72.55
C TRP A 236 -13.71 44.50 72.97
N GLU A 237 -14.48 43.88 72.07
CA GLU A 237 -15.06 42.58 72.32
C GLU A 237 -14.97 41.73 71.05
N ALA A 238 -14.09 40.74 71.07
CA ALA A 238 -13.89 39.86 69.93
C ALA A 238 -15.17 39.14 69.54
N PRO A 239 -15.37 38.89 68.23
CA PRO A 239 -16.56 38.20 67.73
C PRO A 239 -16.48 36.68 67.93
N VAL A 240 -17.28 35.95 67.19
CA VAL A 240 -17.28 34.48 67.29
C VAL A 240 -16.32 33.89 66.26
N PHE A 241 -15.39 33.08 66.75
CA PHE A 241 -14.40 32.44 65.88
C PHE A 241 -14.65 30.95 65.70
N MET A 242 -14.47 30.48 64.47
CA MET A 242 -14.65 29.07 64.15
C MET A 242 -13.74 28.72 62.98
N HIS A 243 -13.03 27.60 63.10
CA HIS A 243 -12.10 27.17 62.05
C HIS A 243 -12.42 25.77 61.55
N ILE A 244 -13.05 25.70 60.38
CA ILE A 244 -13.42 24.44 59.76
C ILE A 244 -12.23 23.78 59.08
N PRO A 245 -12.36 22.49 58.73
CA PRO A 245 -11.29 21.74 58.06
C PRO A 245 -10.73 22.46 56.85
N LEU A 246 -9.65 21.92 56.28
CA LEU A 246 -9.02 22.52 55.12
C LEU A 246 -8.92 21.54 53.95
N ILE A 247 -9.37 21.97 52.78
CA ILE A 247 -9.30 21.14 51.59
C ILE A 247 -7.81 21.00 51.26
N LEU A 248 -7.36 19.77 51.04
CA LEU A 248 -5.95 19.53 50.74
C LEU A 248 -5.75 18.86 49.38
N GLY A 249 -4.51 18.44 49.13
CA GLY A 249 -4.19 17.79 47.88
C GLY A 249 -3.81 16.34 48.08
N SER A 250 -2.96 15.81 47.21
CA SER A 250 -2.52 14.43 47.30
C SER A 250 -1.61 14.20 48.51
N ASP A 251 -0.52 14.95 48.57
CA ASP A 251 0.43 14.83 49.68
C ASP A 251 -0.22 15.30 50.98
N ARG A 252 -1.49 15.67 50.88
CA ARG A 252 -2.27 16.13 52.03
C ARG A 252 -1.81 17.48 52.56
N THR A 253 -1.29 18.32 51.67
CA THR A 253 -0.81 19.64 52.05
C THR A 253 -1.86 20.71 51.70
N PRO A 254 -1.87 21.83 52.45
CA PRO A 254 -2.81 22.92 52.23
C PRO A 254 -2.94 23.29 50.75
N LEU A 255 -4.13 23.06 50.20
CA LEU A 255 -4.41 23.32 48.80
C LEU A 255 -4.02 24.74 48.37
N SER A 256 -3.43 24.83 47.18
CA SER A 256 -2.99 26.12 46.62
C SER A 256 -3.10 26.08 45.10
N LYS A 257 -2.11 25.45 44.46
CA LYS A 257 -2.08 25.33 43.01
C LYS A 257 -1.10 24.22 42.63
N ARG A 258 -0.15 23.98 43.52
CA ARG A 258 0.88 22.95 43.33
C ARG A 258 0.23 21.57 43.34
N HIS A 259 -1.04 21.53 43.71
CA HIS A 259 -1.78 20.27 43.77
C HIS A 259 -2.55 19.99 42.49
N GLY A 260 -1.91 20.24 41.35
CA GLY A 260 -2.55 20.00 40.07
C GLY A 260 -3.19 21.25 39.49
N ALA A 261 -4.51 21.36 39.67
CA ALA A 261 -5.25 22.51 39.17
C ALA A 261 -6.62 22.57 39.84
N THR A 262 -6.64 23.06 41.08
CA THR A 262 -7.88 23.17 41.84
C THR A 262 -8.47 24.57 41.78
N SER A 263 -7.96 25.39 40.86
CA SER A 263 -8.45 26.75 40.71
C SER A 263 -9.82 26.75 40.05
N VAL A 264 -10.75 27.49 40.63
CA VAL A 264 -12.11 27.59 40.09
C VAL A 264 -12.06 28.00 38.62
N GLU A 265 -11.05 28.79 38.28
CA GLU A 265 -10.88 29.26 36.91
C GLU A 265 -10.66 28.06 35.99
N HIS A 266 -9.90 27.10 36.48
CA HIS A 266 -9.60 25.88 35.74
C HIS A 266 -10.86 25.09 35.41
N PHE A 267 -11.62 24.74 36.44
CA PHE A 267 -12.85 23.98 36.26
C PHE A 267 -13.79 24.62 35.25
N ARG A 268 -13.96 25.93 35.34
CA ARG A 268 -14.83 26.66 34.43
C ARG A 268 -14.35 26.45 32.99
N ARG A 269 -13.04 26.25 32.84
CA ARG A 269 -12.43 26.02 31.53
C ARG A 269 -12.70 24.61 31.03
N GLU A 270 -12.47 23.63 31.89
CA GLU A 270 -12.67 22.23 31.55
C GLU A 270 -14.11 21.89 31.23
N GLY A 271 -15.02 22.81 31.54
CA GLY A 271 -16.42 22.59 31.25
C GLY A 271 -17.22 22.01 32.40
N ILE A 272 -16.92 22.44 33.61
CA ILE A 272 -17.63 21.96 34.79
C ILE A 272 -18.69 22.99 35.19
N LEU A 273 -19.94 22.54 35.32
CA LEU A 273 -21.02 23.42 35.70
C LEU A 273 -20.75 24.07 37.05
N SER A 274 -21.49 25.14 37.34
CA SER A 274 -21.33 25.85 38.61
C SER A 274 -22.11 25.16 39.71
N ARG A 275 -23.40 24.92 39.47
CA ARG A 275 -24.27 24.28 40.44
C ARG A 275 -23.72 22.90 40.84
N ALA A 276 -23.03 22.27 39.89
CA ALA A 276 -22.45 20.94 40.11
C ALA A 276 -21.25 21.01 41.03
N LEU A 277 -20.45 22.08 40.89
CA LEU A 277 -19.26 22.26 41.72
C LEU A 277 -19.67 22.65 43.14
N MET A 278 -20.62 23.58 43.24
CA MET A 278 -21.11 24.04 44.53
C MET A 278 -21.67 22.87 45.31
N ASN A 279 -22.41 22.00 44.63
CA ASN A 279 -23.00 20.83 45.27
C ASN A 279 -21.91 19.93 45.83
N TYR A 280 -20.68 20.11 45.34
CA TYR A 280 -19.56 19.30 45.79
C TYR A 280 -18.90 19.86 47.04
N LEU A 281 -18.57 21.14 47.01
CA LEU A 281 -17.94 21.79 48.15
C LEU A 281 -18.79 21.59 49.41
N ALA A 282 -20.10 21.53 49.21
CA ALA A 282 -21.03 21.33 50.31
C ALA A 282 -21.32 19.84 50.46
N LEU A 283 -20.41 19.01 49.97
CA LEU A 283 -20.56 17.57 50.04
C LEU A 283 -19.27 16.89 50.49
N LEU A 284 -18.14 17.48 50.09
CA LEU A 284 -16.83 16.94 50.47
C LEU A 284 -16.68 17.03 51.98
N GLY A 285 -16.72 18.24 52.50
CA GLY A 285 -16.60 18.45 53.94
C GLY A 285 -17.95 18.48 54.62
N TRP A 286 -18.81 19.39 54.16
CA TRP A 286 -20.16 19.52 54.71
C TRP A 286 -20.98 18.34 54.20
N ARG A 287 -21.66 17.65 55.12
CA ARG A 287 -22.46 16.49 54.77
C ARG A 287 -23.81 16.83 54.14
N VAL A 288 -24.58 15.78 53.87
CA VAL A 288 -25.89 15.94 53.25
C VAL A 288 -26.96 15.21 54.09
N GLU A 289 -28.13 15.82 54.20
CA GLU A 289 -29.23 15.25 54.97
C GLU A 289 -30.11 14.37 54.09
N GLY A 290 -29.48 13.58 53.22
CA GLY A 290 -30.23 12.70 52.34
C GLY A 290 -29.48 12.40 51.05
N ASP A 291 -30.02 12.84 49.93
CA ASP A 291 -29.40 12.61 48.64
C ASP A 291 -28.21 13.56 48.48
N GLU A 292 -27.02 12.98 48.41
CA GLU A 292 -25.79 13.76 48.27
C GLU A 292 -25.75 14.67 47.05
N ILE A 293 -26.68 14.47 46.13
CA ILE A 293 -26.76 15.27 44.91
C ILE A 293 -27.83 16.35 45.08
N PHE A 294 -27.43 17.62 45.01
CA PHE A 294 -28.36 18.72 45.18
C PHE A 294 -27.80 20.06 44.72
N THR A 295 -28.44 21.14 45.17
CA THR A 295 -28.01 22.49 44.82
C THR A 295 -27.91 23.32 46.10
N ILE A 296 -27.30 24.49 45.99
CA ILE A 296 -27.12 25.38 47.14
C ILE A 296 -28.44 25.98 47.62
N GLU A 297 -29.39 26.12 46.71
CA GLU A 297 -30.70 26.69 47.05
C GLU A 297 -31.45 25.84 48.07
N GLU A 298 -31.78 24.61 47.67
CA GLU A 298 -32.51 23.70 48.54
C GLU A 298 -31.68 23.17 49.71
N LYS A 299 -30.70 23.96 50.14
CA LYS A 299 -29.85 23.57 51.26
C LYS A 299 -29.59 24.74 52.19
N LEU A 300 -30.48 25.73 52.16
CA LEU A 300 -30.34 26.90 53.01
C LEU A 300 -30.91 26.59 54.39
N GLN A 301 -32.24 26.50 54.48
CA GLN A 301 -32.91 26.19 55.75
C GLN A 301 -32.31 24.96 56.40
N SER A 302 -31.77 24.06 55.58
CA SER A 302 -31.16 22.83 56.08
C SER A 302 -29.64 22.97 56.16
N PHE A 303 -29.18 24.15 56.59
CA PHE A 303 -27.76 24.42 56.71
C PHE A 303 -27.25 24.02 58.09
N ASP A 304 -26.18 23.24 58.12
CA ASP A 304 -25.59 22.78 59.37
C ASP A 304 -24.26 23.47 59.66
N PRO A 305 -24.30 24.66 60.28
CA PRO A 305 -23.10 25.43 60.61
C PRO A 305 -22.03 24.63 61.34
N LYS A 306 -22.45 23.79 62.29
CA LYS A 306 -21.51 22.97 63.05
C LYS A 306 -21.39 21.55 62.48
N ASP A 307 -22.50 21.02 61.99
CA ASP A 307 -22.51 19.67 61.42
C ASP A 307 -21.85 19.65 60.04
N ILE A 308 -20.56 19.97 60.00
CA ILE A 308 -19.81 19.98 58.76
C ILE A 308 -18.75 18.88 58.82
N SER A 309 -17.48 19.28 58.80
CA SER A 309 -16.38 18.34 58.88
C SER A 309 -15.47 18.77 60.02
N ASN A 310 -14.58 17.88 60.45
CA ASN A 310 -13.68 18.17 61.55
C ASN A 310 -12.21 17.91 61.19
N LYS A 311 -11.99 17.21 60.08
CA LYS A 311 -10.63 16.89 59.65
C LYS A 311 -10.37 17.31 58.21
N GLY A 312 -9.10 17.38 57.84
CA GLY A 312 -8.72 17.76 56.49
C GLY A 312 -9.36 16.88 55.44
N VAL A 313 -9.77 17.48 54.33
CA VAL A 313 -10.40 16.73 53.25
C VAL A 313 -9.65 16.87 51.93
N ILE A 314 -9.19 15.73 51.41
CA ILE A 314 -8.47 15.70 50.15
C ILE A 314 -9.42 15.98 49.00
N PHE A 315 -8.99 16.81 48.06
CA PHE A 315 -9.81 17.13 46.90
C PHE A 315 -9.89 15.92 45.98
N ASP A 316 -10.97 15.84 45.20
CA ASP A 316 -11.15 14.72 44.29
C ASP A 316 -11.83 15.10 42.98
N TYR A 317 -11.06 15.08 41.89
CA TYR A 317 -11.59 15.41 40.56
C TYR A 317 -12.63 14.38 40.14
N GLN A 318 -12.31 13.11 40.37
CA GLN A 318 -13.19 12.01 40.01
C GLN A 318 -14.60 12.16 40.59
N LYS A 319 -14.69 12.44 41.88
CA LYS A 319 -15.98 12.61 42.54
C LYS A 319 -16.65 13.88 42.03
N LEU A 320 -15.85 14.90 41.74
CA LEU A 320 -16.36 16.16 41.25
C LEU A 320 -16.92 16.01 39.84
N GLU A 321 -16.15 15.39 38.95
CA GLU A 321 -16.59 15.18 37.58
C GLU A 321 -17.81 14.29 37.55
N TRP A 322 -17.84 13.29 38.45
CA TRP A 322 -18.96 12.38 38.54
C TRP A 322 -20.22 13.16 38.91
N VAL A 323 -20.10 14.01 39.91
CA VAL A 323 -21.22 14.83 40.37
C VAL A 323 -21.65 15.80 39.28
N ASN A 324 -20.68 16.36 38.58
CA ASN A 324 -20.95 17.32 37.52
C ASN A 324 -21.70 16.64 36.38
N GLY A 325 -21.21 15.48 35.96
CA GLY A 325 -21.86 14.75 34.89
C GLY A 325 -23.32 14.50 35.17
N LYS A 326 -23.64 14.22 36.43
CA LYS A 326 -25.02 13.95 36.81
C LYS A 326 -25.91 15.17 36.71
N HIS A 327 -25.42 16.32 37.16
CA HIS A 327 -26.20 17.56 37.08
C HIS A 327 -26.55 17.83 35.61
N MET A 328 -25.71 17.35 34.72
CA MET A 328 -25.94 17.54 33.29
C MET A 328 -27.09 16.68 32.80
N ARG A 329 -27.68 15.90 33.70
CA ARG A 329 -28.79 15.02 33.33
C ARG A 329 -30.07 15.29 34.11
N ARG A 330 -29.93 15.87 35.31
CA ARG A 330 -31.09 16.18 36.13
C ARG A 330 -31.74 17.49 35.69
N ILE A 331 -30.91 18.53 35.52
CA ILE A 331 -31.40 19.84 35.11
C ILE A 331 -32.15 19.76 33.79
N ASP A 332 -33.02 20.74 33.55
CA ASP A 332 -33.81 20.79 32.32
C ASP A 332 -32.92 20.89 31.09
N LEU A 333 -33.42 20.40 29.97
CA LEU A 333 -32.68 20.42 28.71
C LEU A 333 -32.28 21.84 28.35
N GLU A 334 -33.22 22.78 28.49
CA GLU A 334 -32.97 24.18 28.17
C GLU A 334 -31.88 24.77 29.07
N ASP A 335 -31.98 24.50 30.36
CA ASP A 335 -31.01 25.01 31.33
C ASP A 335 -29.58 24.68 30.89
N LEU A 336 -29.37 23.42 30.48
CA LEU A 336 -28.07 22.96 30.04
C LEU A 336 -27.49 23.74 28.86
N LYS A 337 -28.18 23.70 27.72
CA LYS A 337 -27.73 24.39 26.52
C LYS A 337 -27.25 25.81 26.82
N ARG A 338 -27.99 26.53 27.64
CA ARG A 338 -27.62 27.89 27.97
C ARG A 338 -26.20 27.94 28.50
N GLU A 339 -25.92 27.14 29.54
CA GLU A 339 -24.59 27.08 30.14
C GLU A 339 -23.55 26.66 29.12
N PHE A 340 -23.89 25.69 28.29
CA PHE A 340 -22.98 25.20 27.25
C PHE A 340 -22.60 26.35 26.32
N ILE A 341 -23.57 27.18 25.99
CA ILE A 341 -23.34 28.32 25.12
C ILE A 341 -22.35 29.28 25.74
N GLU A 342 -22.56 29.60 27.02
CA GLU A 342 -21.68 30.51 27.75
C GLU A 342 -20.26 29.94 27.89
N TRP A 343 -20.17 28.62 27.99
CA TRP A 343 -18.87 27.97 28.12
C TRP A 343 -18.00 28.27 26.90
N ALA A 344 -18.57 28.07 25.72
CA ALA A 344 -17.85 28.33 24.47
C ALA A 344 -17.24 29.72 24.46
N LYS A 345 -18.01 30.71 24.88
CA LYS A 345 -17.54 32.09 24.93
C LYS A 345 -16.35 32.20 25.87
N TYR A 346 -16.36 31.39 26.92
CA TYR A 346 -15.27 31.41 27.89
C TYR A 346 -14.02 30.78 27.29
N ALA A 347 -14.19 29.60 26.69
CA ALA A 347 -13.08 28.88 26.07
C ALA A 347 -12.77 29.48 24.70
N GLY A 348 -11.89 28.82 23.96
CA GLY A 348 -11.53 29.30 22.64
C GLY A 348 -12.55 28.96 21.57
N LYS A 349 -12.30 27.89 20.83
CA LYS A 349 -13.20 27.44 19.77
C LYS A 349 -14.67 27.63 20.13
N GLU A 350 -15.45 28.09 19.15
CA GLU A 350 -16.87 28.35 19.38
C GLU A 350 -17.83 27.38 18.67
N ILE A 351 -19.11 27.52 18.99
CA ILE A 351 -20.17 26.68 18.44
C ILE A 351 -20.62 27.12 17.04
N PRO A 352 -20.87 26.16 16.15
CA PRO A 352 -21.32 26.42 14.77
C PRO A 352 -22.68 27.10 14.72
N SER A 353 -23.32 27.03 13.55
CA SER A 353 -24.64 27.62 13.35
C SER A 353 -25.62 26.57 12.85
N VAL A 354 -26.47 26.08 13.74
CA VAL A 354 -27.43 25.04 13.38
C VAL A 354 -28.83 25.33 13.93
N ASP A 355 -29.80 24.51 13.55
CA ASP A 355 -31.19 24.65 14.01
C ASP A 355 -31.28 24.33 15.50
N GLU A 356 -31.94 25.21 16.24
CA GLU A 356 -32.09 25.02 17.69
C GLU A 356 -32.79 23.72 18.06
N ARG A 357 -33.77 23.30 17.26
CA ARG A 357 -34.50 22.07 17.55
C ARG A 357 -33.65 20.84 17.26
N TYR A 358 -32.83 20.92 16.21
CA TYR A 358 -31.94 19.82 15.85
C TYR A 358 -30.85 19.72 16.90
N PHE A 359 -30.30 20.87 17.26
CA PHE A 359 -29.24 20.95 18.26
C PHE A 359 -29.74 20.41 19.59
N SER A 360 -31.01 20.66 19.89
CA SER A 360 -31.61 20.21 21.14
C SER A 360 -31.59 18.68 21.22
N GLU A 361 -31.83 18.04 20.09
CA GLU A 361 -31.85 16.58 20.03
C GLU A 361 -30.45 16.00 20.25
N THR A 362 -29.50 16.44 19.43
CA THR A 362 -28.12 15.95 19.55
C THR A 362 -27.58 16.24 20.95
N LEU A 363 -28.03 17.35 21.53
CA LEU A 363 -27.60 17.76 22.86
C LEU A 363 -28.35 16.95 23.92
N ARG A 364 -29.41 16.28 23.50
CA ARG A 364 -30.23 15.47 24.39
C ARG A 364 -29.82 14.00 24.33
N ILE A 365 -28.94 13.69 23.38
CA ILE A 365 -28.46 12.32 23.20
C ILE A 365 -27.02 12.15 23.70
N CYS A 366 -26.24 13.22 23.61
CA CYS A 366 -24.84 13.18 24.02
C CYS A 366 -24.62 13.57 25.48
N ARG A 367 -25.65 14.15 26.09
CA ARG A 367 -25.56 14.58 27.49
C ARG A 367 -25.49 13.42 28.47
N GLU A 368 -25.95 12.24 28.05
CA GLU A 368 -25.94 11.06 28.91
C GLU A 368 -24.70 10.19 28.69
N LYS A 369 -23.63 10.80 28.18
CA LYS A 369 -22.40 10.06 27.94
C LYS A 369 -21.21 10.78 28.53
N VAL A 370 -21.19 12.10 28.36
CA VAL A 370 -20.10 12.93 28.86
C VAL A 370 -20.38 13.50 30.24
N ASN A 371 -19.32 13.77 31.00
CA ASN A 371 -19.45 14.33 32.34
C ASN A 371 -18.89 15.75 32.43
N THR A 372 -18.61 16.34 31.27
CA THR A 372 -18.08 17.71 31.22
C THR A 372 -18.53 18.41 29.94
N LEU A 373 -18.56 19.73 29.98
CA LEU A 373 -18.96 20.52 28.82
C LEU A 373 -17.96 20.35 27.68
N SER A 374 -16.69 20.19 28.03
CA SER A 374 -15.63 20.00 27.06
C SER A 374 -15.88 18.70 26.30
N GLN A 375 -16.12 17.63 27.04
CA GLN A 375 -16.39 16.32 26.46
C GLN A 375 -17.70 16.34 25.68
N LEU A 376 -18.63 17.19 26.11
CA LEU A 376 -19.93 17.29 25.46
C LEU A 376 -19.80 17.95 24.08
N TYR A 377 -18.88 18.89 23.96
CA TYR A 377 -18.66 19.58 22.69
C TYR A 377 -17.85 18.71 21.74
N ASP A 378 -16.82 18.07 22.27
CA ASP A 378 -15.96 17.21 21.47
C ASP A 378 -16.65 15.92 21.05
N ILE A 379 -17.94 15.79 21.36
CA ILE A 379 -18.69 14.60 21.00
C ILE A 379 -19.87 14.94 20.08
N MET A 380 -20.34 16.17 20.14
CA MET A 380 -21.46 16.59 19.30
C MET A 380 -20.95 17.25 18.02
N TYR A 381 -19.65 17.47 17.95
CA TYR A 381 -19.02 18.08 16.79
C TYR A 381 -19.47 17.41 15.49
N PRO A 382 -19.44 16.06 15.44
CA PRO A 382 -19.86 15.36 14.23
C PRO A 382 -21.31 15.63 13.85
N PHE A 383 -22.16 15.84 14.85
CA PHE A 383 -23.57 16.12 14.61
C PHE A 383 -23.72 17.51 14.01
N MET A 384 -22.77 18.39 14.32
CA MET A 384 -22.78 19.75 13.82
C MET A 384 -21.97 19.82 12.52
N ASN A 385 -20.65 19.90 12.66
CA ASN A 385 -19.76 19.97 11.50
C ASN A 385 -19.64 18.61 10.84
N ASP A 386 -19.33 18.61 9.54
CA ASP A 386 -19.18 17.37 8.78
C ASP A 386 -17.75 17.09 8.35
N ASP A 387 -16.83 17.99 8.69
CA ASP A 387 -15.43 17.80 8.33
C ASP A 387 -14.68 17.05 9.42
N TYR A 388 -15.42 16.29 10.22
CA TYR A 388 -14.85 15.52 11.31
C TYR A 388 -13.94 14.42 10.78
N GLU A 389 -12.89 14.10 11.53
CA GLU A 389 -11.94 13.07 11.13
C GLU A 389 -12.36 11.70 11.65
N TYR A 390 -11.55 10.69 11.35
CA TYR A 390 -11.81 9.32 11.78
C TYR A 390 -10.67 8.81 12.65
N GLU A 391 -10.98 8.55 13.92
CA GLU A 391 -9.99 8.05 14.87
C GLU A 391 -9.32 6.78 14.37
N LYS A 392 -8.03 6.65 14.67
CA LYS A 392 -7.26 5.48 14.26
C LYS A 392 -7.93 4.17 14.59
N ASP A 393 -8.42 4.04 15.83
CA ASP A 393 -9.10 2.83 16.28
C ASP A 393 -10.09 2.33 15.24
N TYR A 394 -11.04 3.19 14.86
CA TYR A 394 -12.06 2.84 13.88
C TYR A 394 -11.45 2.28 12.60
N VAL A 395 -10.55 3.05 12.00
CA VAL A 395 -9.89 2.64 10.75
C VAL A 395 -9.02 1.40 10.91
N GLU A 396 -8.06 1.47 11.82
CA GLU A 396 -7.14 0.37 12.06
C GLU A 396 -7.81 -0.93 12.50
N LYS A 397 -8.96 -0.83 13.16
CA LYS A 397 -9.66 -2.00 13.66
C LYS A 397 -10.78 -2.55 12.78
N PHE A 398 -11.72 -1.69 12.39
CA PHE A 398 -12.85 -2.14 11.58
C PHE A 398 -12.81 -1.70 10.11
N LEU A 399 -12.71 -0.39 9.88
CA LEU A 399 -12.70 0.15 8.52
C LEU A 399 -11.71 -0.51 7.57
N LYS A 400 -10.46 -0.65 8.01
CA LYS A 400 -9.42 -1.26 7.17
C LYS A 400 -9.67 -2.73 6.87
N ARG A 401 -10.52 -3.37 7.66
CA ARG A 401 -10.83 -4.78 7.45
C ARG A 401 -11.41 -4.96 6.05
N GLU A 402 -10.74 -5.78 5.24
CA GLU A 402 -11.15 -6.04 3.87
C GLU A 402 -12.65 -6.26 3.69
N GLU A 403 -13.30 -6.82 4.71
CA GLU A 403 -14.73 -7.09 4.65
C GLU A 403 -15.57 -6.03 5.36
N ALA A 404 -15.23 -4.77 5.15
CA ALA A 404 -15.94 -3.67 5.79
C ALA A 404 -16.69 -2.79 4.79
N GLU A 405 -16.32 -2.88 3.52
CA GLU A 405 -16.96 -2.08 2.49
C GLU A 405 -18.31 -2.64 2.07
N ARG A 406 -18.39 -3.95 1.89
CA ARG A 406 -19.63 -4.60 1.49
C ARG A 406 -20.74 -4.30 2.49
N VAL A 407 -20.37 -4.15 3.75
CA VAL A 407 -21.34 -3.87 4.81
C VAL A 407 -21.82 -2.42 4.69
N LEU A 408 -20.92 -1.54 4.27
CA LEU A 408 -21.25 -0.13 4.11
C LEU A 408 -22.00 0.09 2.81
N GLU A 409 -22.25 -1.00 2.09
CA GLU A 409 -22.97 -0.94 0.82
C GLU A 409 -24.46 -1.02 1.07
N GLU A 410 -24.89 -2.08 1.75
CA GLU A 410 -26.30 -2.27 2.07
C GLU A 410 -26.72 -1.22 3.08
N ALA A 411 -25.75 -0.73 3.85
CA ALA A 411 -26.01 0.29 4.85
C ALA A 411 -26.70 1.49 4.20
N LYS A 412 -26.33 1.78 2.97
CA LYS A 412 -26.92 2.89 2.24
C LYS A 412 -28.11 2.41 1.43
N LYS A 413 -28.14 1.13 1.12
CA LYS A 413 -29.23 0.55 0.34
C LYS A 413 -30.49 0.46 1.21
N ALA A 414 -30.44 -0.37 2.25
CA ALA A 414 -31.58 -0.54 3.14
C ALA A 414 -32.12 0.82 3.57
N PHE A 415 -31.23 1.65 4.12
CA PHE A 415 -31.62 2.99 4.58
C PHE A 415 -32.25 3.79 3.45
N LYS A 416 -31.72 3.62 2.24
CA LYS A 416 -32.24 4.32 1.08
C LYS A 416 -33.74 4.04 0.95
N ASP A 417 -34.10 2.77 1.11
CA ASP A 417 -35.49 2.34 1.00
C ASP A 417 -36.34 2.80 2.18
N LEU A 418 -35.76 2.78 3.38
CA LEU A 418 -36.48 3.20 4.58
C LEU A 418 -37.28 4.48 4.36
N ASN A 419 -38.60 4.35 4.39
CA ASN A 419 -39.48 5.49 4.21
C ASN A 419 -39.68 6.17 5.55
N SER A 420 -39.55 5.39 6.62
CA SER A 420 -39.69 5.89 7.98
C SER A 420 -38.29 5.88 8.59
N TRP A 421 -37.86 7.00 9.15
CA TRP A 421 -36.53 7.10 9.73
C TRP A 421 -36.56 7.37 11.24
N ASN A 422 -36.77 6.32 12.01
CA ASN A 422 -36.82 6.42 13.47
C ASN A 422 -35.98 5.32 14.10
N MET A 423 -35.91 5.31 15.43
CA MET A 423 -35.13 4.30 16.14
C MET A 423 -35.52 2.89 15.74
N GLU A 424 -36.73 2.48 16.10
CA GLU A 424 -37.24 1.14 15.79
C GLU A 424 -36.88 0.70 14.38
N GLU A 425 -37.09 1.58 13.41
CA GLU A 425 -36.80 1.27 12.01
C GLU A 425 -35.30 1.10 11.79
N ILE A 426 -34.53 2.11 12.18
CA ILE A 426 -33.08 2.06 12.03
C ILE A 426 -32.55 0.87 12.80
N GLU A 427 -33.21 0.56 13.92
CA GLU A 427 -32.83 -0.57 14.77
C GLU A 427 -33.01 -1.87 13.99
N LYS A 428 -34.07 -1.93 13.20
CA LYS A 428 -34.38 -3.12 12.40
C LYS A 428 -33.26 -3.43 11.41
N THR A 429 -32.90 -2.45 10.59
CA THR A 429 -31.85 -2.63 9.60
C THR A 429 -30.55 -3.15 10.21
N LEU A 430 -29.99 -2.40 11.16
CA LEU A 430 -28.74 -2.77 11.81
C LEU A 430 -28.68 -4.25 12.18
N ARG A 431 -29.57 -4.68 13.06
CA ARG A 431 -29.59 -6.08 13.48
C ARG A 431 -29.81 -7.03 12.31
N ASP A 432 -30.53 -6.56 11.30
CA ASP A 432 -30.78 -7.37 10.12
C ASP A 432 -29.58 -7.36 9.18
N LEU A 433 -28.42 -7.01 9.73
CA LEU A 433 -27.19 -6.96 8.95
C LEU A 433 -26.11 -7.82 9.61
N SER A 434 -25.90 -7.60 10.90
CA SER A 434 -24.90 -8.36 11.64
C SER A 434 -25.20 -9.85 11.51
N GLU A 435 -26.43 -10.17 11.15
CA GLU A 435 -26.86 -11.56 10.98
C GLU A 435 -27.24 -11.81 9.52
N LYS A 436 -26.27 -11.58 8.63
CA LYS A 436 -26.48 -11.79 7.20
C LYS A 436 -25.17 -12.25 6.57
N GLY A 437 -24.28 -12.76 7.39
CA GLY A 437 -22.99 -13.23 6.91
C GLY A 437 -22.07 -12.08 6.53
N LEU A 438 -22.63 -10.88 6.52
CA LEU A 438 -21.86 -9.68 6.17
C LEU A 438 -20.65 -9.51 7.07
N ALA A 439 -20.88 -9.52 8.38
CA ALA A 439 -19.81 -9.36 9.35
C ALA A 439 -20.32 -9.63 10.77
N SER A 440 -19.41 -9.60 11.73
CA SER A 440 -19.77 -9.83 13.12
C SER A 440 -20.74 -8.78 13.62
N LYS A 441 -21.39 -9.05 14.75
CA LYS A 441 -22.36 -8.12 15.34
C LYS A 441 -21.76 -6.74 15.54
N LYS A 442 -20.80 -6.63 16.45
CA LYS A 442 -20.15 -5.37 16.76
C LYS A 442 -19.48 -4.75 15.54
N VAL A 443 -18.95 -5.59 14.65
CA VAL A 443 -18.28 -5.10 13.45
C VAL A 443 -19.22 -4.24 12.60
N VAL A 444 -20.46 -4.69 12.47
CA VAL A 444 -21.47 -3.97 11.69
C VAL A 444 -21.87 -2.66 12.37
N PHE A 445 -21.87 -2.66 13.70
CA PHE A 445 -22.25 -1.48 14.46
C PHE A 445 -21.15 -0.44 14.54
N GLN A 446 -19.92 -0.87 14.76
CA GLN A 446 -18.80 0.05 14.87
C GLN A 446 -18.45 0.71 13.54
N LEU A 447 -18.80 0.05 12.44
CA LEU A 447 -18.53 0.60 11.11
C LEU A 447 -19.51 1.73 10.80
N ILE A 448 -20.79 1.51 11.13
CA ILE A 448 -21.81 2.52 10.89
C ILE A 448 -21.62 3.68 11.86
N ARG A 449 -21.25 3.35 13.09
CA ARG A 449 -21.02 4.35 14.13
C ARG A 449 -19.95 5.34 13.66
N GLY A 450 -18.72 4.87 13.58
CA GLY A 450 -17.62 5.73 13.15
C GLY A 450 -17.84 6.33 11.78
N ALA A 451 -18.69 5.69 10.99
CA ALA A 451 -18.98 6.19 9.64
C ALA A 451 -19.77 7.48 9.73
N VAL A 452 -20.64 7.58 10.73
CA VAL A 452 -21.47 8.76 10.91
C VAL A 452 -21.03 9.68 12.05
N THR A 453 -20.03 9.24 12.81
CA THR A 453 -19.53 10.04 13.93
C THR A 453 -18.01 10.22 13.89
N GLY A 454 -17.32 9.23 13.36
CA GLY A 454 -15.86 9.30 13.28
C GLY A 454 -15.18 8.78 14.53
N LYS A 455 -15.99 8.39 15.51
CA LYS A 455 -15.47 7.87 16.77
C LYS A 455 -15.99 6.46 17.03
N LEU A 456 -15.36 5.76 17.96
CA LEU A 456 -15.77 4.40 18.30
C LEU A 456 -16.59 4.43 19.58
N VAL A 457 -16.73 5.63 20.15
CA VAL A 457 -17.50 5.82 21.37
C VAL A 457 -18.46 7.00 21.18
N THR A 458 -19.72 6.69 20.88
CA THR A 458 -20.74 7.70 20.66
C THR A 458 -22.06 7.25 21.28
N PRO A 459 -23.06 8.15 21.31
CA PRO A 459 -24.37 7.81 21.88
C PRO A 459 -25.00 6.60 21.20
N GLY A 460 -26.21 6.25 21.62
CA GLY A 460 -26.90 5.11 21.04
C GLY A 460 -26.91 5.20 19.52
N LEU A 461 -26.43 4.15 18.86
CA LEU A 461 -26.38 4.12 17.40
C LEU A 461 -27.78 4.28 16.80
N PHE A 462 -28.80 3.93 17.58
CA PHE A 462 -30.17 4.04 17.11
C PHE A 462 -30.60 5.50 17.16
N GLU A 463 -30.00 6.25 18.08
CA GLU A 463 -30.30 7.67 18.24
C GLU A 463 -29.44 8.48 17.27
N THR A 464 -28.18 8.07 17.15
CA THR A 464 -27.23 8.75 16.27
C THR A 464 -27.75 8.77 14.84
N ILE A 465 -27.98 7.60 14.27
CA ILE A 465 -28.46 7.48 12.91
C ILE A 465 -29.82 8.17 12.75
N GLU A 466 -30.60 8.18 13.84
CA GLU A 466 -31.91 8.81 13.81
C GLU A 466 -31.80 10.33 13.72
N VAL A 467 -31.25 10.93 14.77
CA VAL A 467 -31.09 12.38 14.83
C VAL A 467 -30.38 12.96 13.60
N LEU A 468 -29.47 12.18 13.02
CA LEU A 468 -28.74 12.62 11.83
C LEU A 468 -29.58 12.51 10.56
N GLY A 469 -30.89 12.61 10.73
CA GLY A 469 -31.79 12.53 9.59
C GLY A 469 -31.47 11.39 8.64
N LYS A 470 -31.99 11.47 7.42
CA LYS A 470 -31.76 10.45 6.41
C LYS A 470 -30.64 10.86 5.46
N GLU A 471 -30.57 12.15 5.15
CA GLU A 471 -29.56 12.67 4.25
C GLU A 471 -28.15 12.66 4.83
N ARG A 472 -27.97 13.34 5.96
CA ARG A 472 -26.65 13.39 6.60
C ARG A 472 -26.08 11.98 6.72
N THR A 473 -26.94 11.02 7.00
CA THR A 473 -26.52 9.63 7.14
C THR A 473 -25.90 9.11 5.85
N LEU A 474 -26.68 9.06 4.78
CA LEU A 474 -26.21 8.57 3.50
C LEU A 474 -24.91 9.23 3.04
N LYS A 475 -24.73 10.50 3.39
CA LYS A 475 -23.53 11.23 3.01
C LYS A 475 -22.32 10.67 3.75
N ARG A 476 -22.48 10.47 5.05
CA ARG A 476 -21.40 9.95 5.89
C ARG A 476 -21.11 8.48 5.58
N LEU A 477 -22.06 7.82 4.92
CA LEU A 477 -21.89 6.42 4.53
C LEU A 477 -21.05 6.44 3.27
N GLU A 478 -21.34 7.39 2.40
CA GLU A 478 -20.61 7.55 1.14
C GLU A 478 -19.19 8.00 1.45
N ARG A 479 -19.08 9.04 2.27
CA ARG A 479 -17.80 9.59 2.68
C ARG A 479 -16.84 8.47 3.07
N THR A 480 -17.27 7.64 4.01
CA THR A 480 -16.45 6.53 4.49
C THR A 480 -16.05 5.62 3.33
N LEU A 481 -17.00 5.35 2.44
CA LEU A 481 -16.74 4.49 1.28
C LEU A 481 -15.62 5.05 0.42
N GLN A 482 -15.75 6.30 0.00
CA GLN A 482 -14.74 6.95 -0.84
C GLN A 482 -13.37 6.97 -0.17
N PHE A 483 -13.36 7.09 1.15
CA PHE A 483 -12.13 7.15 1.92
C PHE A 483 -11.47 5.77 2.07
N LEU A 484 -12.31 4.74 2.18
CA LEU A 484 -11.85 3.36 2.33
C LEU A 484 -10.65 3.03 1.44
N LYS A 485 -10.58 3.67 0.28
CA LYS A 485 -9.48 3.44 -0.66
C LYS A 485 -8.18 4.07 -0.21
N LYS A 486 -7.99 4.17 1.10
CA LYS A 486 -6.77 4.77 1.65
C LYS A 486 -6.56 6.19 1.12
N LEU B 24 25.68 -7.64 21.32
CA LEU B 24 24.61 -8.57 21.76
C LEU B 24 23.66 -7.88 22.74
N VAL B 25 23.62 -6.55 22.68
CA VAL B 25 22.75 -5.76 23.54
C VAL B 25 21.35 -5.69 22.97
N ARG B 26 20.45 -6.54 23.46
CA ARG B 26 19.08 -6.58 22.98
C ARG B 26 18.09 -6.06 24.02
N VAL B 27 18.21 -4.79 24.39
CA VAL B 27 17.31 -4.18 25.36
C VAL B 27 16.01 -3.82 24.66
N ARG B 28 14.99 -3.45 25.42
CA ARG B 28 13.71 -3.09 24.83
C ARG B 28 12.82 -2.26 25.73
N PHE B 29 11.69 -1.83 25.17
CA PHE B 29 10.70 -1.05 25.90
C PHE B 29 9.35 -1.69 25.57
N ALA B 30 8.68 -2.22 26.58
CA ALA B 30 7.39 -2.86 26.37
C ALA B 30 6.22 -2.03 26.89
N PRO B 31 5.96 -0.87 26.26
CA PRO B 31 4.87 -0.02 26.70
C PRO B 31 3.49 -0.54 26.32
N SER B 32 2.47 0.03 26.95
CA SER B 32 1.07 -0.33 26.69
C SER B 32 0.39 0.92 26.15
N PRO B 33 -0.34 0.79 25.04
CA PRO B 33 -1.04 1.92 24.42
C PRO B 33 -2.16 2.52 25.26
N THR B 34 -1.95 2.61 26.57
CA THR B 34 -2.95 3.18 27.47
C THR B 34 -2.51 4.55 27.99
N GLY B 35 -3.23 5.58 27.57
CA GLY B 35 -2.91 6.94 28.00
C GLY B 35 -1.63 7.47 27.38
N HIS B 36 -1.51 8.80 27.36
CA HIS B 36 -0.33 9.45 26.80
C HIS B 36 0.93 8.86 27.41
N LEU B 37 2.07 9.08 26.76
CA LEU B 37 3.34 8.56 27.26
C LEU B 37 3.59 8.93 28.72
N HIS B 38 3.61 7.90 29.56
CA HIS B 38 3.85 8.07 30.98
C HIS B 38 5.17 8.82 31.15
N VAL B 39 5.20 9.85 32.00
CA VAL B 39 6.41 10.62 32.22
C VAL B 39 7.48 9.77 32.88
N GLY B 40 7.05 8.80 33.67
CA GLY B 40 7.99 7.91 34.34
C GLY B 40 8.54 6.87 33.39
N GLY B 41 7.67 6.37 32.51
CA GLY B 41 8.09 5.38 31.54
C GLY B 41 9.21 5.92 30.67
N ALA B 42 9.28 7.25 30.58
CA ALA B 42 10.30 7.91 29.78
C ALA B 42 11.66 7.73 30.47
N ARG B 43 11.64 7.67 31.79
CA ARG B 43 12.85 7.49 32.58
C ARG B 43 13.37 6.08 32.35
N THR B 44 12.47 5.10 32.42
CA THR B 44 12.83 3.71 32.22
C THR B 44 13.25 3.49 30.77
N ALA B 45 12.49 4.08 29.85
CA ALA B 45 12.79 3.97 28.43
C ALA B 45 14.14 4.61 28.15
N LEU B 46 14.43 5.69 28.86
CA LEU B 46 15.69 6.40 28.72
C LEU B 46 16.84 5.57 29.28
N PHE B 47 16.51 4.65 30.18
CA PHE B 47 17.50 3.79 30.80
C PHE B 47 17.97 2.72 29.80
N ASN B 48 17.02 1.93 29.32
CA ASN B 48 17.31 0.88 28.37
C ASN B 48 18.08 1.43 27.17
N TRP B 49 17.71 2.61 26.72
CA TRP B 49 18.34 3.25 25.57
C TRP B 49 19.82 3.55 25.80
N MET B 50 20.10 4.47 26.72
CA MET B 50 21.47 4.86 27.04
C MET B 50 22.38 3.64 27.21
N PHE B 51 21.81 2.54 27.68
CA PHE B 51 22.59 1.32 27.88
C PHE B 51 22.96 0.74 26.53
N ALA B 52 21.94 0.49 25.70
CA ALA B 52 22.14 -0.07 24.37
C ALA B 52 23.13 0.79 23.59
N ARG B 53 22.98 2.11 23.70
CA ARG B 53 23.85 3.04 22.99
C ARG B 53 25.20 3.17 23.69
N LYS B 54 25.31 2.62 24.89
CA LYS B 54 26.56 2.68 25.63
C LYS B 54 27.60 1.82 24.92
N GLU B 55 27.12 0.94 24.04
CA GLU B 55 27.99 0.07 23.26
C GLU B 55 27.20 -0.55 22.11
N GLY B 56 27.43 -1.83 21.85
CA GLY B 56 26.73 -2.50 20.78
C GLY B 56 25.25 -2.69 21.06
N GLY B 57 24.57 -3.40 20.18
CA GLY B 57 23.14 -3.64 20.36
C GLY B 57 22.31 -2.41 20.08
N LYS B 58 21.00 -2.59 20.00
CA LYS B 58 20.08 -1.48 19.74
C LYS B 58 18.93 -1.45 20.74
N PHE B 59 18.07 -0.44 20.60
CA PHE B 59 16.93 -0.26 21.48
C PHE B 59 15.64 -0.72 20.81
N ILE B 60 15.11 -1.85 21.26
CA ILE B 60 13.88 -2.41 20.71
C ILE B 60 12.64 -1.77 21.33
N LEU B 61 11.63 -1.52 20.50
CA LEU B 61 10.39 -0.92 20.98
C LEU B 61 9.26 -1.90 20.71
N ARG B 62 8.80 -2.56 21.77
CA ARG B 62 7.73 -3.55 21.66
C ARG B 62 6.41 -3.03 22.18
N ILE B 63 5.40 -3.01 21.30
CA ILE B 63 4.07 -2.56 21.67
C ILE B 63 3.19 -3.76 21.99
N GLU B 64 2.76 -3.86 23.24
CA GLU B 64 1.93 -4.98 23.66
C GLU B 64 0.53 -4.53 24.06
N ASP B 65 -0.43 -4.86 23.20
CA ASP B 65 -1.83 -4.52 23.44
C ASP B 65 -2.65 -5.80 23.63
N THR B 66 -2.02 -6.77 24.27
CA THR B 66 -2.65 -8.07 24.54
C THR B 66 -4.00 -7.93 25.23
N ASP B 67 -4.25 -6.74 25.79
CA ASP B 67 -5.51 -6.48 26.47
C ASP B 67 -6.35 -5.51 25.65
N THR B 68 -7.20 -6.06 24.78
CA THR B 68 -8.06 -5.25 23.94
C THR B 68 -8.99 -4.35 24.75
N GLU B 69 -8.99 -4.54 26.06
CA GLU B 69 -9.82 -3.75 26.96
C GLU B 69 -9.54 -2.26 26.83
N ARG B 70 -8.36 -1.83 27.28
CA ARG B 70 -7.99 -0.42 27.21
C ARG B 70 -6.95 -0.11 26.14
N SER B 71 -6.65 -1.10 25.30
CA SER B 71 -5.66 -0.90 24.24
C SER B 71 -6.29 -0.24 23.00
N SER B 72 -5.46 0.43 22.22
CA SER B 72 -5.91 1.10 21.01
C SER B 72 -4.72 1.70 20.27
N ARG B 73 -4.89 1.96 18.98
CA ARG B 73 -3.82 2.53 18.18
C ARG B 73 -3.86 4.06 18.23
N GLU B 74 -4.59 4.58 19.21
CA GLU B 74 -4.71 6.02 19.40
C GLU B 74 -3.57 6.46 20.30
N TYR B 75 -3.65 6.07 21.57
CA TYR B 75 -2.59 6.40 22.53
C TYR B 75 -1.31 5.78 22.01
N GLU B 76 -1.43 4.59 21.44
CA GLU B 76 -0.30 3.87 20.88
C GLU B 76 0.46 4.81 19.94
N GLN B 77 -0.30 5.55 19.14
CA GLN B 77 0.26 6.50 18.19
C GLN B 77 1.02 7.59 18.94
N GLN B 78 0.32 8.22 19.88
CA GLN B 78 0.89 9.29 20.68
C GLN B 78 2.15 8.84 21.43
N ILE B 79 2.10 7.65 22.02
CA ILE B 79 3.23 7.11 22.76
C ILE B 79 4.46 7.03 21.85
N LEU B 80 4.22 6.64 20.60
CA LEU B 80 5.30 6.53 19.63
C LEU B 80 5.69 7.90 19.10
N GLU B 81 4.76 8.85 19.15
CA GLU B 81 5.02 10.20 18.67
C GLU B 81 6.13 10.86 19.50
N SER B 82 6.61 10.13 20.50
CA SER B 82 7.69 10.64 21.35
C SER B 82 9.02 10.41 20.64
N LEU B 83 8.95 10.18 19.33
CA LEU B 83 10.13 9.95 18.52
C LEU B 83 10.59 11.27 17.91
N ARG B 84 9.62 12.04 17.39
CA ARG B 84 9.93 13.33 16.79
C ARG B 84 10.24 14.37 17.87
N TRP B 85 10.24 13.93 19.13
CA TRP B 85 10.53 14.82 20.25
C TRP B 85 11.70 14.28 21.05
N CYS B 86 11.66 12.99 21.39
CA CYS B 86 12.73 12.35 22.15
C CYS B 86 13.57 11.49 21.23
N GLY B 87 14.80 11.93 20.96
CA GLY B 87 15.69 11.17 20.09
C GLY B 87 15.93 9.76 20.59
N LEU B 88 15.28 8.79 19.97
CA LEU B 88 15.42 7.38 20.35
C LEU B 88 15.27 6.48 19.14
N ASP B 89 15.20 5.18 19.40
CA ASP B 89 15.05 4.17 18.35
C ASP B 89 13.83 3.31 18.65
N TRP B 90 12.71 3.64 18.00
CA TRP B 90 11.46 2.91 18.21
C TRP B 90 11.19 1.91 17.09
N ASP B 91 11.51 0.64 17.34
CA ASP B 91 11.31 -0.42 16.36
C ASP B 91 9.82 -0.70 16.17
N GLU B 92 9.20 0.03 15.26
CA GLU B 92 7.77 -0.13 14.98
C GLU B 92 7.41 -1.56 14.58
N GLY B 93 6.14 -1.77 14.25
CA GLY B 93 5.67 -3.09 13.86
C GLY B 93 6.44 -3.71 12.71
N PRO B 94 6.12 -4.97 12.34
CA PRO B 94 6.79 -5.68 11.25
C PRO B 94 6.34 -5.22 9.87
N ASP B 95 5.43 -4.25 9.82
CA ASP B 95 4.92 -3.74 8.56
C ASP B 95 6.03 -3.15 7.69
N ILE B 96 6.46 -1.93 8.01
CA ILE B 96 7.52 -1.27 7.26
C ILE B 96 8.53 -0.64 8.21
N GLY B 97 8.91 -1.37 9.25
CA GLY B 97 9.86 -0.88 10.21
C GLY B 97 10.09 -1.85 11.34
N GLY B 98 10.08 -3.14 11.02
CA GLY B 98 10.28 -4.16 12.02
C GLY B 98 10.61 -5.52 11.41
N ASP B 99 11.89 -5.73 11.11
CA ASP B 99 12.34 -6.98 10.52
C ASP B 99 12.19 -8.14 11.50
N PHE B 100 12.88 -8.04 12.63
CA PHE B 100 12.83 -9.08 13.67
C PHE B 100 11.45 -9.07 14.33
N GLY B 101 10.45 -8.59 13.60
CA GLY B 101 9.10 -8.53 14.13
C GLY B 101 8.34 -9.85 14.01
N PRO B 102 7.02 -9.85 14.24
CA PRO B 102 6.18 -8.69 14.59
C PRO B 102 6.58 -7.98 15.88
N TYR B 103 6.51 -6.66 15.86
CA TYR B 103 6.86 -5.83 17.01
C TYR B 103 5.61 -5.23 17.63
N ARG B 104 4.46 -5.77 17.27
CA ARG B 104 3.18 -5.30 17.80
C ARG B 104 2.32 -6.48 18.22
N GLN B 105 2.43 -6.84 19.50
CA GLN B 105 1.68 -7.96 20.06
C GLN B 105 0.18 -7.82 19.85
N SER B 106 -0.36 -8.63 18.94
CA SER B 106 -1.78 -8.64 18.61
C SER B 106 -1.97 -9.51 17.38
N GLU B 107 -0.95 -9.52 16.54
CA GLU B 107 -0.97 -10.31 15.30
C GLU B 107 -0.29 -11.65 15.57
N ARG B 108 0.74 -11.62 16.41
CA ARG B 108 1.49 -12.80 16.76
C ARG B 108 0.78 -13.60 17.84
N LEU B 109 -0.54 -13.46 17.91
CA LEU B 109 -1.34 -14.17 18.90
C LEU B 109 -1.34 -15.67 18.66
N GLU B 110 -0.95 -16.07 17.45
CA GLU B 110 -0.91 -17.49 17.09
C GLU B 110 0.38 -18.14 17.57
N ILE B 111 1.30 -17.31 18.08
CA ILE B 111 2.58 -17.80 18.57
C ILE B 111 2.44 -18.21 20.04
N TYR B 112 1.64 -17.47 20.78
CA TYR B 112 1.42 -17.74 22.19
C TYR B 112 0.51 -18.95 22.35
N ARG B 113 -0.19 -19.31 21.28
CA ARG B 113 -1.09 -20.45 21.30
C ARG B 113 -0.35 -21.74 20.99
N GLU B 114 0.89 -21.61 20.52
CA GLU B 114 1.71 -22.77 20.19
C GLU B 114 2.55 -23.18 21.39
N TYR B 115 3.23 -22.20 21.99
CA TYR B 115 4.06 -22.46 23.16
C TYR B 115 3.19 -22.91 24.32
N ALA B 116 1.96 -22.40 24.36
CA ALA B 116 1.01 -22.77 25.39
C ALA B 116 0.52 -24.17 25.05
N GLU B 117 0.40 -24.43 23.76
CA GLU B 117 -0.04 -25.72 23.25
C GLU B 117 1.00 -26.78 23.59
N LYS B 118 2.22 -26.32 23.88
CA LYS B 118 3.30 -27.23 24.23
C LYS B 118 3.31 -27.50 25.74
N LEU B 119 2.83 -26.53 26.51
CA LEU B 119 2.79 -26.68 27.97
C LEU B 119 1.77 -27.75 28.36
N VAL B 120 0.59 -27.69 27.76
CA VAL B 120 -0.46 -28.65 28.05
C VAL B 120 0.04 -30.08 27.87
N GLU B 121 0.63 -30.36 26.72
CA GLU B 121 1.16 -31.68 26.43
C GLU B 121 2.31 -32.02 27.36
N ASP B 122 2.87 -31.00 27.99
CA ASP B 122 3.98 -31.18 28.93
C ASP B 122 3.44 -31.27 30.36
N LYS B 123 2.12 -31.27 30.47
CA LYS B 123 1.44 -31.34 31.76
C LYS B 123 1.68 -30.10 32.61
N ARG B 124 2.19 -29.05 31.98
CA ARG B 124 2.46 -27.80 32.68
C ARG B 124 1.41 -26.74 32.32
N ALA B 125 0.23 -27.19 31.92
CA ALA B 125 -0.87 -26.30 31.54
C ALA B 125 -2.22 -26.99 31.67
N TYR B 126 -3.17 -26.29 32.29
CA TYR B 126 -4.51 -26.81 32.49
C TYR B 126 -5.49 -26.25 31.46
N TYR B 127 -6.76 -26.59 31.63
CA TYR B 127 -7.83 -26.13 30.76
C TYR B 127 -9.10 -25.90 31.57
N VAL B 128 -9.24 -24.72 32.14
CA VAL B 128 -10.42 -24.40 32.94
C VAL B 128 -11.60 -24.10 32.02
N VAL B 129 -12.39 -25.13 31.75
CA VAL B 129 -13.56 -24.98 30.88
C VAL B 129 -14.73 -24.33 31.62
N TYR B 130 -15.58 -23.65 30.87
CA TYR B 130 -16.74 -22.97 31.43
C TYR B 130 -17.99 -23.29 30.63
N ASP B 131 -19.08 -22.56 30.90
CA ASP B 131 -20.33 -22.77 30.21
C ASP B 131 -20.95 -21.44 29.77
N LYS B 132 -21.81 -21.51 28.76
CA LYS B 132 -22.47 -20.31 28.24
C LYS B 132 -23.29 -19.67 29.35
N GLU B 133 -24.00 -20.51 30.11
CA GLU B 133 -24.83 -20.03 31.22
C GLU B 133 -23.99 -19.64 32.42
N ASP B 134 -22.77 -20.17 32.50
CA ASP B 134 -21.87 -19.87 33.61
C ASP B 134 -20.43 -19.66 33.13
N PRO B 135 -20.18 -18.55 32.43
CA PRO B 135 -18.85 -18.21 31.91
C PRO B 135 -17.78 -17.98 32.98
N SER B 136 -18.22 -17.72 34.21
CA SER B 136 -17.28 -17.48 35.31
C SER B 136 -17.07 -18.74 36.14
N LYS B 137 -18.13 -19.53 36.29
CA LYS B 137 -18.05 -20.77 37.07
C LYS B 137 -17.13 -21.77 36.40
N GLU B 138 -16.09 -22.20 37.12
CA GLU B 138 -15.14 -23.16 36.60
C GLU B 138 -15.69 -24.58 36.69
N LEU B 139 -15.10 -25.49 35.93
CA LEU B 139 -15.54 -26.88 35.93
C LEU B 139 -14.40 -27.83 36.29
N PHE B 140 -13.73 -28.36 35.27
CA PHE B 140 -12.62 -29.29 35.47
C PHE B 140 -11.32 -28.75 34.87
N THR B 141 -10.29 -29.60 34.88
CA THR B 141 -9.00 -29.23 34.33
C THR B 141 -8.32 -30.45 33.71
N THR B 142 -8.55 -30.66 32.42
CA THR B 142 -7.96 -31.79 31.72
C THR B 142 -7.08 -31.35 30.55
N TYR B 143 -6.01 -32.09 30.32
CA TYR B 143 -5.09 -31.79 29.23
C TYR B 143 -5.79 -31.96 27.90
N GLU B 144 -6.95 -32.61 27.93
CA GLU B 144 -7.73 -32.85 26.73
C GLU B 144 -8.40 -31.56 26.26
N TYR B 145 -8.00 -31.08 25.08
CA TYR B 145 -8.54 -29.85 24.52
C TYR B 145 -10.06 -29.94 24.38
N PRO B 146 -10.80 -29.13 25.16
CA PRO B 146 -12.25 -29.10 25.12
C PRO B 146 -12.79 -28.36 23.90
N HIS B 147 -12.50 -28.90 22.72
CA HIS B 147 -12.95 -28.29 21.47
C HIS B 147 -14.46 -28.28 21.35
N GLU B 148 -15.07 -29.45 21.51
CA GLU B 148 -16.52 -29.59 21.41
C GLU B 148 -17.27 -28.59 22.28
N TYR B 149 -16.83 -28.42 23.52
CA TYR B 149 -17.47 -27.49 24.45
C TYR B 149 -17.38 -26.05 23.95
N LYS B 150 -16.17 -25.61 23.62
CA LYS B 150 -15.96 -24.25 23.12
C LYS B 150 -16.55 -24.11 21.73
N GLU B 151 -16.85 -25.25 21.11
CA GLU B 151 -17.42 -25.26 19.77
C GLU B 151 -18.83 -24.69 19.77
N LYS B 152 -19.41 -24.54 20.95
CA LYS B 152 -20.76 -24.00 21.08
C LYS B 152 -20.75 -22.61 21.73
N GLY B 153 -20.16 -22.52 22.92
CA GLY B 153 -20.11 -21.24 23.60
C GLY B 153 -19.53 -21.34 25.00
N HIS B 154 -18.61 -22.30 25.19
CA HIS B 154 -17.97 -22.50 26.49
C HIS B 154 -16.62 -21.81 26.56
N PRO B 155 -16.48 -20.81 27.46
CA PRO B 155 -15.24 -20.07 27.63
C PRO B 155 -14.09 -20.99 28.06
N VAL B 156 -12.88 -20.68 27.61
CA VAL B 156 -11.70 -21.48 27.95
C VAL B 156 -10.58 -20.62 28.49
N THR B 157 -9.52 -21.28 28.97
CA THR B 157 -8.36 -20.60 29.52
C THR B 157 -7.30 -21.61 29.90
N ILE B 158 -6.03 -21.19 29.88
CA ILE B 158 -4.94 -22.09 30.23
C ILE B 158 -4.16 -21.59 31.44
N LYS B 159 -4.12 -22.40 32.48
CA LYS B 159 -3.39 -22.04 33.70
C LYS B 159 -1.99 -22.61 33.61
N PHE B 160 -1.12 -22.19 34.51
CA PHE B 160 0.26 -22.66 34.54
C PHE B 160 0.53 -23.36 35.86
N LYS B 161 0.47 -24.69 35.85
CA LYS B 161 0.71 -25.47 37.06
C LYS B 161 2.07 -25.17 37.68
N VAL B 162 2.06 -24.29 38.69
CA VAL B 162 3.29 -23.91 39.38
C VAL B 162 3.78 -25.07 40.25
N LEU B 163 5.09 -25.31 40.21
CA LEU B 163 5.68 -26.39 40.99
C LEU B 163 6.14 -25.88 42.36
N PRO B 164 6.12 -26.74 43.37
CA PRO B 164 6.53 -26.36 44.73
C PRO B 164 8.03 -26.09 44.81
N GLY B 165 8.43 -25.20 45.72
CA GLY B 165 9.83 -24.87 45.87
C GLY B 165 10.06 -23.39 45.74
N LYS B 166 11.16 -23.00 45.09
CA LYS B 166 11.49 -21.58 44.92
C LYS B 166 12.29 -21.35 43.64
N THR B 167 12.15 -20.16 43.08
CA THR B 167 12.86 -19.77 41.86
C THR B 167 13.41 -18.35 42.02
N SER B 168 14.70 -18.25 42.33
CA SER B 168 15.34 -16.96 42.52
C SER B 168 16.09 -16.47 41.27
N PHE B 169 16.78 -15.35 41.40
CA PHE B 169 17.52 -14.77 40.30
C PHE B 169 18.45 -13.67 40.82
N GLU B 170 19.16 -13.02 39.90
CA GLU B 170 20.09 -11.95 40.26
C GLU B 170 19.67 -10.62 39.63
N ASP B 171 19.29 -9.67 40.47
CA ASP B 171 18.88 -8.35 40.00
C ASP B 171 20.03 -7.36 40.15
N LEU B 172 20.41 -6.72 39.05
CA LEU B 172 21.52 -5.77 39.05
C LEU B 172 21.38 -4.67 40.10
N LEU B 173 20.15 -4.25 40.38
CA LEU B 173 19.93 -3.19 41.36
C LEU B 173 19.60 -3.71 42.76
N LYS B 174 18.53 -4.48 42.88
CA LYS B 174 18.11 -5.02 44.16
C LYS B 174 19.04 -6.12 44.67
N GLY B 175 20.01 -6.50 43.83
CA GLY B 175 20.94 -7.54 44.22
C GLY B 175 20.41 -8.93 43.96
N TYR B 176 20.47 -9.78 44.98
CA TYR B 176 19.99 -11.15 44.86
C TYR B 176 18.55 -11.28 45.32
N MET B 177 17.67 -11.65 44.40
CA MET B 177 16.25 -11.81 44.71
C MET B 177 15.90 -13.30 44.78
N GLU B 178 15.23 -13.69 45.86
CA GLU B 178 14.84 -15.08 46.05
C GLU B 178 13.37 -15.15 46.43
N PHE B 179 12.52 -15.49 45.47
CA PHE B 179 11.08 -15.59 45.69
C PHE B 179 10.68 -17.05 45.89
N ASP B 180 9.63 -17.26 46.68
CA ASP B 180 9.14 -18.61 46.95
C ASP B 180 8.00 -18.96 45.99
N ASN B 181 7.96 -20.21 45.56
CA ASN B 181 6.92 -20.67 44.63
C ASN B 181 5.61 -21.02 45.33
N SER B 182 5.69 -21.37 46.61
CA SER B 182 4.50 -21.72 47.39
C SER B 182 3.65 -20.50 47.66
N THR B 183 4.18 -19.32 47.34
CA THR B 183 3.47 -18.07 47.56
C THR B 183 2.66 -17.71 46.32
N LEU B 184 3.14 -18.12 45.15
CA LEU B 184 2.45 -17.85 43.90
C LEU B 184 1.41 -18.91 43.56
N GLU B 185 0.17 -18.47 43.40
CA GLU B 185 -0.93 -19.38 43.07
C GLU B 185 -0.82 -19.81 41.61
N ASP B 186 -1.95 -20.22 41.04
CA ASP B 186 -2.00 -20.64 39.65
C ASP B 186 -2.62 -19.55 38.79
N PHE B 187 -1.78 -18.84 38.05
CA PHE B 187 -2.22 -17.75 37.19
C PHE B 187 -2.60 -18.20 35.79
N ILE B 188 -3.27 -17.33 35.06
CA ILE B 188 -3.70 -17.62 33.69
C ILE B 188 -2.71 -17.06 32.68
N ILE B 189 -2.41 -17.82 31.65
CA ILE B 189 -1.48 -17.40 30.62
C ILE B 189 -2.22 -17.18 29.29
N MET B 190 -3.29 -17.93 29.09
CA MET B 190 -4.07 -17.81 27.86
C MET B 190 -5.53 -17.44 28.19
N LYS B 191 -5.85 -16.16 28.04
CA LYS B 191 -7.19 -15.67 28.31
C LYS B 191 -8.21 -16.42 27.46
N SER B 192 -9.48 -16.24 27.79
CA SER B 192 -10.56 -16.90 27.05
C SER B 192 -10.67 -16.42 25.61
N ASN B 193 -10.66 -15.11 25.43
CA ASN B 193 -10.77 -14.49 24.11
C ASN B 193 -9.78 -15.07 23.10
N GLY B 194 -8.68 -15.63 23.60
CA GLY B 194 -7.68 -16.20 22.72
C GLY B 194 -6.37 -15.42 22.76
N PHE B 195 -6.30 -14.45 23.67
CA PHE B 195 -5.10 -13.64 23.83
C PHE B 195 -4.32 -14.08 25.06
N PRO B 196 -2.99 -13.86 25.06
CA PRO B 196 -2.11 -14.23 26.17
C PRO B 196 -2.03 -13.13 27.24
N THR B 197 -1.71 -13.53 28.46
CA THR B 197 -1.60 -12.58 29.56
C THR B 197 -0.20 -11.97 29.56
N TYR B 198 0.04 -11.04 30.49
CA TYR B 198 1.33 -10.38 30.59
C TYR B 198 2.50 -11.34 30.78
N ASN B 199 2.56 -11.98 31.94
CA ASN B 199 3.64 -12.91 32.25
C ASN B 199 3.80 -14.03 31.23
N PHE B 200 2.92 -14.09 30.24
CA PHE B 200 3.02 -15.10 29.22
C PHE B 200 3.72 -14.49 28.01
N ALA B 201 3.08 -13.49 27.41
CA ALA B 201 3.63 -12.81 26.25
C ALA B 201 5.04 -12.31 26.52
N VAL B 202 5.26 -11.78 27.71
CA VAL B 202 6.58 -11.28 28.09
C VAL B 202 7.64 -12.36 27.91
N VAL B 203 7.51 -13.42 28.69
CA VAL B 203 8.45 -14.54 28.64
C VAL B 203 8.75 -14.99 27.21
N VAL B 204 7.70 -15.12 26.40
CA VAL B 204 7.85 -15.55 25.02
C VAL B 204 8.64 -14.56 24.17
N ASP B 205 8.17 -13.31 24.12
CA ASP B 205 8.84 -12.29 23.34
C ASP B 205 10.24 -11.98 23.85
N ASP B 206 10.41 -11.98 25.17
CA ASP B 206 11.71 -11.70 25.76
C ASP B 206 12.72 -12.76 25.34
N HIS B 207 12.24 -13.75 24.59
CA HIS B 207 13.10 -14.83 24.11
C HIS B 207 13.13 -14.81 22.59
N LEU B 208 11.95 -14.78 21.98
CA LEU B 208 11.84 -14.77 20.52
C LEU B 208 12.46 -13.51 19.92
N MET B 209 12.64 -12.49 20.76
CA MET B 209 13.23 -11.23 20.34
C MET B 209 14.67 -11.20 20.80
N ARG B 210 15.14 -12.35 21.29
CA ARG B 210 16.51 -12.52 21.78
C ARG B 210 16.95 -11.39 22.71
N ILE B 211 16.07 -11.00 23.62
CA ILE B 211 16.37 -9.95 24.58
C ILE B 211 17.43 -10.43 25.56
N SER B 212 18.49 -9.65 25.71
CA SER B 212 19.58 -10.00 26.61
C SER B 212 19.45 -9.34 27.99
N HIS B 213 18.80 -8.19 28.03
CA HIS B 213 18.62 -7.47 29.28
C HIS B 213 17.19 -7.00 29.46
N VAL B 214 16.76 -6.91 30.71
CA VAL B 214 15.40 -6.47 31.03
C VAL B 214 15.42 -5.41 32.13
N PHE B 215 15.46 -4.16 31.72
CA PHE B 215 15.48 -3.04 32.66
C PHE B 215 14.07 -2.49 32.86
N ARG B 216 13.14 -3.38 33.21
CA ARG B 216 11.76 -3.01 33.43
C ARG B 216 11.61 -2.14 34.67
N GLY B 217 10.35 -1.84 35.03
CA GLY B 217 10.09 -1.02 36.19
C GLY B 217 10.10 -1.84 37.47
N GLU B 218 10.02 -1.15 38.61
CA GLU B 218 10.04 -1.80 39.91
C GLU B 218 8.84 -2.71 40.16
N ASP B 219 7.63 -2.17 39.92
CA ASP B 219 6.39 -2.91 40.13
C ASP B 219 6.35 -4.32 39.53
N HIS B 220 7.31 -4.64 38.68
CA HIS B 220 7.35 -5.96 38.05
C HIS B 220 8.33 -6.89 38.73
N LEU B 221 8.69 -6.58 39.97
CA LEU B 221 9.62 -7.40 40.74
C LEU B 221 8.93 -8.66 41.26
N SER B 222 7.64 -8.54 41.53
CA SER B 222 6.85 -9.65 42.05
C SER B 222 6.33 -10.55 40.94
N ASN B 223 6.65 -10.21 39.69
CA ASN B 223 6.20 -11.00 38.55
C ASN B 223 7.34 -11.77 37.91
N THR B 224 8.56 -11.28 38.08
CA THR B 224 9.73 -11.94 37.52
C THR B 224 9.73 -13.43 37.83
N PRO B 225 9.47 -13.80 39.09
CA PRO B 225 9.44 -15.21 39.48
C PRO B 225 8.41 -15.99 38.68
N LYS B 226 7.23 -15.40 38.52
CA LYS B 226 6.14 -16.03 37.78
C LYS B 226 6.54 -16.23 36.31
N GLN B 227 7.69 -15.67 35.95
CA GLN B 227 8.19 -15.78 34.58
C GLN B 227 9.36 -16.74 34.53
N LEU B 228 10.24 -16.65 35.52
CA LEU B 228 11.40 -17.53 35.59
C LEU B 228 10.95 -18.99 35.59
N MET B 229 9.72 -19.20 36.04
CA MET B 229 9.14 -20.54 36.11
C MET B 229 8.71 -20.98 34.71
N ILE B 230 8.45 -20.01 33.85
CA ILE B 230 8.01 -20.29 32.49
C ILE B 230 9.19 -20.53 31.55
N TYR B 231 10.33 -19.91 31.86
CA TYR B 231 11.52 -20.07 31.03
C TYR B 231 11.99 -21.52 31.02
N GLU B 232 12.09 -22.12 32.20
CA GLU B 232 12.53 -23.52 32.31
C GLU B 232 11.47 -24.46 31.75
N ALA B 233 10.20 -24.07 31.87
CA ALA B 233 9.11 -24.89 31.35
C ALA B 233 9.37 -25.18 29.88
N PHE B 234 10.20 -24.34 29.27
CA PHE B 234 10.56 -24.49 27.86
C PHE B 234 12.05 -24.78 27.76
N GLY B 235 12.75 -24.60 28.88
CA GLY B 235 14.19 -24.85 28.91
C GLY B 235 14.99 -23.69 28.33
N TRP B 236 14.56 -22.47 28.63
CA TRP B 236 15.25 -21.29 28.14
C TRP B 236 16.18 -20.70 29.20
N GLU B 237 16.79 -19.58 28.86
CA GLU B 237 17.70 -18.87 29.77
C GLU B 237 17.08 -17.54 30.12
N ALA B 238 17.34 -17.05 31.34
CA ALA B 238 16.81 -15.78 31.78
C ALA B 238 17.79 -14.64 31.56
N PRO B 239 17.34 -13.57 30.87
CA PRO B 239 18.20 -12.41 30.59
C PRO B 239 18.44 -11.58 31.85
N VAL B 240 19.61 -10.96 31.95
CA VAL B 240 19.95 -10.14 33.11
C VAL B 240 18.87 -9.09 33.37
N PHE B 241 18.24 -9.20 34.54
CA PHE B 241 17.18 -8.28 34.92
C PHE B 241 17.67 -7.02 35.63
N MET B 242 16.75 -6.11 35.89
CA MET B 242 17.04 -4.84 36.56
C MET B 242 15.74 -4.10 36.80
N HIS B 243 15.34 -3.97 38.06
CA HIS B 243 14.11 -3.28 38.39
C HIS B 243 14.39 -1.93 39.06
N ILE B 244 14.04 -0.85 38.35
CA ILE B 244 14.25 0.51 38.83
C ILE B 244 13.03 1.04 39.58
N PRO B 245 13.26 1.79 40.67
CA PRO B 245 12.16 2.35 41.46
C PRO B 245 11.25 3.24 40.61
N LEU B 246 9.95 3.15 40.85
CA LEU B 246 8.95 3.92 40.10
C LEU B 246 8.97 5.40 40.45
N ILE B 247 8.73 6.25 39.45
CA ILE B 247 8.70 7.69 39.66
C ILE B 247 7.39 8.06 40.36
N LEU B 248 7.44 8.11 41.68
CA LEU B 248 6.26 8.44 42.48
C LEU B 248 5.82 9.89 42.27
N GLY B 249 4.54 10.13 42.51
CA GLY B 249 4.01 11.48 42.37
C GLY B 249 4.04 12.17 43.72
N SER B 250 3.16 13.15 43.92
CA SER B 250 3.12 13.86 45.19
C SER B 250 2.56 12.99 46.32
N ASP B 251 1.56 12.19 45.99
CA ASP B 251 0.93 11.31 46.96
C ASP B 251 1.77 10.07 47.25
N ARG B 252 2.98 10.04 46.70
CA ARG B 252 3.89 8.91 46.89
C ARG B 252 3.41 7.65 46.17
N THR B 253 2.59 7.83 45.15
CA THR B 253 2.06 6.71 44.38
C THR B 253 2.50 6.81 42.92
N PRO B 254 2.97 5.69 42.34
CA PRO B 254 3.43 5.66 40.95
C PRO B 254 2.53 6.50 40.03
N LEU B 255 3.15 7.38 39.26
CA LEU B 255 2.41 8.25 38.35
C LEU B 255 1.37 7.51 37.52
N SER B 256 0.23 8.15 37.35
CA SER B 256 -0.88 7.59 36.59
C SER B 256 -1.57 8.72 35.82
N LYS B 257 -2.62 8.37 35.09
CA LYS B 257 -3.36 9.35 34.31
C LYS B 257 -4.22 10.30 35.15
N ARG B 258 -4.38 9.98 36.43
CA ARG B 258 -5.17 10.83 37.31
C ARG B 258 -4.30 12.01 37.72
N HIS B 259 -2.99 11.87 37.53
CA HIS B 259 -2.03 12.90 37.85
C HIS B 259 -1.72 13.67 36.56
N GLY B 260 -2.53 13.43 35.53
CA GLY B 260 -2.33 14.07 34.25
C GLY B 260 -2.45 13.06 33.12
N ALA B 261 -3.68 12.76 32.72
CA ALA B 261 -3.93 11.80 31.64
C ALA B 261 -3.00 12.06 30.46
N THR B 262 -2.96 13.31 30.02
CA THR B 262 -2.10 13.70 28.89
C THR B 262 -0.67 13.90 29.37
N SER B 263 0.00 12.80 29.73
CA SER B 263 1.37 12.85 30.21
C SER B 263 2.33 13.13 29.06
N VAL B 264 1.86 13.90 28.08
CA VAL B 264 2.66 14.25 26.92
C VAL B 264 2.46 15.72 26.57
N GLU B 265 1.21 16.16 26.59
CA GLU B 265 0.88 17.54 26.28
C GLU B 265 0.86 18.38 27.55
N HIS B 266 1.73 18.03 28.49
CA HIS B 266 1.83 18.75 29.76
C HIS B 266 3.12 19.57 29.76
N PHE B 267 4.20 18.94 29.29
CA PHE B 267 5.50 19.59 29.23
C PHE B 267 5.72 20.32 27.91
N ARG B 268 5.80 19.58 26.82
CA ARG B 268 6.00 20.17 25.50
C ARG B 268 4.99 21.29 25.26
N ARG B 269 3.82 21.17 25.89
CA ARG B 269 2.77 22.16 25.76
C ARG B 269 3.17 23.46 26.45
N GLU B 270 3.76 23.33 27.63
CA GLU B 270 4.18 24.50 28.40
C GLU B 270 5.57 24.97 27.97
N GLY B 271 5.93 24.66 26.72
CA GLY B 271 7.22 25.07 26.19
C GLY B 271 8.41 24.50 26.93
N ILE B 272 8.66 23.21 26.72
CA ILE B 272 9.77 22.52 27.37
C ILE B 272 10.67 21.89 26.32
N LEU B 273 11.95 21.78 26.63
CA LEU B 273 12.92 21.18 25.71
C LEU B 273 13.14 19.70 26.00
N SER B 274 13.23 18.92 24.93
CA SER B 274 13.43 17.48 25.06
C SER B 274 14.61 17.16 25.98
N ARG B 275 15.78 17.67 25.63
CA ARG B 275 16.98 17.43 26.43
C ARG B 275 16.85 18.00 27.83
N ALA B 276 16.13 19.12 27.95
CA ALA B 276 15.92 19.76 29.25
C ALA B 276 15.19 18.79 30.15
N LEU B 277 14.24 18.04 29.56
CA LEU B 277 13.47 17.06 30.30
C LEU B 277 14.32 15.82 30.56
N MET B 278 14.95 15.32 29.50
CA MET B 278 15.80 14.14 29.60
C MET B 278 16.84 14.34 30.69
N ASN B 279 17.48 15.51 30.69
CA ASN B 279 18.48 15.85 31.67
C ASN B 279 17.89 15.72 33.07
N TYR B 280 16.60 16.02 33.17
CA TYR B 280 15.89 15.96 34.45
C TYR B 280 15.54 14.51 34.82
N LEU B 281 15.29 13.70 33.82
CA LEU B 281 14.96 12.29 34.05
C LEU B 281 16.15 11.58 34.66
N ALA B 282 17.34 12.00 34.27
CA ALA B 282 18.58 11.41 34.78
C ALA B 282 19.06 12.13 36.02
N LEU B 283 18.42 13.26 36.33
CA LEU B 283 18.80 14.05 37.51
C LEU B 283 18.15 13.49 38.78
N LEU B 284 16.93 12.99 38.65
CA LEU B 284 16.20 12.43 39.78
C LEU B 284 16.59 10.97 40.01
N GLY B 285 16.82 10.61 41.27
CA GLY B 285 17.20 9.26 41.59
C GLY B 285 18.61 8.96 41.11
N TRP B 286 18.82 9.07 39.80
CA TRP B 286 20.12 8.81 39.20
C TRP B 286 21.10 9.84 39.75
N ARG B 287 22.40 9.56 39.63
CA ARG B 287 23.42 10.49 40.13
C ARG B 287 24.72 10.44 39.33
N VAL B 288 25.32 11.62 39.13
CA VAL B 288 26.56 11.74 38.39
C VAL B 288 27.51 12.72 39.09
N GLU B 289 28.81 12.48 38.94
CA GLU B 289 29.81 13.34 39.56
C GLU B 289 30.08 14.58 38.69
N GLY B 290 29.27 15.62 38.90
CA GLY B 290 29.42 16.84 38.13
C GLY B 290 28.46 17.91 38.59
N ASP B 291 27.79 18.56 37.64
CA ASP B 291 26.84 19.62 37.93
C ASP B 291 25.44 19.18 37.53
N GLU B 292 24.43 19.76 38.18
CA GLU B 292 23.04 19.44 37.90
C GLU B 292 22.70 19.56 36.41
N ILE B 293 23.28 20.57 35.76
CA ILE B 293 23.03 20.79 34.33
C ILE B 293 24.08 20.10 33.47
N PHE B 294 23.62 19.27 32.55
CA PHE B 294 24.51 18.56 31.63
C PHE B 294 23.75 18.09 30.40
N THR B 295 24.31 17.12 29.68
CA THR B 295 23.69 16.59 28.48
C THR B 295 23.66 15.06 28.51
N ILE B 296 22.48 14.48 28.29
CA ILE B 296 22.34 13.04 28.28
C ILE B 296 23.28 12.45 27.24
N GLU B 297 23.57 13.25 26.22
CA GLU B 297 24.47 12.84 25.14
C GLU B 297 25.88 12.63 25.68
N GLU B 298 26.47 13.68 26.23
CA GLU B 298 27.82 13.62 26.78
C GLU B 298 27.87 12.70 28.00
N LYS B 299 26.71 12.31 28.50
CA LYS B 299 26.63 11.44 29.65
C LYS B 299 26.27 10.02 29.24
N LEU B 300 26.60 9.68 27.99
CA LEU B 300 26.31 8.35 27.47
C LEU B 300 27.47 7.41 27.80
N GLN B 301 28.69 7.86 27.53
CA GLN B 301 29.88 7.06 27.80
C GLN B 301 30.20 7.11 29.29
N SER B 302 29.52 8.00 30.00
CA SER B 302 29.72 8.16 31.43
C SER B 302 28.52 7.58 32.18
N PHE B 303 27.49 7.21 31.43
CA PHE B 303 26.28 6.63 32.00
C PHE B 303 26.57 5.27 32.63
N ASP B 304 26.32 5.17 33.93
CA ASP B 304 26.55 3.92 34.66
C ASP B 304 25.25 3.44 35.29
N PRO B 305 24.77 2.24 34.91
CA PRO B 305 23.54 1.66 35.45
C PRO B 305 23.61 1.44 36.95
N LYS B 306 24.63 1.99 37.59
CA LYS B 306 24.81 1.86 39.03
C LYS B 306 24.66 3.22 39.72
N ASP B 307 24.19 4.21 38.96
CA ASP B 307 24.00 5.56 39.49
C ASP B 307 22.56 5.76 39.94
N ILE B 308 21.65 4.96 39.40
CA ILE B 308 20.24 5.06 39.75
C ILE B 308 20.04 4.82 41.24
N SER B 309 19.25 5.68 41.87
CA SER B 309 18.98 5.55 43.30
C SER B 309 18.08 4.35 43.56
N ASN B 310 18.41 3.58 44.59
CA ASN B 310 17.63 2.40 44.95
C ASN B 310 16.30 2.83 45.55
N LYS B 311 16.05 4.13 45.52
CA LYS B 311 14.82 4.71 46.07
C LYS B 311 13.95 5.30 44.97
N GLY B 312 12.68 5.54 45.27
CA GLY B 312 11.78 6.13 44.30
C GLY B 312 11.98 7.62 44.30
N VAL B 313 11.32 8.32 43.37
CA VAL B 313 11.46 9.77 43.30
C VAL B 313 10.15 10.45 42.92
N ILE B 314 9.89 11.60 43.53
CA ILE B 314 8.68 12.36 43.26
C ILE B 314 8.98 13.43 42.21
N PHE B 315 8.09 13.55 41.24
CA PHE B 315 8.26 14.53 40.17
C PHE B 315 8.14 15.94 40.75
N ASP B 316 8.73 16.91 40.08
CA ASP B 316 8.68 18.30 40.54
C ASP B 316 8.55 19.25 39.37
N TYR B 317 7.36 19.81 39.20
CA TYR B 317 7.08 20.74 38.11
C TYR B 317 7.89 22.02 38.25
N GLN B 318 8.24 22.38 39.49
CA GLN B 318 9.01 23.58 39.75
C GLN B 318 10.51 23.35 39.54
N LYS B 319 10.99 22.18 39.92
CA LYS B 319 12.40 21.85 39.76
C LYS B 319 12.67 21.62 38.28
N LEU B 320 11.68 21.05 37.59
CA LEU B 320 11.80 20.80 36.16
C LEU B 320 11.89 22.13 35.45
N GLU B 321 11.29 23.16 36.06
CA GLU B 321 11.29 24.50 35.50
C GLU B 321 12.71 25.07 35.54
N TRP B 322 13.39 24.89 36.66
CA TRP B 322 14.75 25.38 36.82
C TRP B 322 15.66 24.80 35.74
N VAL B 323 15.67 23.47 35.64
CA VAL B 323 16.48 22.77 34.66
C VAL B 323 16.28 23.41 33.28
N ASN B 324 15.06 23.30 32.77
CA ASN B 324 14.71 23.85 31.48
C ASN B 324 15.00 25.35 31.45
N GLY B 325 14.81 26.00 32.59
CA GLY B 325 15.07 27.42 32.69
C GLY B 325 16.51 27.77 32.37
N LYS B 326 17.41 26.81 32.61
CA LYS B 326 18.83 27.01 32.35
C LYS B 326 19.17 26.62 30.92
N HIS B 327 18.88 25.38 30.55
CA HIS B 327 19.16 24.87 29.21
C HIS B 327 18.80 25.91 28.14
N MET B 328 17.71 26.63 28.35
CA MET B 328 17.28 27.65 27.41
C MET B 328 18.35 28.72 27.30
N ARG B 329 18.44 29.56 28.34
CA ARG B 329 19.42 30.63 28.37
C ARG B 329 20.82 30.11 28.67
N ARG B 330 21.18 29.00 28.05
CA ARG B 330 22.50 28.39 28.23
C ARG B 330 22.98 27.80 26.91
N ILE B 331 22.06 27.58 25.98
CA ILE B 331 22.40 27.02 24.68
C ILE B 331 22.68 28.12 23.66
N ASP B 332 23.14 27.70 22.47
CA ASP B 332 23.47 28.63 21.40
C ASP B 332 22.30 29.55 21.05
N LEU B 333 22.61 30.63 20.35
CA LEU B 333 21.60 31.61 19.94
C LEU B 333 20.67 31.02 18.88
N GLU B 334 21.23 30.73 17.71
CA GLU B 334 20.45 30.18 16.61
C GLU B 334 19.89 28.80 16.95
N ASP B 335 20.36 28.22 18.04
CA ASP B 335 19.91 26.91 18.47
C ASP B 335 18.49 26.98 19.04
N LEU B 336 18.28 27.88 19.99
CA LEU B 336 16.98 28.04 20.61
C LEU B 336 15.94 28.63 19.66
N LYS B 337 16.39 29.48 18.74
CA LYS B 337 15.48 30.07 17.77
C LYS B 337 14.71 28.97 17.06
N ARG B 338 15.44 27.93 16.66
CA ARG B 338 14.85 26.80 15.97
C ARG B 338 13.83 26.13 16.89
N GLU B 339 14.23 25.91 18.14
CA GLU B 339 13.37 25.28 19.14
C GLU B 339 12.07 26.06 19.29
N PHE B 340 12.17 27.38 19.40
CA PHE B 340 11.00 28.23 19.55
C PHE B 340 10.08 28.08 18.35
N ILE B 341 10.68 27.88 17.17
CA ILE B 341 9.91 27.70 15.95
C ILE B 341 9.29 26.31 15.95
N GLU B 342 10.04 25.34 16.45
CA GLU B 342 9.56 23.96 16.53
C GLU B 342 8.33 23.91 17.45
N TRP B 343 8.41 24.62 18.56
CA TRP B 343 7.32 24.67 19.53
C TRP B 343 6.16 25.53 19.02
N ALA B 344 6.51 26.68 18.44
CA ALA B 344 5.52 27.61 17.91
C ALA B 344 4.35 26.88 17.27
N LYS B 345 4.66 26.09 16.24
CA LYS B 345 3.64 25.34 15.51
C LYS B 345 3.19 24.12 16.30
N TYR B 346 4.11 23.57 17.10
CA TYR B 346 3.82 22.39 17.91
C TYR B 346 2.67 22.74 18.87
N ALA B 347 2.66 23.99 19.31
CA ALA B 347 1.62 24.48 20.21
C ALA B 347 0.62 25.29 19.40
N GLY B 348 0.89 25.41 18.10
CA GLY B 348 0.01 26.16 17.23
C GLY B 348 0.23 27.65 17.32
N LYS B 349 -0.01 28.21 18.50
CA LYS B 349 0.15 29.64 18.73
C LYS B 349 1.55 30.15 18.38
N GLU B 350 1.60 31.29 17.69
CA GLU B 350 2.86 31.90 17.30
C GLU B 350 2.60 33.17 16.49
N ILE B 351 3.56 34.09 16.49
CA ILE B 351 3.43 35.33 15.75
C ILE B 351 4.38 35.36 14.56
N PRO B 352 3.86 35.65 13.36
CA PRO B 352 4.65 35.72 12.12
C PRO B 352 6.00 36.42 12.30
N SER B 353 7.05 35.79 11.77
CA SER B 353 8.39 36.34 11.85
C SER B 353 9.00 36.50 10.46
N VAL B 354 9.78 37.55 10.27
CA VAL B 354 10.42 37.82 8.98
C VAL B 354 11.83 38.38 9.18
N ASP B 355 12.12 38.85 10.39
CA ASP B 355 13.42 39.41 10.71
C ASP B 355 14.33 38.36 11.33
N GLU B 356 15.64 38.50 11.09
CA GLU B 356 16.62 37.57 11.63
C GLU B 356 17.60 38.30 12.54
N ARG B 357 17.44 39.62 12.63
CA ARG B 357 18.31 40.43 13.46
C ARG B 357 17.50 40.96 14.65
N TYR B 358 16.31 41.45 14.36
CA TYR B 358 15.43 41.97 15.41
C TYR B 358 14.82 40.79 16.16
N PHE B 359 14.36 39.80 15.42
CA PHE B 359 13.76 38.60 16.00
C PHE B 359 14.80 37.81 16.78
N SER B 360 16.07 38.14 16.54
CA SER B 360 17.17 37.45 17.22
C SER B 360 17.53 38.14 18.53
N GLU B 361 17.60 39.47 18.50
CA GLU B 361 17.94 40.25 19.69
C GLU B 361 16.85 40.19 20.76
N THR B 362 15.62 40.48 20.37
CA THR B 362 14.49 40.46 21.29
C THR B 362 14.49 39.19 22.13
N LEU B 363 14.76 38.05 21.48
CA LEU B 363 14.78 36.77 22.16
C LEU B 363 16.02 36.64 23.04
N ARG B 364 17.14 37.17 22.57
CA ARG B 364 18.40 37.12 23.31
C ARG B 364 18.31 37.98 24.57
N ILE B 365 17.23 38.74 24.68
CA ILE B 365 17.02 39.61 25.83
C ILE B 365 15.96 39.02 26.76
N CYS B 366 14.98 38.34 26.18
CA CYS B 366 13.90 37.73 26.93
C CYS B 366 14.25 36.35 27.51
N ARG B 367 14.83 35.49 26.70
CA ARG B 367 15.20 34.15 27.14
C ARG B 367 16.00 34.19 28.45
N GLU B 368 16.69 35.30 28.67
CA GLU B 368 17.50 35.47 29.86
C GLU B 368 16.65 35.62 31.13
N LYS B 369 15.37 35.91 30.96
CA LYS B 369 14.47 36.09 32.09
C LYS B 369 13.22 35.22 32.00
N VAL B 370 13.39 33.94 31.66
CA VAL B 370 12.27 33.01 31.54
C VAL B 370 12.68 31.60 31.96
N ASN B 371 11.71 30.70 31.99
CA ASN B 371 11.96 29.32 32.37
C ASN B 371 11.28 28.32 31.42
N THR B 372 10.31 28.79 30.66
CA THR B 372 9.60 27.93 29.72
C THR B 372 9.32 28.68 28.41
N LEU B 373 9.39 27.96 27.30
CA LEU B 373 9.14 28.56 25.99
C LEU B 373 7.77 29.23 25.95
N SER B 374 6.81 28.63 26.65
CA SER B 374 5.46 29.18 26.71
C SER B 374 5.51 30.60 27.25
N GLN B 375 6.11 30.76 28.43
CA GLN B 375 6.24 32.07 29.05
C GLN B 375 6.99 33.01 28.12
N LEU B 376 7.96 32.46 27.38
CA LEU B 376 8.75 33.24 26.45
C LEU B 376 7.84 33.94 25.46
N TYR B 377 7.09 33.15 24.69
CA TYR B 377 6.17 33.68 23.70
C TYR B 377 5.28 34.78 24.28
N ASP B 378 5.11 34.75 25.59
CA ASP B 378 4.28 35.76 26.26
C ASP B 378 5.03 37.08 26.41
N ILE B 379 6.32 37.00 26.69
CA ILE B 379 7.14 38.20 26.85
C ILE B 379 7.64 38.69 25.50
N MET B 380 7.43 37.87 24.47
CA MET B 380 7.86 38.21 23.13
C MET B 380 6.74 38.87 22.33
N TYR B 381 5.53 38.80 22.86
CA TYR B 381 4.36 39.38 22.19
C TYR B 381 4.52 40.88 21.97
N PRO B 382 4.84 41.65 23.02
CA PRO B 382 5.01 43.10 22.88
C PRO B 382 6.19 43.50 22.01
N PHE B 383 6.93 42.52 21.50
CA PHE B 383 8.08 42.77 20.65
C PHE B 383 7.73 42.55 19.18
N MET B 384 7.00 41.48 18.90
CA MET B 384 6.61 41.15 17.54
C MET B 384 5.18 41.59 17.24
N ASN B 385 4.56 42.26 18.19
CA ASN B 385 3.19 42.73 18.03
C ASN B 385 3.00 44.12 18.65
N ASP B 386 2.28 44.97 17.95
CA ASP B 386 2.03 46.33 18.41
C ASP B 386 0.68 46.47 19.09
N ASP B 387 0.05 45.35 19.40
CA ASP B 387 -1.25 45.35 20.06
C ASP B 387 -1.16 44.77 21.47
N TYR B 388 -0.01 44.98 22.11
CA TYR B 388 0.21 44.48 23.45
C TYR B 388 -0.86 45.01 24.41
N GLU B 389 -1.33 44.14 25.29
CA GLU B 389 -2.37 44.51 26.24
C GLU B 389 -1.76 44.92 27.57
N TYR B 390 -2.09 46.12 28.02
CA TYR B 390 -1.57 46.66 29.28
C TYR B 390 -2.07 45.82 30.46
N GLU B 391 -1.14 45.35 31.28
CA GLU B 391 -1.50 44.54 32.43
C GLU B 391 -2.31 45.35 33.44
N LYS B 392 -3.26 44.68 34.09
CA LYS B 392 -4.13 45.32 35.07
C LYS B 392 -3.31 46.00 36.17
N ASP B 393 -2.34 45.27 36.71
CA ASP B 393 -1.48 45.79 37.78
C ASP B 393 -0.90 47.15 37.41
N TYR B 394 -0.19 47.20 36.29
CA TYR B 394 0.43 48.43 35.81
C TYR B 394 -0.58 49.58 35.75
N VAL B 395 -1.61 49.39 34.94
CA VAL B 395 -2.65 50.40 34.76
C VAL B 395 -3.11 51.04 36.07
N GLU B 396 -3.35 50.22 37.08
CA GLU B 396 -3.80 50.71 38.38
C GLU B 396 -2.67 51.26 39.26
N LYS B 397 -1.60 50.49 39.37
CA LYS B 397 -0.46 50.86 40.21
C LYS B 397 0.32 52.09 39.74
N PHE B 398 0.55 52.20 38.44
CA PHE B 398 1.32 53.33 37.92
C PHE B 398 0.58 54.22 36.92
N LEU B 399 0.16 53.64 35.80
CA LEU B 399 -0.54 54.39 34.77
C LEU B 399 -1.63 55.29 35.33
N LYS B 400 -2.21 54.91 36.45
CA LYS B 400 -3.28 55.69 37.07
C LYS B 400 -2.76 56.58 38.20
N ARG B 401 -1.48 56.90 38.16
CA ARG B 401 -0.87 57.75 39.19
C ARG B 401 -1.04 59.23 38.84
N GLU B 402 -1.24 60.04 39.86
CA GLU B 402 -1.42 61.48 39.69
C GLU B 402 -0.26 62.09 38.90
N GLU B 403 0.95 61.95 39.43
CA GLU B 403 2.14 62.48 38.79
C GLU B 403 2.70 61.50 37.76
N ALA B 404 1.90 61.20 36.73
CA ALA B 404 2.33 60.28 35.68
C ALA B 404 2.29 60.95 34.31
N GLU B 405 1.51 62.02 34.20
CA GLU B 405 1.39 62.75 32.94
C GLU B 405 2.73 63.29 32.47
N ARG B 406 3.27 64.26 33.22
CA ARG B 406 4.55 64.86 32.88
C ARG B 406 5.67 63.85 32.87
N VAL B 407 5.39 62.65 33.38
CA VAL B 407 6.40 61.58 33.41
C VAL B 407 6.39 60.85 32.08
N LEU B 408 5.24 60.89 31.41
CA LEU B 408 5.09 60.24 30.11
C LEU B 408 5.31 61.28 29.01
N GLU B 409 5.78 62.45 29.42
CA GLU B 409 6.06 63.54 28.49
C GLU B 409 7.53 63.91 28.61
N GLU B 410 7.97 64.16 29.83
CA GLU B 410 9.37 64.52 30.09
C GLU B 410 10.27 63.39 29.64
N ALA B 411 9.73 62.17 29.62
CA ALA B 411 10.47 60.99 29.21
C ALA B 411 10.44 60.86 27.68
N LYS B 412 9.29 61.16 27.10
CA LYS B 412 9.13 61.07 25.65
C LYS B 412 10.05 62.07 24.96
N LYS B 413 10.07 63.30 25.46
CA LYS B 413 10.91 64.35 24.92
C LYS B 413 12.36 63.89 24.88
N ALA B 414 12.84 63.39 26.02
CA ALA B 414 14.21 62.91 26.12
C ALA B 414 14.48 61.84 25.06
N PHE B 415 13.60 60.84 25.00
CA PHE B 415 13.74 59.76 24.04
C PHE B 415 13.50 60.27 22.61
N LYS B 416 13.07 61.53 22.51
CA LYS B 416 12.81 62.14 21.22
C LYS B 416 14.02 62.95 20.77
N ASP B 417 14.91 63.25 21.72
CA ASP B 417 16.11 64.02 21.44
C ASP B 417 17.37 63.22 21.80
N LEU B 418 17.71 62.24 20.97
CA LEU B 418 18.88 61.41 21.21
C LEU B 418 19.44 60.85 19.91
N ASN B 419 20.62 61.32 19.52
CA ASN B 419 21.26 60.84 18.30
C ASN B 419 21.71 59.40 18.52
N SER B 420 22.43 59.17 19.61
CA SER B 420 22.90 57.84 19.95
C SER B 420 21.78 57.11 20.68
N TRP B 421 21.95 55.81 20.92
CA TRP B 421 20.92 55.04 21.59
C TRP B 421 21.42 53.68 22.06
N ASN B 422 21.74 53.58 23.34
CA ASN B 422 22.22 52.34 23.92
C ASN B 422 21.70 52.17 25.35
N MET B 423 22.54 51.61 26.22
CA MET B 423 22.16 51.38 27.61
C MET B 423 22.62 52.52 28.53
N GLU B 424 23.94 52.69 28.64
CA GLU B 424 24.51 53.72 29.49
C GLU B 424 23.90 55.09 29.20
N GLU B 425 23.47 55.31 27.96
CA GLU B 425 22.87 56.57 27.55
C GLU B 425 21.52 56.76 28.24
N ILE B 426 20.63 55.79 28.05
CA ILE B 426 19.30 55.83 28.64
C ILE B 426 19.37 55.64 30.16
N GLU B 427 20.42 54.95 30.61
CA GLU B 427 20.61 54.69 32.03
C GLU B 427 20.72 55.99 32.82
N LYS B 428 21.20 57.04 32.16
CA LYS B 428 21.36 58.34 32.80
C LYS B 428 20.20 59.26 32.46
N THR B 429 19.54 58.99 31.34
CA THR B 429 18.41 59.80 30.91
C THR B 429 17.33 59.84 31.99
N LEU B 430 17.04 58.69 32.57
CA LEU B 430 16.03 58.59 33.62
C LEU B 430 16.66 58.77 35.00
N ARG B 431 17.99 58.77 35.05
CA ARG B 431 18.71 58.94 36.30
C ARG B 431 18.49 60.36 36.82
N ASP B 432 18.08 61.25 35.93
CA ASP B 432 17.81 62.65 36.29
C ASP B 432 16.31 62.88 36.40
N LEU B 433 15.55 62.15 35.59
CA LEU B 433 14.09 62.27 35.60
C LEU B 433 13.55 61.98 36.99
N SER B 434 14.27 61.15 37.74
CA SER B 434 13.87 60.79 39.08
C SER B 434 14.36 61.84 40.07
N GLU B 435 15.32 62.64 39.65
CA GLU B 435 15.88 63.69 40.47
C GLU B 435 15.20 65.02 40.19
N LYS B 436 14.28 65.02 39.22
CA LYS B 436 13.55 66.22 38.85
C LYS B 436 12.34 66.39 39.76
N GLY B 437 12.24 65.51 40.76
CA GLY B 437 11.13 65.57 41.69
C GLY B 437 9.80 65.26 41.03
N LEU B 438 9.84 64.98 39.73
CA LEU B 438 8.63 64.67 38.98
C LEU B 438 8.07 63.32 39.41
N ALA B 439 8.90 62.51 40.04
CA ALA B 439 8.48 61.19 40.51
C ALA B 439 9.54 60.58 41.42
N SER B 440 10.15 59.48 40.96
CA SER B 440 11.18 58.79 41.73
C SER B 440 11.83 57.72 40.86
N LYS B 441 13.06 57.33 41.20
CA LYS B 441 13.77 56.32 40.45
C LYS B 441 13.21 54.93 40.73
N LYS B 442 11.89 54.81 40.68
CA LYS B 442 11.19 53.57 40.92
C LYS B 442 9.90 53.58 40.10
N VAL B 443 9.20 54.70 40.16
CA VAL B 443 7.96 54.88 39.44
C VAL B 443 8.24 55.16 37.96
N VAL B 444 9.29 55.95 37.72
CA VAL B 444 9.68 56.30 36.37
C VAL B 444 10.11 55.06 35.58
N PHE B 445 10.90 54.21 36.21
CA PHE B 445 11.38 52.99 35.58
C PHE B 445 10.24 52.05 35.22
N GLN B 446 9.17 52.10 36.00
CA GLN B 446 8.00 51.24 35.76
C GLN B 446 7.06 51.88 34.74
N LEU B 447 6.84 53.19 34.88
CA LEU B 447 5.97 53.91 33.97
C LEU B 447 6.49 53.79 32.54
N ILE B 448 7.79 53.54 32.42
CA ILE B 448 8.42 53.39 31.12
C ILE B 448 8.49 51.92 30.73
N ARG B 449 8.71 51.07 31.72
CA ARG B 449 8.80 49.63 31.48
C ARG B 449 7.52 49.16 30.80
N GLY B 450 6.38 49.45 31.42
CA GLY B 450 5.12 49.04 30.86
C GLY B 450 4.62 50.03 29.81
N ALA B 451 5.39 51.09 29.59
CA ALA B 451 5.02 52.11 28.62
C ALA B 451 5.06 51.56 27.20
N VAL B 452 5.93 50.57 26.97
CA VAL B 452 6.07 49.97 25.65
C VAL B 452 5.66 48.50 25.64
N THR B 453 5.83 47.83 26.77
CA THR B 453 5.49 46.41 26.87
C THR B 453 4.21 46.18 27.68
N GLY B 454 3.73 47.24 28.32
CA GLY B 454 2.52 47.12 29.12
C GLY B 454 2.67 46.06 30.19
N LYS B 455 3.89 45.89 30.67
CA LYS B 455 4.18 44.90 31.71
C LYS B 455 5.03 45.50 32.82
N LEU B 456 4.99 44.87 33.99
CA LEU B 456 5.76 45.33 35.14
C LEU B 456 6.98 44.43 35.31
N VAL B 457 6.98 43.31 34.62
CA VAL B 457 8.09 42.36 34.69
C VAL B 457 8.64 42.10 33.29
N THR B 458 9.81 42.68 33.01
CA THR B 458 10.46 42.53 31.71
C THR B 458 11.98 42.52 31.91
N PRO B 459 12.74 42.24 30.83
CA PRO B 459 14.20 42.22 30.96
C PRO B 459 14.78 43.61 31.20
N GLY B 460 16.04 43.81 30.82
CA GLY B 460 16.67 45.10 31.01
C GLY B 460 15.86 46.25 30.46
N LEU B 461 15.57 47.23 31.31
CA LEU B 461 14.79 48.39 30.90
C LEU B 461 15.57 49.23 29.89
N PHE B 462 16.86 49.44 30.18
CA PHE B 462 17.72 50.22 29.31
C PHE B 462 18.19 49.35 28.15
N GLU B 463 17.59 48.17 28.04
CA GLU B 463 17.94 47.22 27.00
C GLU B 463 16.74 46.96 26.09
N THR B 464 15.54 47.03 26.66
CA THR B 464 14.31 46.81 25.91
C THR B 464 14.02 48.03 25.04
N ILE B 465 14.59 49.17 25.41
CA ILE B 465 14.40 50.41 24.68
C ILE B 465 15.31 50.46 23.46
N GLU B 466 16.51 49.92 23.59
CA GLU B 466 17.48 49.90 22.49
C GLU B 466 16.95 49.01 21.36
N VAL B 467 16.49 47.83 21.71
CA VAL B 467 15.97 46.88 20.72
C VAL B 467 14.81 47.53 19.97
N LEU B 468 14.20 48.54 20.59
CA LEU B 468 13.08 49.25 19.98
C LEU B 468 13.60 50.47 19.23
N GLY B 469 14.89 50.44 18.93
CA GLY B 469 15.50 51.55 18.20
C GLY B 469 15.22 52.89 18.84
N LYS B 470 14.28 53.63 18.26
CA LYS B 470 13.91 54.94 18.78
C LYS B 470 12.48 55.27 18.35
N GLU B 471 12.10 54.80 17.17
CA GLU B 471 10.77 55.04 16.63
C GLU B 471 9.73 54.32 17.49
N ARG B 472 9.88 53.01 17.61
CA ARG B 472 8.95 52.19 18.40
C ARG B 472 8.67 52.85 19.76
N THR B 473 9.70 53.43 20.34
CA THR B 473 9.57 54.08 21.64
C THR B 473 8.52 55.20 21.62
N LEU B 474 8.85 56.29 20.94
CA LEU B 474 7.95 57.43 20.83
C LEU B 474 6.55 56.99 20.35
N LYS B 475 6.53 56.11 19.37
CA LYS B 475 5.28 55.62 18.80
C LYS B 475 4.36 55.02 19.87
N ARG B 476 4.95 54.35 20.85
CA ARG B 476 4.18 53.73 21.92
C ARG B 476 4.00 54.63 23.13
N LEU B 477 4.94 55.56 23.34
CA LEU B 477 4.85 56.48 24.46
C LEU B 477 3.67 57.42 24.25
N GLU B 478 3.22 57.51 23.01
CA GLU B 478 2.08 58.35 22.65
C GLU B 478 0.80 57.53 22.84
N ARG B 479 0.90 56.24 22.54
CA ARG B 479 -0.24 55.33 22.66
C ARG B 479 -0.72 55.29 24.11
N THR B 480 0.22 55.10 25.03
CA THR B 480 -0.09 55.04 26.45
C THR B 480 -0.86 56.28 26.88
N LEU B 481 -0.34 57.44 26.50
CA LEU B 481 -0.97 58.72 26.84
C LEU B 481 -2.44 58.70 26.44
N GLN B 482 -2.70 58.38 25.18
CA GLN B 482 -4.06 58.33 24.67
C GLN B 482 -4.84 57.25 25.42
N PHE B 483 -4.20 56.11 25.63
CA PHE B 483 -4.81 55.00 26.35
C PHE B 483 -5.18 55.46 27.74
N LEU B 484 -4.37 56.34 28.31
CA LEU B 484 -4.59 56.88 29.65
C LEU B 484 -5.84 57.75 29.69
N LYS B 485 -6.01 58.58 28.68
CA LYS B 485 -7.16 59.48 28.61
C LYS B 485 -8.46 58.68 28.43
N LYS B 486 -8.32 57.36 28.33
CA LYS B 486 -9.46 56.48 28.15
C LYS B 486 -10.19 56.76 26.84
N LEU C 24 -28.78 -0.77 -57.48
CA LEU C 24 -27.68 0.10 -57.99
C LEU C 24 -26.53 0.15 -56.99
N VAL C 25 -26.65 -0.61 -55.92
CA VAL C 25 -25.62 -0.66 -54.88
C VAL C 25 -24.31 -1.22 -55.41
N ARG C 26 -23.19 -0.70 -54.90
CA ARG C 26 -21.87 -1.13 -55.30
C ARG C 26 -20.85 -1.04 -54.18
N VAL C 27 -20.26 -2.20 -53.84
CA VAL C 27 -19.25 -2.29 -52.80
C VAL C 27 -18.16 -3.23 -53.29
N ARG C 28 -16.91 -2.92 -52.96
CA ARG C 28 -15.80 -3.76 -53.40
C ARG C 28 -14.72 -3.94 -52.34
N PHE C 29 -13.89 -4.95 -52.54
CA PHE C 29 -12.79 -5.27 -51.64
C PHE C 29 -11.51 -5.18 -52.48
N ALA C 30 -10.75 -4.10 -52.29
CA ALA C 30 -9.53 -3.89 -53.06
C ALA C 30 -8.27 -4.08 -52.22
N PRO C 31 -7.90 -5.33 -51.94
CA PRO C 31 -6.70 -5.62 -51.14
C PRO C 31 -5.43 -5.59 -51.99
N SER C 32 -4.37 -5.04 -51.43
CA SER C 32 -3.09 -4.96 -52.12
C SER C 32 -2.44 -6.34 -52.07
N PRO C 33 -2.10 -6.91 -53.23
CA PRO C 33 -1.47 -8.23 -53.28
C PRO C 33 -0.03 -8.20 -52.78
N THR C 34 0.16 -7.72 -51.56
CA THR C 34 1.48 -7.62 -50.95
C THR C 34 1.81 -8.84 -50.09
N GLY C 35 0.86 -9.75 -49.95
CA GLY C 35 1.10 -10.93 -49.15
C GLY C 35 0.01 -12.00 -49.27
N HIS C 36 -0.48 -12.46 -48.12
CA HIS C 36 -1.53 -13.47 -48.08
C HIS C 36 -2.68 -13.01 -47.20
N LEU C 37 -3.90 -13.41 -47.57
CA LEU C 37 -5.09 -13.02 -46.83
C LEU C 37 -4.97 -13.17 -45.31
N HIS C 38 -5.20 -12.06 -44.62
CA HIS C 38 -5.14 -11.99 -43.17
C HIS C 38 -6.57 -11.86 -42.64
N VAL C 39 -6.90 -12.60 -41.59
CA VAL C 39 -8.25 -12.55 -41.03
C VAL C 39 -8.80 -11.13 -40.95
N GLY C 40 -7.92 -10.17 -40.68
CA GLY C 40 -8.34 -8.78 -40.59
C GLY C 40 -8.97 -8.33 -41.90
N GLY C 41 -8.42 -8.81 -43.01
CA GLY C 41 -8.95 -8.46 -44.31
C GLY C 41 -10.11 -9.37 -44.68
N ALA C 42 -10.05 -10.62 -44.21
CA ALA C 42 -11.09 -11.59 -44.48
C ALA C 42 -12.40 -11.12 -43.85
N ARG C 43 -12.31 -10.57 -42.64
CA ARG C 43 -13.48 -10.06 -41.94
C ARG C 43 -14.03 -8.86 -42.68
N THR C 44 -13.13 -7.95 -43.08
CA THR C 44 -13.52 -6.76 -43.80
C THR C 44 -14.15 -7.15 -45.14
N ALA C 45 -13.62 -8.22 -45.73
CA ALA C 45 -14.12 -8.71 -47.01
C ALA C 45 -15.42 -9.47 -46.80
N LEU C 46 -15.82 -9.62 -45.54
CA LEU C 46 -17.04 -10.32 -45.19
C LEU C 46 -18.22 -9.36 -45.07
N PHE C 47 -17.99 -8.23 -44.41
CA PHE C 47 -19.05 -7.24 -44.24
C PHE C 47 -19.42 -6.59 -45.57
N ASN C 48 -18.45 -6.48 -46.46
CA ASN C 48 -18.70 -5.89 -47.77
C ASN C 48 -19.53 -6.84 -48.62
N TRP C 49 -19.15 -8.11 -48.60
CA TRP C 49 -19.87 -9.13 -49.37
C TRP C 49 -21.31 -9.26 -48.90
N MET C 50 -21.47 -9.60 -47.61
CA MET C 50 -22.81 -9.75 -47.04
C MET C 50 -23.69 -8.55 -47.37
N PHE C 51 -23.14 -7.36 -47.22
CA PHE C 51 -23.88 -6.13 -47.52
C PHE C 51 -24.53 -6.23 -48.89
N ALA C 52 -23.71 -6.48 -49.91
CA ALA C 52 -24.19 -6.60 -51.28
C ALA C 52 -25.24 -7.69 -51.36
N ARG C 53 -25.02 -8.77 -50.62
CA ARG C 53 -25.95 -9.90 -50.61
C ARG C 53 -27.19 -9.57 -49.77
N LYS C 54 -27.15 -8.44 -49.07
CA LYS C 54 -28.26 -8.02 -48.23
C LYS C 54 -29.14 -7.03 -48.98
N GLU C 55 -28.52 -6.05 -49.62
CA GLU C 55 -29.25 -5.04 -50.38
C GLU C 55 -29.54 -5.55 -51.78
N GLY C 56 -28.48 -5.98 -52.47
CA GLY C 56 -28.64 -6.49 -53.82
C GLY C 56 -27.67 -5.86 -54.79
N GLY C 57 -26.67 -5.17 -54.26
CA GLY C 57 -25.68 -4.51 -55.10
C GLY C 57 -24.79 -5.50 -55.82
N LYS C 58 -23.52 -5.13 -55.97
CA LYS C 58 -22.55 -5.98 -56.65
C LYS C 58 -21.18 -5.92 -55.99
N PHE C 59 -20.73 -7.07 -55.50
CA PHE C 59 -19.43 -7.17 -54.84
C PHE C 59 -18.34 -7.27 -55.91
N ILE C 60 -17.48 -6.25 -55.97
CA ILE C 60 -16.39 -6.22 -56.94
C ILE C 60 -15.05 -6.50 -56.26
N LEU C 61 -14.12 -7.08 -57.00
CA LEU C 61 -12.80 -7.39 -56.46
C LEU C 61 -11.70 -6.69 -57.26
N ARG C 62 -11.23 -5.56 -56.75
CA ARG C 62 -10.17 -4.81 -57.41
C ARG C 62 -8.84 -5.09 -56.73
N ILE C 63 -7.76 -4.99 -57.49
CA ILE C 63 -6.42 -5.24 -56.97
C ILE C 63 -5.57 -3.97 -56.92
N GLU C 64 -5.01 -3.69 -55.75
CA GLU C 64 -4.18 -2.52 -55.57
C GLU C 64 -2.71 -2.84 -55.81
N ASP C 65 -2.43 -3.42 -56.97
CA ASP C 65 -1.06 -3.78 -57.33
C ASP C 65 -0.31 -2.52 -57.79
N THR C 66 -0.55 -1.43 -57.09
CA THR C 66 0.07 -0.14 -57.41
C THR C 66 1.59 -0.19 -57.25
N ASP C 67 2.06 -0.58 -56.07
CA ASP C 67 3.49 -0.65 -55.81
C ASP C 67 4.11 -1.80 -56.62
N THR C 68 5.27 -1.54 -57.21
CA THR C 68 5.94 -2.55 -58.03
C THR C 68 7.15 -3.16 -57.34
N GLU C 69 7.27 -2.93 -56.04
CA GLU C 69 8.38 -3.48 -55.27
C GLU C 69 7.89 -4.21 -54.02
N ARG C 70 6.60 -4.51 -53.99
CA ARG C 70 6.00 -5.21 -52.86
C ARG C 70 4.81 -6.05 -53.32
N SER C 71 4.22 -5.66 -54.45
CA SER C 71 3.07 -6.37 -55.00
C SER C 71 3.50 -7.25 -56.17
N SER C 72 3.42 -8.56 -55.97
CA SER C 72 3.79 -9.51 -57.02
C SER C 72 2.64 -10.46 -57.32
N ARG C 73 2.66 -11.06 -58.51
CA ARG C 73 1.63 -12.00 -58.93
C ARG C 73 1.55 -13.16 -57.95
N GLU C 74 2.70 -13.51 -57.37
CA GLU C 74 2.79 -14.62 -56.43
C GLU C 74 1.92 -14.40 -55.20
N TYR C 75 2.03 -13.22 -54.60
CA TYR C 75 1.26 -12.90 -53.40
C TYR C 75 -0.18 -12.49 -53.71
N GLU C 76 -0.64 -12.78 -54.94
CA GLU C 76 -1.99 -12.45 -55.33
C GLU C 76 -2.82 -13.72 -55.50
N GLN C 77 -2.25 -14.67 -56.25
CA GLN C 77 -2.92 -15.94 -56.49
C GLN C 77 -3.13 -16.68 -55.18
N GLN C 78 -2.33 -16.34 -54.18
CA GLN C 78 -2.42 -16.96 -52.87
C GLN C 78 -3.49 -16.30 -52.02
N ILE C 79 -4.10 -15.25 -52.56
CA ILE C 79 -5.16 -14.52 -51.87
C ILE C 79 -6.52 -14.78 -52.50
N LEU C 80 -6.54 -14.85 -53.83
CA LEU C 80 -7.78 -15.09 -54.56
C LEU C 80 -8.40 -16.42 -54.14
N GLU C 81 -7.54 -17.38 -53.80
CA GLU C 81 -7.99 -18.70 -53.37
C GLU C 81 -8.59 -18.62 -51.97
N SER C 82 -7.86 -17.99 -51.05
CA SER C 82 -8.32 -17.84 -49.68
C SER C 82 -9.70 -17.19 -49.66
N LEU C 83 -9.90 -16.24 -50.57
CA LEU C 83 -11.17 -15.53 -50.68
C LEU C 83 -12.35 -16.45 -50.93
N ARG C 84 -12.51 -16.88 -52.18
CA ARG C 84 -13.60 -17.74 -52.57
C ARG C 84 -13.75 -18.97 -51.69
N TRP C 85 -12.67 -19.34 -51.00
CA TRP C 85 -12.69 -20.50 -50.11
C TRP C 85 -13.57 -20.19 -48.91
N CYS C 86 -13.80 -18.91 -48.66
CA CYS C 86 -14.63 -18.47 -47.54
C CYS C 86 -16.06 -18.19 -47.98
N GLY C 87 -16.35 -18.42 -49.25
CA GLY C 87 -17.68 -18.20 -49.77
C GLY C 87 -17.86 -16.78 -50.30
N LEU C 88 -16.85 -15.94 -50.07
CA LEU C 88 -16.90 -14.56 -50.53
C LEU C 88 -16.69 -14.49 -52.04
N ASP C 89 -17.75 -14.79 -52.79
CA ASP C 89 -17.69 -14.76 -54.24
C ASP C 89 -17.89 -13.35 -54.81
N TRP C 90 -16.95 -12.92 -55.64
CA TRP C 90 -17.02 -11.60 -56.25
C TRP C 90 -17.74 -11.63 -57.58
N ASP C 91 -18.27 -10.48 -58.01
CA ASP C 91 -19.01 -10.39 -59.26
C ASP C 91 -18.17 -9.81 -60.39
N GLU C 92 -17.06 -9.16 -60.02
CA GLU C 92 -16.16 -8.56 -61.00
C GLU C 92 -14.73 -8.58 -60.46
N GLY C 93 -13.77 -8.92 -61.32
CA GLY C 93 -12.39 -8.96 -60.88
C GLY C 93 -11.41 -9.41 -61.96
N PRO C 94 -10.16 -9.70 -61.58
CA PRO C 94 -9.11 -10.15 -62.51
C PRO C 94 -9.56 -11.30 -63.40
N ASP C 95 -9.84 -12.44 -62.79
CA ASP C 95 -10.29 -13.63 -63.52
C ASP C 95 -11.73 -13.45 -63.99
N ILE C 96 -12.66 -13.44 -63.04
CA ILE C 96 -14.07 -13.27 -63.36
C ILE C 96 -14.27 -11.88 -63.96
N GLY C 97 -14.41 -11.84 -65.29
CA GLY C 97 -14.59 -10.58 -65.98
C GLY C 97 -15.68 -9.69 -65.43
N GLY C 98 -15.68 -8.43 -65.85
CA GLY C 98 -16.67 -7.47 -65.41
C GLY C 98 -16.77 -6.31 -66.37
N ASP C 99 -17.84 -5.52 -66.25
CA ASP C 99 -18.04 -4.37 -67.12
C ASP C 99 -17.50 -3.08 -66.52
N PHE C 100 -16.45 -3.19 -65.71
CA PHE C 100 -15.85 -2.03 -65.07
C PHE C 100 -14.37 -2.23 -64.80
N GLY C 101 -13.68 -2.89 -65.73
CA GLY C 101 -12.26 -3.14 -65.57
C GLY C 101 -11.42 -2.46 -66.64
N PRO C 102 -10.15 -2.86 -66.80
CA PRO C 102 -9.45 -3.90 -66.04
C PRO C 102 -9.43 -3.65 -64.54
N TYR C 103 -9.11 -4.69 -63.79
CA TYR C 103 -9.05 -4.60 -62.33
C TYR C 103 -7.61 -4.75 -61.84
N ARG C 104 -6.74 -3.93 -62.39
CA ARG C 104 -5.32 -3.92 -62.04
C ARG C 104 -4.76 -2.52 -62.15
N GLN C 105 -4.26 -1.99 -61.04
CA GLN C 105 -3.68 -0.65 -61.01
C GLN C 105 -2.63 -0.49 -62.11
N SER C 106 -1.84 -1.55 -62.31
CA SER C 106 -0.80 -1.53 -63.32
C SER C 106 -1.40 -1.55 -64.72
N GLU C 107 -2.57 -2.19 -64.85
CA GLU C 107 -3.25 -2.28 -66.13
C GLU C 107 -4.21 -1.11 -66.32
N ARG C 108 -3.88 0.03 -65.71
CA ARG C 108 -4.71 1.22 -65.80
C ARG C 108 -3.84 2.47 -65.82
N LEU C 109 -2.57 2.29 -66.17
CA LEU C 109 -1.61 3.38 -66.23
C LEU C 109 -2.17 4.57 -67.02
N GLU C 110 -2.58 4.31 -68.26
CA GLU C 110 -3.12 5.34 -69.12
C GLU C 110 -4.27 6.10 -68.46
N ILE C 111 -5.14 5.37 -67.78
CA ILE C 111 -6.28 5.96 -67.10
C ILE C 111 -5.84 7.02 -66.10
N TYR C 112 -5.27 6.57 -64.99
CA TYR C 112 -4.80 7.46 -63.94
C TYR C 112 -3.96 8.60 -64.50
N ARG C 113 -3.31 8.34 -65.63
CA ARG C 113 -2.45 9.33 -66.26
C ARG C 113 -3.23 10.58 -66.71
N GLU C 114 -4.32 10.38 -67.44
CA GLU C 114 -5.12 11.49 -67.92
C GLU C 114 -5.61 12.37 -66.76
N TYR C 115 -6.38 11.76 -65.88
CA TYR C 115 -6.93 12.45 -64.72
C TYR C 115 -5.87 13.20 -63.95
N ALA C 116 -4.66 12.65 -63.89
CA ALA C 116 -3.55 13.28 -63.20
C ALA C 116 -3.06 14.49 -64.01
N GLU C 117 -3.29 14.44 -65.32
CA GLU C 117 -2.90 15.52 -66.22
C GLU C 117 -3.92 16.64 -66.21
N LYS C 118 -5.19 16.26 -66.05
CA LYS C 118 -6.27 17.23 -66.03
C LYS C 118 -6.16 18.13 -64.79
N LEU C 119 -5.50 17.61 -63.76
CA LEU C 119 -5.31 18.37 -62.53
C LEU C 119 -4.14 19.34 -62.70
N VAL C 120 -2.98 18.80 -63.05
CA VAL C 120 -1.78 19.60 -63.26
C VAL C 120 -2.04 20.63 -64.35
N GLU C 121 -2.78 20.21 -65.38
CA GLU C 121 -3.13 21.10 -66.48
C GLU C 121 -4.43 21.81 -66.17
N ASP C 122 -4.52 22.39 -64.98
CA ASP C 122 -5.70 23.11 -64.54
C ASP C 122 -5.41 23.75 -63.18
N LYS C 123 -4.14 24.07 -62.96
CA LYS C 123 -3.68 24.68 -61.71
C LYS C 123 -4.23 23.98 -60.47
N ARG C 124 -4.59 22.70 -60.62
CA ARG C 124 -5.10 21.92 -59.50
C ARG C 124 -4.03 20.96 -59.01
N ALA C 125 -2.99 20.80 -59.82
CA ALA C 125 -1.87 19.93 -59.50
C ALA C 125 -0.63 20.44 -60.22
N TYR C 126 0.51 19.82 -59.97
CA TYR C 126 1.76 20.25 -60.59
C TYR C 126 2.83 19.17 -60.59
N TYR C 127 3.87 19.39 -61.38
CA TYR C 127 4.98 18.45 -61.48
C TYR C 127 6.06 18.83 -60.47
N VAL C 128 6.90 17.86 -60.13
CA VAL C 128 7.98 18.11 -59.17
C VAL C 128 9.28 17.53 -59.72
N VAL C 129 10.21 18.40 -60.10
CA VAL C 129 11.50 17.97 -60.63
C VAL C 129 12.49 17.67 -59.51
N TYR C 130 13.22 16.56 -59.67
CA TYR C 130 14.19 16.14 -58.68
C TYR C 130 15.59 16.07 -59.29
N ASP C 131 16.62 16.24 -58.45
CA ASP C 131 18.00 16.19 -58.91
C ASP C 131 18.37 14.79 -59.40
N LYS C 132 19.67 14.57 -59.61
CA LYS C 132 20.14 13.27 -60.09
C LYS C 132 21.20 12.68 -59.15
N GLU C 133 21.74 13.51 -58.27
CA GLU C 133 22.75 13.06 -57.31
C GLU C 133 22.11 12.35 -56.11
N ASP C 134 21.19 13.05 -55.46
CA ASP C 134 20.51 12.48 -54.29
C ASP C 134 19.14 11.93 -54.70
N PRO C 135 18.78 10.74 -54.19
CA PRO C 135 17.51 10.07 -54.50
C PRO C 135 16.30 11.01 -54.53
N SER C 136 15.98 11.62 -53.39
CA SER C 136 14.85 12.54 -53.29
C SER C 136 15.31 13.94 -52.93
N LYS C 137 15.89 14.65 -53.89
CA LYS C 137 16.35 16.01 -53.67
C LYS C 137 15.56 16.97 -54.54
N GLU C 138 14.33 17.25 -54.14
CA GLU C 138 13.43 18.14 -54.87
C GLU C 138 14.15 19.40 -55.35
N LEU C 139 13.91 19.74 -56.62
CA LEU C 139 14.53 20.91 -57.23
C LEU C 139 13.56 22.08 -57.28
N PHE C 140 12.40 21.87 -57.88
CA PHE C 140 11.40 22.93 -57.98
C PHE C 140 10.05 22.40 -58.46
N THR C 141 9.00 23.18 -58.22
CA THR C 141 7.65 22.81 -58.64
C THR C 141 7.32 23.50 -59.95
N THR C 142 6.30 23.01 -60.65
CA THR C 142 5.91 23.60 -61.93
C THR C 142 4.64 23.01 -62.51
N TYR C 143 4.03 23.75 -63.43
CA TYR C 143 2.80 23.31 -64.09
C TYR C 143 3.15 22.86 -65.50
N GLU C 144 4.17 23.51 -66.07
CA GLU C 144 4.61 23.18 -67.42
C GLU C 144 5.26 21.80 -67.42
N TYR C 145 5.28 21.15 -68.57
CA TYR C 145 5.86 19.82 -68.70
C TYR C 145 7.38 19.89 -68.91
N PRO C 146 8.16 19.30 -67.99
CA PRO C 146 9.61 19.28 -68.08
C PRO C 146 10.13 18.47 -69.27
N HIS C 147 10.43 19.15 -70.38
CA HIS C 147 10.92 18.48 -71.57
C HIS C 147 12.38 18.08 -71.41
N GLU C 148 13.26 19.07 -71.34
CA GLU C 148 14.69 18.81 -71.20
C GLU C 148 15.03 18.19 -69.85
N TYR C 149 14.46 18.75 -68.78
CA TYR C 149 14.70 18.26 -67.42
C TYR C 149 14.50 16.75 -67.30
N LYS C 150 13.47 16.24 -67.97
CA LYS C 150 13.21 14.81 -67.91
C LYS C 150 14.24 14.06 -68.76
N GLU C 151 14.65 14.69 -69.86
CA GLU C 151 15.63 14.09 -70.76
C GLU C 151 17.04 14.45 -70.29
N LYS C 152 17.25 14.33 -68.98
CA LYS C 152 18.55 14.62 -68.38
C LYS C 152 18.75 13.71 -67.16
N GLY C 153 17.75 12.92 -66.86
CA GLY C 153 17.83 12.01 -65.73
C GLY C 153 17.26 12.61 -64.46
N HIS C 154 16.18 13.37 -64.60
CA HIS C 154 15.53 14.02 -63.46
C HIS C 154 14.13 13.46 -63.23
N PRO C 155 13.93 12.74 -62.12
CA PRO C 155 12.62 12.16 -61.79
C PRO C 155 11.56 13.25 -61.70
N VAL C 156 10.36 12.97 -62.21
CA VAL C 156 9.27 13.93 -62.18
C VAL C 156 7.99 13.30 -61.66
N THR C 157 7.55 13.76 -60.50
CA THR C 157 6.31 13.27 -59.89
C THR C 157 5.26 14.37 -59.92
N ILE C 158 4.10 14.09 -59.36
CA ILE C 158 3.00 15.05 -59.34
C ILE C 158 2.37 15.11 -57.95
N LYS C 159 2.04 16.33 -57.51
CA LYS C 159 1.42 16.53 -56.21
C LYS C 159 0.06 17.21 -56.37
N PHE C 160 -0.76 17.14 -55.32
CA PHE C 160 -2.08 17.74 -55.34
C PHE C 160 -2.10 19.03 -54.51
N LYS C 161 -2.59 20.11 -55.10
CA LYS C 161 -2.66 21.40 -54.42
C LYS C 161 -3.70 21.40 -53.31
N VAL C 162 -3.25 21.14 -52.09
CA VAL C 162 -4.14 21.11 -50.94
C VAL C 162 -4.55 22.53 -50.56
N LEU C 163 -5.75 22.93 -50.96
CA LEU C 163 -6.26 24.26 -50.67
C LEU C 163 -6.79 24.32 -49.24
N PRO C 164 -6.98 25.53 -48.69
CA PRO C 164 -7.47 25.70 -47.32
C PRO C 164 -8.89 25.18 -47.12
N GLY C 165 -9.35 25.22 -45.87
CA GLY C 165 -10.69 24.75 -45.55
C GLY C 165 -10.71 23.61 -44.55
N LYS C 166 -11.90 23.27 -44.07
CA LYS C 166 -12.05 22.18 -43.12
C LYS C 166 -12.67 20.95 -43.78
N THR C 167 -11.85 19.94 -44.04
CA THR C 167 -12.33 18.72 -44.66
C THR C 167 -13.21 17.97 -43.67
N SER C 168 -14.46 17.74 -44.04
CA SER C 168 -15.39 17.05 -43.15
C SER C 168 -16.35 16.14 -43.93
N PHE C 169 -16.78 15.07 -43.28
CA PHE C 169 -17.69 14.12 -43.88
C PHE C 169 -18.42 13.33 -42.80
N GLU C 170 -19.55 12.74 -43.17
CA GLU C 170 -20.35 11.96 -42.22
C GLU C 170 -20.10 10.46 -42.39
N ASP C 171 -19.17 9.93 -41.60
CA ASP C 171 -18.86 8.51 -41.68
C ASP C 171 -20.07 7.71 -41.22
N LEU C 172 -20.53 6.80 -42.06
CA LEU C 172 -21.71 5.98 -41.75
C LEU C 172 -21.63 5.28 -40.40
N LEU C 173 -20.44 5.24 -39.81
CA LEU C 173 -20.27 4.59 -38.51
C LEU C 173 -19.74 5.58 -37.47
N LYS C 174 -18.52 6.09 -37.71
CA LYS C 174 -17.90 7.04 -36.80
C LYS C 174 -18.83 8.22 -36.53
N GLY C 175 -19.11 8.99 -37.56
CA GLY C 175 -19.98 10.15 -37.43
C GLY C 175 -19.37 11.34 -38.12
N TYR C 176 -19.82 12.55 -37.76
CA TYR C 176 -19.29 13.76 -38.37
C TYR C 176 -17.79 13.87 -38.14
N MET C 177 -17.02 13.79 -39.22
CA MET C 177 -15.57 13.89 -39.13
C MET C 177 -15.09 15.29 -39.46
N GLU C 178 -14.30 15.87 -38.56
CA GLU C 178 -13.76 17.21 -38.74
C GLU C 178 -12.26 17.14 -39.01
N PHE C 179 -11.84 17.70 -40.14
CA PHE C 179 -10.44 17.72 -40.54
C PHE C 179 -10.06 19.09 -41.07
N ASP C 180 -8.78 19.42 -40.99
CA ASP C 180 -8.28 20.71 -41.46
C ASP C 180 -7.23 20.51 -42.55
N ASN C 181 -7.35 21.27 -43.63
CA ASN C 181 -6.41 21.18 -44.74
C ASN C 181 -5.07 21.82 -44.39
N SER C 182 -5.05 22.59 -43.30
CA SER C 182 -3.83 23.26 -42.86
C SER C 182 -2.93 22.30 -42.09
N THR C 183 -3.48 21.17 -41.68
CA THR C 183 -2.73 20.16 -40.94
C THR C 183 -2.20 19.11 -41.91
N LEU C 184 -2.16 19.48 -43.18
CA LEU C 184 -1.68 18.59 -44.24
C LEU C 184 -0.90 19.38 -45.29
N GLU C 185 -0.17 18.67 -46.13
CA GLU C 185 0.61 19.30 -47.19
C GLU C 185 0.26 18.69 -48.55
N ASP C 186 0.66 19.36 -49.62
CA ASP C 186 0.40 18.87 -50.96
C ASP C 186 1.04 17.50 -51.12
N PHE C 187 0.21 16.45 -51.18
CA PHE C 187 0.71 15.09 -51.32
C PHE C 187 0.84 14.64 -52.77
N ILE C 188 1.75 13.70 -53.00
CA ILE C 188 2.01 13.16 -54.33
C ILE C 188 0.91 12.22 -54.79
N ILE C 189 0.50 12.37 -56.04
CA ILE C 189 -0.54 11.53 -56.62
C ILE C 189 -0.03 10.78 -57.84
N MET C 190 1.24 11.00 -58.18
CA MET C 190 1.86 10.34 -59.33
C MET C 190 3.34 10.08 -59.11
N LYS C 191 3.69 8.81 -58.93
CA LYS C 191 5.08 8.42 -58.73
C LYS C 191 5.84 8.66 -60.04
N SER C 192 7.10 9.04 -59.92
CA SER C 192 7.92 9.30 -61.10
C SER C 192 7.98 8.12 -62.06
N ASN C 193 7.62 6.93 -61.56
CA ASN C 193 7.64 5.73 -62.38
C ASN C 193 6.36 5.55 -63.19
N GLY C 194 5.36 6.39 -62.92
CA GLY C 194 4.11 6.30 -63.65
C GLY C 194 2.92 5.86 -62.81
N PHE C 195 3.15 4.88 -61.95
CA PHE C 195 2.09 4.35 -61.08
C PHE C 195 1.68 5.39 -60.03
N PRO C 196 0.39 5.78 -60.02
CA PRO C 196 -0.11 6.77 -59.07
C PRO C 196 -0.25 6.21 -57.66
N THR C 197 0.23 6.97 -56.68
CA THR C 197 0.15 6.54 -55.28
C THR C 197 -1.28 6.12 -54.95
N TYR C 198 -1.42 5.31 -53.90
CA TYR C 198 -2.73 4.82 -53.49
C TYR C 198 -3.77 5.92 -53.33
N ASN C 199 -3.53 6.82 -52.39
CA ASN C 199 -4.43 7.94 -52.11
C ASN C 199 -5.15 8.43 -53.36
N PHE C 200 -4.42 8.55 -54.46
CA PHE C 200 -5.00 9.01 -55.73
C PHE C 200 -5.61 7.87 -56.53
N ALA C 201 -4.89 6.76 -56.62
CA ALA C 201 -5.36 5.60 -57.37
C ALA C 201 -6.56 4.94 -56.68
N VAL C 202 -7.56 5.77 -56.35
CA VAL C 202 -8.77 5.28 -55.70
C VAL C 202 -9.95 6.15 -56.13
N VAL C 203 -9.75 7.47 -56.09
CA VAL C 203 -10.78 8.41 -56.48
C VAL C 203 -11.08 8.27 -57.97
N VAL C 204 -10.19 7.60 -58.68
CA VAL C 204 -10.35 7.38 -60.11
C VAL C 204 -10.98 6.02 -60.39
N ASP C 205 -10.68 5.05 -59.52
CA ASP C 205 -11.21 3.70 -59.68
C ASP C 205 -12.63 3.56 -59.16
N ASP C 206 -12.82 3.83 -57.87
CA ASP C 206 -14.13 3.74 -57.24
C ASP C 206 -15.15 4.56 -58.02
N HIS C 207 -14.67 5.64 -58.64
CA HIS C 207 -15.53 6.52 -59.42
C HIS C 207 -15.96 5.82 -60.71
N LEU C 208 -15.03 5.66 -61.63
CA LEU C 208 -15.32 5.02 -62.91
C LEU C 208 -15.96 3.65 -62.72
N MET C 209 -15.39 2.86 -61.81
CA MET C 209 -15.91 1.52 -61.54
C MET C 209 -17.23 1.62 -60.80
N ARG C 210 -17.66 2.85 -60.54
CA ARG C 210 -18.92 3.12 -59.84
C ARG C 210 -19.08 2.29 -58.57
N ILE C 211 -18.71 2.89 -57.44
CA ILE C 211 -18.81 2.23 -56.14
C ILE C 211 -19.61 3.11 -55.19
N SER C 212 -20.83 2.68 -54.88
CA SER C 212 -21.70 3.44 -53.98
C SER C 212 -21.14 3.50 -52.57
N HIS C 213 -20.97 2.35 -51.95
CA HIS C 213 -20.45 2.28 -50.60
C HIS C 213 -19.00 1.81 -50.58
N VAL C 214 -18.18 2.50 -49.78
CA VAL C 214 -16.76 2.16 -49.66
C VAL C 214 -16.46 1.74 -48.23
N PHE C 215 -16.72 0.47 -47.93
CA PHE C 215 -16.47 -0.07 -46.59
C PHE C 215 -15.07 -0.67 -46.50
N ARG C 216 -14.27 -0.12 -45.58
CA ARG C 216 -12.90 -0.58 -45.40
C ARG C 216 -12.49 -0.52 -43.92
N GLY C 217 -11.20 -0.52 -43.68
CA GLY C 217 -10.70 -0.47 -42.31
C GLY C 217 -10.58 0.96 -41.82
N GLU C 218 -10.57 1.14 -40.51
CA GLU C 218 -10.47 2.46 -39.92
C GLU C 218 -9.06 3.03 -40.03
N ASP C 219 -8.18 2.28 -40.68
CA ASP C 219 -6.79 2.70 -40.86
C ASP C 219 -6.66 3.66 -42.03
N HIS C 220 -7.78 3.96 -42.68
CA HIS C 220 -7.80 4.87 -43.81
C HIS C 220 -8.72 6.06 -43.53
N LEU C 221 -9.22 6.13 -42.30
CA LEU C 221 -10.12 7.21 -41.90
C LEU C 221 -9.42 8.56 -41.97
N SER C 222 -8.09 8.53 -41.92
CA SER C 222 -7.30 9.75 -41.98
C SER C 222 -6.93 10.10 -43.41
N ASN C 223 -7.04 9.12 -44.31
CA ASN C 223 -6.72 9.34 -45.72
C ASN C 223 -7.97 9.77 -46.47
N THR C 224 -9.13 9.49 -45.89
CA THR C 224 -10.41 9.85 -46.51
C THR C 224 -10.47 11.33 -46.89
N PRO C 225 -9.97 12.22 -46.01
CA PRO C 225 -9.98 13.66 -46.30
C PRO C 225 -9.30 14.01 -47.63
N LYS C 226 -8.21 13.30 -47.92
CA LYS C 226 -7.46 13.53 -49.14
C LYS C 226 -8.19 13.00 -50.37
N GLN C 227 -8.91 11.89 -50.19
CA GLN C 227 -9.66 11.30 -51.29
C GLN C 227 -10.84 12.20 -51.64
N LEU C 228 -11.50 12.73 -50.61
CA LEU C 228 -12.63 13.63 -50.80
C LEU C 228 -12.19 14.83 -51.63
N MET C 229 -11.01 15.34 -51.33
CA MET C 229 -10.47 16.49 -52.06
C MET C 229 -10.42 16.18 -53.55
N ILE C 230 -9.82 15.04 -53.90
CA ILE C 230 -9.71 14.63 -55.29
C ILE C 230 -11.11 14.50 -55.88
N TYR C 231 -12.08 14.17 -55.03
CA TYR C 231 -13.46 14.03 -55.45
C TYR C 231 -14.07 15.42 -55.67
N GLU C 232 -13.64 16.38 -54.88
CA GLU C 232 -14.14 17.75 -54.98
C GLU C 232 -13.32 18.54 -55.97
N ALA C 233 -12.18 18.00 -56.38
CA ALA C 233 -11.31 18.66 -57.34
C ALA C 233 -11.77 18.24 -58.74
N PHE C 234 -12.39 17.07 -58.81
CA PHE C 234 -12.90 16.54 -60.08
C PHE C 234 -14.40 16.76 -60.14
N GLY C 235 -14.98 17.23 -59.05
CA GLY C 235 -16.41 17.48 -59.00
C GLY C 235 -17.20 16.19 -58.83
N TRP C 236 -16.51 15.09 -58.58
CA TRP C 236 -17.16 13.80 -58.40
C TRP C 236 -17.66 13.65 -56.97
N GLU C 237 -18.97 13.41 -56.82
CA GLU C 237 -19.57 13.25 -55.52
C GLU C 237 -19.13 11.93 -54.88
N ALA C 238 -18.25 12.03 -53.89
CA ALA C 238 -17.71 10.87 -53.19
C ALA C 238 -18.79 9.88 -52.74
N PRO C 239 -18.43 8.59 -52.65
CA PRO C 239 -19.32 7.50 -52.23
C PRO C 239 -19.62 7.54 -50.73
N VAL C 240 -20.26 6.48 -50.23
CA VAL C 240 -20.60 6.37 -48.81
C VAL C 240 -19.42 5.75 -48.07
N PHE C 241 -19.00 6.39 -46.99
CA PHE C 241 -17.85 5.90 -46.21
C PHE C 241 -18.22 5.39 -44.82
N MET C 242 -17.64 4.26 -44.46
CA MET C 242 -17.85 3.65 -43.15
C MET C 242 -16.66 2.75 -42.83
N HIS C 243 -15.77 3.25 -41.98
CA HIS C 243 -14.58 2.51 -41.61
C HIS C 243 -14.85 1.47 -40.52
N ILE C 244 -14.90 0.21 -40.94
CA ILE C 244 -15.15 -0.92 -40.06
C ILE C 244 -13.95 -1.16 -39.13
N PRO C 245 -14.21 -1.60 -37.89
CA PRO C 245 -13.14 -1.86 -36.92
C PRO C 245 -12.10 -2.82 -37.48
N LEU C 246 -10.91 -2.81 -36.87
CA LEU C 246 -9.83 -3.67 -37.32
C LEU C 246 -9.61 -4.84 -36.36
N ILE C 247 -8.76 -5.78 -36.77
CA ILE C 247 -8.44 -6.94 -35.95
C ILE C 247 -6.98 -6.85 -35.52
N LEU C 248 -6.75 -6.73 -34.22
CA LEU C 248 -5.40 -6.62 -33.68
C LEU C 248 -4.90 -7.93 -33.08
N GLY C 249 -3.71 -7.87 -32.48
CA GLY C 249 -3.13 -9.05 -31.85
C GLY C 249 -3.12 -8.93 -30.35
N SER C 250 -2.54 -9.91 -29.67
CA SER C 250 -2.48 -9.91 -28.21
C SER C 250 -1.80 -8.64 -27.69
N ASP C 251 -0.95 -8.03 -28.52
CA ASP C 251 -0.25 -6.81 -28.15
C ASP C 251 -1.04 -5.57 -28.56
N ARG C 252 -2.33 -5.77 -28.83
CA ARG C 252 -3.22 -4.68 -29.23
C ARG C 252 -2.68 -3.82 -30.37
N THR C 253 -1.95 -4.45 -31.28
CA THR C 253 -1.38 -3.76 -32.43
C THR C 253 -1.84 -4.45 -33.71
N PRO C 254 -1.80 -3.75 -34.86
CA PRO C 254 -2.22 -4.32 -36.14
C PRO C 254 -1.82 -5.78 -36.29
N LEU C 255 -2.78 -6.67 -36.10
CA LEU C 255 -2.55 -8.11 -36.20
C LEU C 255 -1.86 -8.49 -37.50
N SER C 256 -0.85 -9.34 -37.40
CA SER C 256 -0.09 -9.79 -38.56
C SER C 256 0.54 -11.15 -38.25
N LYS C 257 1.56 -11.14 -37.41
CA LYS C 257 2.26 -12.37 -37.03
C LYS C 257 3.00 -12.18 -35.71
N ARG C 258 2.32 -12.51 -34.61
CA ARG C 258 2.92 -12.38 -33.28
C ARG C 258 2.58 -13.59 -32.42
N HIS C 259 1.74 -14.47 -32.95
CA HIS C 259 1.35 -15.69 -32.25
C HIS C 259 1.78 -16.92 -33.06
N GLY C 260 2.03 -16.70 -34.35
CA GLY C 260 2.44 -17.78 -35.22
C GLY C 260 2.21 -17.43 -36.68
N ALA C 261 0.97 -17.59 -37.13
CA ALA C 261 0.61 -17.28 -38.51
C ALA C 261 -0.88 -17.01 -38.60
N THR C 262 -1.25 -15.73 -38.63
CA THR C 262 -2.65 -15.34 -38.71
C THR C 262 -3.16 -15.39 -40.15
N SER C 263 -2.52 -16.21 -40.96
CA SER C 263 -2.91 -16.36 -42.36
C SER C 263 -4.16 -17.23 -42.47
N VAL C 264 -5.06 -16.85 -43.37
CA VAL C 264 -6.28 -17.61 -43.57
C VAL C 264 -6.00 -19.02 -44.07
N GLU C 265 -4.92 -19.15 -44.84
CA GLU C 265 -4.55 -20.45 -45.38
C GLU C 265 -4.06 -21.35 -44.25
N HIS C 266 -3.50 -20.73 -43.21
CA HIS C 266 -3.00 -21.48 -42.05
C HIS C 266 -4.14 -22.18 -41.34
N PHE C 267 -5.13 -21.39 -40.90
CA PHE C 267 -6.29 -21.93 -40.20
C PHE C 267 -6.91 -23.04 -41.04
N ARG C 268 -6.74 -22.95 -42.35
CA ARG C 268 -7.26 -23.94 -43.28
C ARG C 268 -6.34 -25.15 -43.31
N ARG C 269 -5.04 -24.88 -43.47
CA ARG C 269 -4.04 -25.93 -43.53
C ARG C 269 -4.05 -26.77 -42.26
N GLU C 270 -4.62 -26.22 -41.19
CA GLU C 270 -4.70 -26.93 -39.92
C GLU C 270 -5.96 -27.79 -39.83
N GLY C 271 -7.08 -27.25 -40.30
CA GLY C 271 -8.31 -28.01 -40.26
C GLY C 271 -9.51 -27.26 -39.71
N ILE C 272 -9.60 -25.97 -40.01
CA ILE C 272 -10.71 -25.15 -39.52
C ILE C 272 -11.74 -24.96 -40.63
N LEU C 273 -12.95 -25.45 -40.41
CA LEU C 273 -14.03 -25.33 -41.38
C LEU C 273 -14.22 -23.86 -41.75
N SER C 274 -14.16 -23.58 -43.06
CA SER C 274 -14.31 -22.21 -43.55
C SER C 274 -15.62 -21.58 -43.07
N ARG C 275 -16.59 -22.41 -42.73
CA ARG C 275 -17.88 -21.93 -42.25
C ARG C 275 -17.81 -21.55 -40.77
N ALA C 276 -16.73 -21.99 -40.12
CA ALA C 276 -16.51 -21.70 -38.71
C ALA C 276 -15.79 -20.37 -38.54
N LEU C 277 -14.86 -20.09 -39.46
CA LEU C 277 -14.11 -18.85 -39.42
C LEU C 277 -15.03 -17.66 -39.67
N MET C 278 -15.88 -17.78 -40.68
CA MET C 278 -16.81 -16.72 -41.04
C MET C 278 -17.78 -16.44 -39.90
N ASN C 279 -18.15 -17.49 -39.18
CA ASN C 279 -19.07 -17.36 -38.06
C ASN C 279 -18.40 -16.60 -36.91
N TYR C 280 -17.07 -16.71 -36.83
CA TYR C 280 -16.33 -16.02 -35.77
C TYR C 280 -16.07 -14.58 -36.18
N LEU C 281 -15.68 -14.38 -37.42
CA LEU C 281 -15.40 -13.04 -37.93
C LEU C 281 -16.69 -12.23 -37.97
N ALA C 282 -17.79 -12.89 -37.60
CA ALA C 282 -19.09 -12.25 -37.58
C ALA C 282 -19.52 -12.05 -36.12
N LEU C 283 -19.33 -13.08 -35.31
CA LEU C 283 -19.69 -13.03 -33.90
C LEU C 283 -19.04 -11.87 -33.18
N LEU C 284 -17.89 -11.42 -33.68
CA LEU C 284 -17.18 -10.30 -33.07
C LEU C 284 -17.86 -8.97 -33.38
N GLY C 285 -18.91 -8.67 -32.63
CA GLY C 285 -19.63 -7.42 -32.84
C GLY C 285 -21.09 -7.44 -32.44
N TRP C 286 -21.72 -8.61 -32.48
CA TRP C 286 -23.12 -8.74 -32.11
C TRP C 286 -23.43 -10.11 -31.53
N ARG C 287 -23.69 -10.15 -30.23
CA ARG C 287 -24.01 -11.40 -29.56
C ARG C 287 -25.50 -11.68 -29.72
N VAL C 288 -25.84 -12.35 -30.82
CA VAL C 288 -27.23 -12.67 -31.12
C VAL C 288 -27.91 -13.41 -29.97
N GLU C 289 -29.21 -13.13 -29.79
CA GLU C 289 -29.99 -13.77 -28.74
C GLU C 289 -30.07 -15.28 -28.97
N GLY C 290 -30.12 -15.65 -30.25
CA GLY C 290 -30.20 -17.07 -30.59
C GLY C 290 -29.03 -17.86 -30.05
N ASP C 291 -27.89 -17.78 -30.73
CA ASP C 291 -26.70 -18.49 -30.32
C ASP C 291 -25.47 -17.87 -30.99
N GLU C 292 -24.40 -17.69 -30.23
CA GLU C 292 -23.17 -17.10 -30.73
C GLU C 292 -22.58 -17.90 -31.90
N ILE C 293 -23.08 -19.13 -32.07
CA ILE C 293 -22.60 -19.99 -33.15
C ILE C 293 -23.67 -20.12 -34.22
N PHE C 294 -23.27 -20.07 -35.48
CA PHE C 294 -24.21 -20.17 -36.59
C PHE C 294 -23.51 -20.22 -37.94
N THR C 295 -24.27 -19.93 -39.00
CA THR C 295 -23.75 -19.92 -40.36
C THR C 295 -24.03 -18.57 -41.02
N ILE C 296 -23.08 -18.09 -41.81
CA ILE C 296 -23.23 -16.82 -42.49
C ILE C 296 -24.20 -16.93 -43.66
N GLU C 297 -24.31 -18.12 -44.23
CA GLU C 297 -25.20 -18.35 -45.36
C GLU C 297 -26.61 -17.84 -45.09
N GLU C 298 -27.18 -18.24 -43.96
CA GLU C 298 -28.53 -17.83 -43.59
C GLU C 298 -28.57 -16.46 -42.91
N LYS C 299 -27.91 -16.35 -41.76
CA LYS C 299 -27.87 -15.10 -41.02
C LYS C 299 -27.50 -13.94 -41.92
N LEU C 300 -28.49 -13.14 -42.31
CA LEU C 300 -28.25 -12.00 -43.18
C LEU C 300 -29.51 -11.14 -43.31
N GLN C 301 -30.46 -11.36 -42.41
CA GLN C 301 -31.70 -10.60 -42.41
C GLN C 301 -31.54 -9.28 -41.66
N SER C 302 -31.06 -9.36 -40.43
CA SER C 302 -30.85 -8.18 -39.60
C SER C 302 -29.39 -7.74 -39.63
N PHE C 303 -28.67 -8.18 -40.65
CA PHE C 303 -27.27 -7.83 -40.80
C PHE C 303 -27.08 -6.33 -41.00
N ASP C 304 -27.06 -5.59 -39.90
CA ASP C 304 -26.87 -4.14 -39.94
C ASP C 304 -25.45 -3.80 -39.51
N PRO C 305 -24.68 -3.16 -40.41
CA PRO C 305 -23.29 -2.76 -40.13
C PRO C 305 -23.10 -2.02 -38.81
N LYS C 306 -23.97 -1.06 -38.53
CA LYS C 306 -23.89 -0.28 -37.31
C LYS C 306 -23.86 -1.13 -36.04
N ASP C 307 -24.11 -2.41 -36.19
CA ASP C 307 -24.10 -3.33 -35.06
C ASP C 307 -22.66 -3.66 -34.70
N ILE C 308 -21.75 -3.42 -35.65
CA ILE C 308 -20.33 -3.68 -35.45
C ILE C 308 -19.75 -2.65 -34.51
N SER C 309 -19.36 -3.08 -33.32
CA SER C 309 -18.78 -2.18 -32.32
C SER C 309 -17.45 -1.63 -32.84
N ASN C 310 -17.32 -0.31 -32.83
CA ASN C 310 -16.09 0.34 -33.29
C ASN C 310 -14.96 0.15 -32.29
N LYS C 311 -14.37 -1.04 -32.29
CA LYS C 311 -13.27 -1.35 -31.38
C LYS C 311 -12.15 -2.08 -32.12
N GLY C 312 -10.91 -1.78 -31.77
CA GLY C 312 -9.78 -2.43 -32.40
C GLY C 312 -9.60 -3.80 -31.77
N VAL C 313 -10.66 -4.60 -31.84
CA VAL C 313 -10.68 -5.94 -31.27
C VAL C 313 -9.41 -6.76 -31.54
N ILE C 314 -9.30 -7.87 -30.82
CA ILE C 314 -8.16 -8.77 -30.96
C ILE C 314 -8.67 -10.13 -31.46
N PHE C 315 -7.77 -10.97 -31.95
CA PHE C 315 -8.15 -12.28 -32.45
C PHE C 315 -7.86 -13.33 -31.38
N ASP C 316 -8.76 -14.30 -31.24
CA ASP C 316 -8.61 -15.36 -30.25
C ASP C 316 -8.82 -16.72 -30.88
N TYR C 317 -7.72 -17.46 -31.08
CA TYR C 317 -7.77 -18.78 -31.68
C TYR C 317 -8.64 -19.72 -30.84
N GLN C 318 -8.40 -19.70 -29.53
CA GLN C 318 -9.14 -20.55 -28.60
C GLN C 318 -10.65 -20.48 -28.80
N LYS C 319 -11.15 -19.31 -29.14
CA LYS C 319 -12.58 -19.13 -29.36
C LYS C 319 -12.97 -19.65 -30.73
N LEU C 320 -12.15 -19.37 -31.74
CA LEU C 320 -12.41 -19.81 -33.10
C LEU C 320 -12.40 -21.33 -33.16
N GLU C 321 -11.38 -21.94 -32.58
CA GLU C 321 -11.25 -23.40 -32.58
C GLU C 321 -12.43 -24.04 -31.86
N TRP C 322 -12.93 -23.38 -30.81
CA TRP C 322 -14.07 -23.89 -30.06
C TRP C 322 -15.29 -23.93 -30.96
N VAL C 323 -15.58 -22.80 -31.59
CA VAL C 323 -16.70 -22.69 -32.50
C VAL C 323 -16.56 -23.67 -33.65
N ASN C 324 -15.33 -23.80 -34.15
CA ASN C 324 -15.03 -24.69 -35.27
C ASN C 324 -15.59 -26.08 -35.02
N GLY C 325 -15.21 -26.68 -33.89
CA GLY C 325 -15.68 -28.01 -33.57
C GLY C 325 -17.20 -28.04 -33.44
N LYS C 326 -17.77 -26.96 -32.95
CA LYS C 326 -19.21 -26.87 -32.78
C LYS C 326 -19.91 -27.16 -34.10
N HIS C 327 -19.24 -26.87 -35.21
CA HIS C 327 -19.79 -27.12 -36.53
C HIS C 327 -19.53 -28.55 -36.96
N MET C 328 -18.36 -29.07 -36.62
CA MET C 328 -17.99 -30.44 -36.97
C MET C 328 -19.12 -31.38 -36.55
N ARG C 329 -19.72 -31.07 -35.40
CA ARG C 329 -20.80 -31.87 -34.86
C ARG C 329 -22.12 -31.51 -35.53
N ARG C 330 -22.36 -30.21 -35.68
CA ARG C 330 -23.59 -29.73 -36.31
C ARG C 330 -23.80 -30.35 -37.70
N ILE C 331 -22.91 -29.99 -38.63
CA ILE C 331 -23.00 -30.50 -40.00
C ILE C 331 -23.16 -32.01 -40.05
N ASP C 332 -23.99 -32.47 -40.98
CA ASP C 332 -24.24 -33.90 -41.16
C ASP C 332 -22.95 -34.63 -41.53
N LEU C 333 -22.85 -35.89 -41.11
CA LEU C 333 -21.68 -36.70 -41.40
C LEU C 333 -21.30 -36.64 -42.88
N GLU C 334 -22.32 -36.45 -43.73
CA GLU C 334 -22.09 -36.36 -45.17
C GLU C 334 -21.13 -35.22 -45.45
N ASP C 335 -21.53 -34.01 -45.09
CA ASP C 335 -20.71 -32.82 -45.30
C ASP C 335 -19.39 -32.95 -44.56
N LEU C 336 -19.43 -33.54 -43.37
CA LEU C 336 -18.24 -33.73 -42.56
C LEU C 336 -17.22 -34.54 -43.35
N LYS C 337 -17.68 -35.65 -43.94
CA LYS C 337 -16.80 -36.50 -44.73
C LYS C 337 -16.29 -35.69 -45.92
N ARG C 338 -17.12 -34.77 -46.40
CA ARG C 338 -16.76 -33.92 -47.53
C ARG C 338 -15.70 -32.89 -47.15
N GLU C 339 -15.80 -32.34 -45.95
CA GLU C 339 -14.83 -31.34 -45.51
C GLU C 339 -13.63 -32.02 -44.86
N PHE C 340 -13.79 -33.29 -44.49
CA PHE C 340 -12.72 -34.04 -43.85
C PHE C 340 -11.76 -34.62 -44.89
N ILE C 341 -12.32 -35.31 -45.87
CA ILE C 341 -11.51 -35.91 -46.94
C ILE C 341 -10.80 -34.84 -47.76
N GLU C 342 -11.55 -33.87 -48.26
CA GLU C 342 -10.98 -32.80 -49.06
C GLU C 342 -9.86 -32.12 -48.28
N TRP C 343 -10.01 -32.10 -46.95
CA TRP C 343 -9.01 -31.50 -46.08
C TRP C 343 -7.68 -32.23 -46.23
N ALA C 344 -7.70 -33.53 -45.93
CA ALA C 344 -6.50 -34.34 -46.04
C ALA C 344 -5.93 -34.25 -47.45
N LYS C 345 -6.79 -33.89 -48.39
CA LYS C 345 -6.37 -33.74 -49.78
C LYS C 345 -5.52 -32.48 -49.90
N TYR C 346 -5.80 -31.51 -49.03
CA TYR C 346 -5.07 -30.25 -49.00
C TYR C 346 -3.94 -30.36 -47.98
N ALA C 347 -3.99 -31.41 -47.17
CA ALA C 347 -2.98 -31.63 -46.13
C ALA C 347 -1.76 -32.35 -46.71
N GLY C 348 -1.93 -33.63 -47.02
CA GLY C 348 -0.82 -34.40 -47.57
C GLY C 348 -1.09 -35.90 -47.56
N LYS C 349 -0.69 -36.56 -46.50
CA LYS C 349 -0.88 -38.00 -46.36
C LYS C 349 -2.36 -38.35 -46.39
N GLU C 350 -2.67 -39.60 -46.73
CA GLU C 350 -4.05 -40.07 -46.80
C GLU C 350 -4.24 -41.41 -46.11
N ILE C 351 -5.50 -41.76 -45.86
CA ILE C 351 -5.84 -43.02 -45.20
C ILE C 351 -6.08 -44.12 -46.22
N PRO C 352 -5.46 -45.29 -46.00
CA PRO C 352 -5.57 -46.46 -46.88
C PRO C 352 -7.00 -46.82 -47.28
N SER C 353 -7.11 -47.78 -48.19
CA SER C 353 -8.41 -48.23 -48.68
C SER C 353 -9.30 -48.69 -47.53
N VAL C 354 -10.25 -47.85 -47.15
CA VAL C 354 -11.17 -48.17 -46.05
C VAL C 354 -12.55 -48.52 -46.57
N ASP C 355 -13.27 -49.32 -45.79
CA ASP C 355 -14.63 -49.74 -46.15
C ASP C 355 -15.56 -48.53 -46.20
N GLU C 356 -16.44 -48.51 -47.20
CA GLU C 356 -17.39 -47.42 -47.36
C GLU C 356 -18.32 -47.34 -46.15
N ARG C 357 -18.36 -48.43 -45.39
CA ARG C 357 -19.20 -48.52 -44.20
C ARG C 357 -18.39 -48.23 -42.94
N TYR C 358 -17.26 -48.93 -42.81
CA TYR C 358 -16.38 -48.78 -41.65
C TYR C 358 -16.12 -47.31 -41.30
N PHE C 359 -15.48 -46.59 -42.22
CA PHE C 359 -15.17 -45.19 -42.02
C PHE C 359 -16.42 -44.39 -41.66
N SER C 360 -17.56 -44.78 -42.21
CA SER C 360 -18.81 -44.09 -41.95
C SER C 360 -19.31 -44.31 -40.53
N GLU C 361 -18.45 -44.89 -39.69
CA GLU C 361 -18.80 -45.16 -38.30
C GLU C 361 -17.86 -44.43 -37.34
N THR C 362 -16.56 -44.64 -37.53
CA THR C 362 -15.56 -44.01 -36.68
C THR C 362 -15.73 -42.49 -36.66
N LEU C 363 -15.76 -41.88 -37.84
CA LEU C 363 -15.91 -40.44 -37.97
C LEU C 363 -17.16 -39.93 -37.26
N ARG C 364 -18.17 -40.79 -37.14
CA ARG C 364 -19.40 -40.43 -36.47
C ARG C 364 -19.22 -40.34 -34.97
N ILE C 365 -18.19 -41.02 -34.46
CA ILE C 365 -17.90 -41.03 -33.04
C ILE C 365 -16.67 -40.21 -32.68
N CYS C 366 -15.79 -40.00 -33.66
CA CYS C 366 -14.56 -39.26 -33.45
C CYS C 366 -14.73 -37.74 -33.52
N ARG C 367 -15.76 -37.28 -34.23
CA ARG C 367 -15.99 -35.84 -34.35
C ARG C 367 -16.48 -35.22 -33.04
N GLU C 368 -16.97 -36.06 -32.14
CA GLU C 368 -17.48 -35.59 -30.85
C GLU C 368 -16.37 -35.48 -29.80
N LYS C 369 -15.13 -35.70 -30.23
CA LYS C 369 -14.00 -35.63 -29.31
C LYS C 369 -12.90 -34.69 -29.81
N VAL C 370 -13.22 -33.88 -30.81
CA VAL C 370 -12.25 -32.95 -31.37
C VAL C 370 -12.89 -31.63 -31.81
N ASN C 371 -12.05 -30.61 -32.01
CA ASN C 371 -12.53 -29.30 -32.43
C ASN C 371 -11.87 -28.85 -33.74
N THR C 372 -10.98 -29.69 -34.28
CA THR C 372 -10.30 -29.38 -35.53
C THR C 372 -10.16 -30.61 -36.41
N LEU C 373 -9.84 -30.39 -37.68
CA LEU C 373 -9.68 -31.50 -38.63
C LEU C 373 -8.34 -32.20 -38.47
N SER C 374 -7.37 -31.49 -37.89
CA SER C 374 -6.05 -32.06 -37.68
C SER C 374 -6.12 -33.05 -36.52
N GLN C 375 -6.90 -32.71 -35.50
CA GLN C 375 -7.07 -33.57 -34.34
C GLN C 375 -7.91 -34.78 -34.72
N LEU C 376 -9.02 -34.52 -35.39
CA LEU C 376 -9.94 -35.58 -35.83
C LEU C 376 -9.22 -36.62 -36.66
N TYR C 377 -8.09 -36.23 -37.26
CA TYR C 377 -7.31 -37.13 -38.08
C TYR C 377 -6.33 -37.97 -37.27
N ASP C 378 -5.37 -37.30 -36.64
CA ASP C 378 -4.35 -37.98 -35.83
C ASP C 378 -4.94 -38.86 -34.73
N ILE C 379 -6.23 -38.71 -34.47
CA ILE C 379 -6.90 -39.49 -33.44
C ILE C 379 -7.68 -40.64 -34.08
N MET C 380 -8.06 -40.45 -35.34
CA MET C 380 -8.83 -41.45 -36.08
C MET C 380 -7.90 -42.35 -36.89
N TYR C 381 -6.60 -42.11 -36.78
CA TYR C 381 -5.60 -42.89 -37.50
C TYR C 381 -5.52 -44.35 -37.04
N PRO C 382 -5.45 -44.58 -35.72
CA PRO C 382 -5.37 -45.96 -35.22
C PRO C 382 -6.56 -46.82 -35.63
N PHE C 383 -7.66 -46.16 -36.01
CA PHE C 383 -8.86 -46.87 -36.44
C PHE C 383 -8.80 -47.16 -37.92
N MET C 384 -7.92 -46.45 -38.62
CA MET C 384 -7.76 -46.60 -40.06
C MET C 384 -6.65 -47.57 -40.45
N ASN C 385 -5.73 -47.81 -39.52
CA ASN C 385 -4.62 -48.72 -39.80
C ASN C 385 -4.18 -49.52 -38.57
N ASP C 386 -3.26 -50.44 -38.78
CA ASP C 386 -2.76 -51.29 -37.70
C ASP C 386 -1.27 -51.01 -37.41
N ASP C 387 -0.80 -49.86 -37.87
CA ASP C 387 0.59 -49.47 -37.66
C ASP C 387 0.70 -48.39 -36.61
N TYR C 388 -0.40 -48.16 -35.89
CA TYR C 388 -0.44 -47.14 -34.85
C TYR C 388 0.60 -47.44 -33.78
N GLU C 389 0.92 -46.43 -32.97
CA GLU C 389 1.89 -46.58 -31.90
C GLU C 389 1.30 -46.20 -30.55
N TYR C 390 1.88 -46.74 -29.48
CA TYR C 390 1.41 -46.47 -28.14
C TYR C 390 2.18 -45.28 -27.54
N GLU C 391 1.44 -44.30 -27.04
CA GLU C 391 2.04 -43.11 -26.45
C GLU C 391 3.10 -43.46 -25.41
N LYS C 392 4.08 -42.57 -25.26
CA LYS C 392 5.18 -42.76 -24.31
C LYS C 392 4.64 -43.04 -22.92
N ASP C 393 3.50 -42.45 -22.59
CA ASP C 393 2.88 -42.63 -21.27
C ASP C 393 2.41 -44.06 -21.07
N TYR C 394 1.55 -44.54 -21.95
CA TYR C 394 1.02 -45.88 -21.86
C TYR C 394 2.13 -46.92 -21.68
N VAL C 395 3.31 -46.60 -22.22
CA VAL C 395 4.46 -47.49 -22.13
C VAL C 395 5.11 -47.43 -20.75
N GLU C 396 5.77 -46.31 -20.46
CA GLU C 396 6.45 -46.13 -19.19
C GLU C 396 5.58 -45.45 -18.15
N LYS C 397 4.42 -46.03 -17.87
CA LYS C 397 3.50 -45.45 -16.89
C LYS C 397 2.24 -46.29 -16.70
N PHE C 398 1.78 -46.91 -17.78
CA PHE C 398 0.58 -47.74 -17.73
C PHE C 398 0.87 -49.22 -17.91
N LEU C 399 1.50 -49.55 -19.02
CA LEU C 399 1.83 -50.94 -19.33
C LEU C 399 3.01 -51.42 -18.48
N LYS C 400 3.93 -50.52 -18.19
CA LYS C 400 5.11 -50.83 -17.39
C LYS C 400 4.71 -51.41 -16.03
N ARG C 401 3.54 -51.03 -15.56
CA ARG C 401 3.03 -51.51 -14.28
C ARG C 401 2.90 -53.02 -14.25
N GLU C 402 3.17 -53.62 -13.09
CA GLU C 402 3.10 -55.06 -12.90
C GLU C 402 1.73 -55.65 -13.24
N GLU C 403 0.72 -55.27 -12.48
CA GLU C 403 -0.64 -55.77 -12.67
C GLU C 403 -1.14 -55.65 -14.11
N ALA C 404 -0.42 -54.87 -14.93
CA ALA C 404 -0.81 -54.68 -16.32
C ALA C 404 -0.67 -55.97 -17.12
N GLU C 405 -0.17 -57.02 -16.47
CA GLU C 405 0.03 -58.31 -17.11
C GLU C 405 -1.25 -59.14 -17.13
N ARG C 406 -1.68 -59.58 -15.95
CA ARG C 406 -2.88 -60.39 -15.82
C ARG C 406 -4.11 -59.73 -16.47
N VAL C 407 -4.16 -58.40 -16.40
CA VAL C 407 -5.27 -57.66 -16.98
C VAL C 407 -5.36 -57.84 -18.48
N LEU C 408 -4.20 -57.98 -19.13
CA LEU C 408 -4.16 -58.16 -20.57
C LEU C 408 -4.25 -59.63 -20.95
N GLU C 409 -3.62 -60.49 -20.15
CA GLU C 409 -3.65 -61.93 -20.40
C GLU C 409 -5.09 -62.44 -20.36
N GLU C 410 -5.90 -61.82 -19.51
CA GLU C 410 -7.30 -62.21 -19.38
C GLU C 410 -8.12 -61.58 -20.50
N ALA C 411 -7.52 -60.58 -21.16
CA ALA C 411 -8.17 -59.90 -22.25
C ALA C 411 -8.07 -60.74 -23.51
N LYS C 412 -7.41 -61.88 -23.40
CA LYS C 412 -7.22 -62.80 -24.51
C LYS C 412 -8.14 -64.01 -24.38
N LYS C 413 -8.66 -64.22 -23.18
CA LYS C 413 -9.55 -65.35 -22.92
C LYS C 413 -10.98 -64.88 -22.70
N ALA C 414 -11.14 -63.82 -21.91
CA ALA C 414 -12.46 -63.27 -21.63
C ALA C 414 -13.02 -62.56 -22.85
N PHE C 415 -12.19 -62.42 -23.87
CA PHE C 415 -12.61 -61.76 -25.10
C PHE C 415 -12.82 -62.75 -26.24
N LYS C 416 -12.32 -63.97 -26.05
CA LYS C 416 -12.47 -65.01 -27.06
C LYS C 416 -13.78 -65.76 -26.81
N ASP C 417 -14.18 -65.81 -25.55
CA ASP C 417 -15.42 -66.49 -25.17
C ASP C 417 -16.61 -65.54 -25.29
N LEU C 418 -16.50 -64.59 -26.21
CA LEU C 418 -17.57 -63.62 -26.43
C LEU C 418 -18.41 -64.01 -27.63
N ASN C 419 -19.43 -64.83 -27.39
CA ASN C 419 -20.32 -65.27 -28.46
C ASN C 419 -21.04 -64.10 -29.11
N SER C 420 -21.08 -62.97 -28.40
CA SER C 420 -21.73 -61.77 -28.92
C SER C 420 -20.75 -60.59 -28.96
N TRP C 421 -21.04 -59.62 -29.82
CA TRP C 421 -20.19 -58.45 -29.96
C TRP C 421 -21.04 -57.20 -30.21
N ASN C 422 -21.13 -56.35 -29.20
CA ASN C 422 -21.93 -55.12 -29.31
C ASN C 422 -21.52 -54.09 -28.27
N MET C 423 -22.46 -53.21 -27.91
CA MET C 423 -22.19 -52.17 -26.93
C MET C 423 -22.16 -52.73 -25.51
N GLU C 424 -23.21 -53.46 -25.13
CA GLU C 424 -23.27 -54.04 -23.80
C GLU C 424 -22.16 -55.05 -23.59
N GLU C 425 -21.85 -55.81 -24.64
CA GLU C 425 -20.79 -56.80 -24.58
C GLU C 425 -19.52 -56.15 -24.04
N ILE C 426 -19.17 -55.02 -24.63
CA ILE C 426 -17.98 -54.27 -24.23
C ILE C 426 -18.32 -53.42 -23.00
N GLU C 427 -19.61 -53.28 -22.74
CA GLU C 427 -20.09 -52.50 -21.60
C GLU C 427 -20.27 -53.41 -20.39
N LYS C 428 -19.81 -54.66 -20.51
CA LYS C 428 -19.92 -55.63 -19.43
C LYS C 428 -18.63 -56.41 -19.28
N THR C 429 -18.09 -56.90 -20.39
CA THR C 429 -16.85 -57.68 -20.38
C THR C 429 -15.78 -56.97 -19.55
N LEU C 430 -15.60 -55.68 -19.79
CA LEU C 430 -14.61 -54.89 -19.07
C LEU C 430 -15.10 -54.58 -17.66
N ARG C 431 -16.41 -54.51 -17.50
CA ARG C 431 -17.01 -54.21 -16.21
C ARG C 431 -16.85 -55.40 -15.26
N ASP C 432 -16.73 -56.59 -15.83
CA ASP C 432 -16.57 -57.81 -15.04
C ASP C 432 -15.13 -57.97 -14.57
N LEU C 433 -14.18 -57.71 -15.48
CA LEU C 433 -12.77 -57.84 -15.17
C LEU C 433 -12.32 -56.77 -14.17
N SER C 434 -13.00 -55.64 -14.17
CA SER C 434 -12.66 -54.55 -13.26
C SER C 434 -13.02 -54.91 -11.82
N GLU C 435 -14.06 -55.71 -11.66
CA GLU C 435 -14.49 -56.14 -10.32
C GLU C 435 -14.01 -57.55 -10.01
N LYS C 436 -12.69 -57.73 -10.01
CA LYS C 436 -12.10 -59.02 -9.72
C LYS C 436 -10.84 -58.85 -8.87
N GLY C 437 -10.31 -57.64 -8.84
CA GLY C 437 -9.11 -57.37 -8.06
C GLY C 437 -7.82 -57.58 -8.81
N LEU C 438 -7.92 -57.86 -10.11
CA LEU C 438 -6.74 -58.08 -10.93
C LEU C 438 -5.83 -56.86 -10.91
N ALA C 439 -6.42 -55.69 -10.68
CA ALA C 439 -5.70 -54.43 -10.63
C ALA C 439 -6.68 -53.31 -10.29
N SER C 440 -6.16 -52.09 -10.19
CA SER C 440 -7.02 -50.95 -9.88
C SER C 440 -8.06 -50.79 -10.98
N LYS C 441 -9.26 -50.35 -10.59
CA LYS C 441 -10.35 -50.16 -11.55
C LYS C 441 -9.92 -49.22 -12.68
N LYS C 442 -8.86 -48.45 -12.45
CA LYS C 442 -8.36 -47.52 -13.44
C LYS C 442 -7.50 -48.24 -14.48
N VAL C 443 -6.48 -48.94 -14.00
CA VAL C 443 -5.58 -49.68 -14.89
C VAL C 443 -6.34 -50.62 -15.82
N VAL C 444 -7.42 -51.21 -15.31
CA VAL C 444 -8.23 -52.13 -16.10
C VAL C 444 -8.72 -51.47 -17.38
N PHE C 445 -9.14 -50.21 -17.29
CA PHE C 445 -9.63 -49.48 -18.44
C PHE C 445 -8.51 -48.78 -19.21
N GLN C 446 -7.50 -48.34 -18.48
CA GLN C 446 -6.37 -47.64 -19.09
C GLN C 446 -5.50 -48.53 -19.96
N LEU C 447 -5.57 -49.84 -19.75
CA LEU C 447 -4.78 -50.79 -20.53
C LEU C 447 -5.47 -51.12 -21.85
N ILE C 448 -6.69 -51.63 -21.77
CA ILE C 448 -7.46 -52.00 -22.95
C ILE C 448 -7.54 -50.81 -23.90
N ARG C 449 -7.80 -49.63 -23.33
CA ARG C 449 -7.91 -48.40 -24.10
C ARG C 449 -6.74 -48.24 -25.06
N GLY C 450 -5.53 -48.37 -24.53
CA GLY C 450 -4.34 -48.23 -25.36
C GLY C 450 -3.90 -49.51 -26.02
N ALA C 451 -4.28 -50.65 -25.44
CA ALA C 451 -3.91 -51.95 -25.98
C ALA C 451 -4.56 -52.18 -27.34
N VAL C 452 -5.35 -51.22 -27.79
CA VAL C 452 -6.03 -51.33 -29.08
C VAL C 452 -5.86 -50.08 -29.94
N THR C 453 -5.74 -48.92 -29.29
CA THR C 453 -5.59 -47.66 -30.01
C THR C 453 -4.19 -47.07 -29.85
N GLY C 454 -3.50 -47.46 -28.77
CA GLY C 454 -2.17 -46.95 -28.53
C GLY C 454 -2.17 -45.52 -28.01
N LYS C 455 -3.35 -45.06 -27.58
CA LYS C 455 -3.48 -43.70 -27.06
C LYS C 455 -4.35 -43.68 -25.80
N LEU C 456 -4.01 -42.78 -24.88
CA LEU C 456 -4.75 -42.66 -23.63
C LEU C 456 -6.00 -41.80 -23.81
N VAL C 457 -6.26 -41.38 -25.04
CA VAL C 457 -7.42 -40.55 -25.35
C VAL C 457 -8.22 -41.16 -26.50
N THR C 458 -9.32 -41.81 -26.17
CA THR C 458 -10.18 -42.44 -27.17
C THR C 458 -11.64 -42.11 -26.94
N PRO C 459 -12.47 -42.19 -28.00
CA PRO C 459 -13.90 -41.91 -27.92
C PRO C 459 -14.62 -42.85 -26.95
N GLY C 460 -15.95 -42.84 -26.98
CA GLY C 460 -16.72 -43.70 -26.11
C GLY C 460 -16.28 -45.15 -26.23
N LEU C 461 -15.55 -45.62 -25.22
CA LEU C 461 -15.06 -47.00 -25.21
C LEU C 461 -16.17 -48.02 -25.42
N PHE C 462 -17.41 -47.59 -25.26
CA PHE C 462 -18.55 -48.47 -25.45
C PHE C 462 -18.65 -48.89 -26.91
N GLU C 463 -18.17 -48.01 -27.80
CA GLU C 463 -18.19 -48.28 -29.23
C GLU C 463 -16.79 -48.23 -29.83
N THR C 464 -15.83 -47.76 -29.05
CA THR C 464 -14.46 -47.67 -29.51
C THR C 464 -13.97 -49.02 -30.01
N ILE C 465 -14.34 -50.08 -29.29
CA ILE C 465 -13.95 -51.44 -29.67
C ILE C 465 -15.00 -52.05 -30.59
N GLU C 466 -16.27 -51.72 -30.33
CA GLU C 466 -17.38 -52.22 -31.12
C GLU C 466 -17.21 -51.86 -32.59
N VAL C 467 -16.67 -50.66 -32.84
CA VAL C 467 -16.46 -50.19 -34.20
C VAL C 467 -15.25 -50.88 -34.83
N LEU C 468 -14.29 -51.28 -34.01
CA LEU C 468 -13.09 -51.95 -34.49
C LEU C 468 -13.44 -53.24 -35.23
N GLY C 469 -13.79 -54.27 -34.48
CA GLY C 469 -14.14 -55.54 -35.08
C GLY C 469 -13.59 -56.70 -34.28
N LYS C 470 -14.06 -57.91 -34.59
CA LYS C 470 -13.62 -59.11 -33.89
C LYS C 470 -12.12 -59.34 -34.05
N GLU C 471 -11.53 -58.74 -35.08
CA GLU C 471 -10.10 -58.89 -35.34
C GLU C 471 -9.30 -57.73 -34.76
N ARG C 472 -9.74 -56.50 -35.03
CA ARG C 472 -9.05 -55.31 -34.53
C ARG C 472 -9.15 -55.17 -33.02
N THR C 473 -9.17 -56.29 -32.31
CA THR C 473 -9.27 -56.27 -30.86
C THR C 473 -8.46 -57.42 -30.25
N LEU C 474 -8.92 -58.64 -30.51
CA LEU C 474 -8.25 -59.83 -30.01
C LEU C 474 -6.82 -59.88 -30.51
N LYS C 475 -6.62 -59.50 -31.76
CA LYS C 475 -5.31 -59.49 -32.38
C LYS C 475 -4.44 -58.38 -31.82
N ARG C 476 -5.01 -57.18 -31.72
CA ARG C 476 -4.28 -56.03 -31.19
C ARG C 476 -3.84 -56.28 -29.75
N LEU C 477 -4.75 -56.83 -28.94
CA LEU C 477 -4.43 -57.11 -27.55
C LEU C 477 -3.20 -58.01 -27.46
N GLU C 478 -3.14 -59.00 -28.35
CA GLU C 478 -2.01 -59.91 -28.37
C GLU C 478 -0.74 -59.16 -28.74
N ARG C 479 -0.87 -58.20 -29.64
CA ARG C 479 0.27 -57.40 -30.06
C ARG C 479 0.85 -56.71 -28.84
N THR C 480 -0.01 -56.12 -28.03
CA THR C 480 0.40 -55.44 -26.82
C THR C 480 0.97 -56.44 -25.82
N LEU C 481 0.46 -57.66 -25.88
CA LEU C 481 0.92 -58.72 -24.98
C LEU C 481 2.40 -59.00 -25.19
N GLN C 482 2.75 -59.48 -26.39
CA GLN C 482 4.14 -59.78 -26.71
C GLN C 482 4.98 -58.51 -26.63
N PHE C 483 4.33 -57.37 -26.84
CA PHE C 483 5.02 -56.08 -26.78
C PHE C 483 5.36 -55.74 -25.33
N LEU C 484 4.53 -56.23 -24.41
CA LEU C 484 4.74 -55.98 -22.98
C LEU C 484 6.12 -56.46 -22.56
N LYS C 485 6.69 -57.39 -23.31
CA LYS C 485 8.00 -57.94 -23.01
C LYS C 485 9.08 -56.93 -23.40
N LYS C 486 8.65 -55.75 -23.81
CA LYS C 486 9.56 -54.68 -24.22
C LYS C 486 10.35 -55.08 -25.46
N LEU D 24 30.44 -25.72 -2.38
CA LEU D 24 30.79 -25.44 -3.81
C LEU D 24 29.57 -25.00 -4.59
N VAL D 25 29.56 -25.30 -5.89
CA VAL D 25 28.44 -24.93 -6.76
C VAL D 25 27.75 -26.17 -7.32
N ARG D 26 26.42 -26.18 -7.25
CA ARG D 26 25.63 -27.29 -7.74
C ARG D 26 24.24 -26.80 -8.19
N VAL D 27 24.17 -26.24 -9.39
CA VAL D 27 22.91 -25.75 -9.93
C VAL D 27 22.13 -26.89 -10.57
N ARG D 28 21.00 -26.56 -11.18
CA ARG D 28 20.17 -27.58 -11.83
C ARG D 28 19.02 -26.95 -12.61
N PHE D 29 18.29 -27.81 -13.32
CA PHE D 29 17.14 -27.38 -14.11
C PHE D 29 16.00 -28.35 -13.83
N ALA D 30 14.98 -27.87 -13.10
CA ALA D 30 13.84 -28.70 -12.76
C ALA D 30 12.59 -28.35 -13.56
N PRO D 31 12.49 -28.84 -14.80
CA PRO D 31 11.32 -28.56 -15.64
C PRO D 31 10.20 -29.56 -15.39
N SER D 32 8.96 -29.08 -15.45
CA SER D 32 7.80 -29.95 -15.25
C SER D 32 7.28 -30.35 -16.64
N PRO D 33 7.40 -31.65 -16.98
CA PRO D 33 6.94 -32.19 -18.27
C PRO D 33 5.47 -31.92 -18.57
N THR D 34 5.15 -30.65 -18.83
CA THR D 34 3.79 -30.26 -19.13
C THR D 34 3.67 -29.69 -20.54
N GLY D 35 4.81 -29.51 -21.21
CA GLY D 35 4.82 -28.98 -22.56
C GLY D 35 6.19 -29.04 -23.21
N HIS D 36 6.31 -28.42 -24.38
CA HIS D 36 7.58 -28.39 -25.11
C HIS D 36 8.56 -27.49 -24.39
N LEU D 37 9.86 -27.68 -24.64
CA LEU D 37 10.87 -26.85 -24.00
C LEU D 37 10.72 -25.40 -24.43
N HIS D 38 10.10 -24.61 -23.57
CA HIS D 38 9.88 -23.20 -23.82
C HIS D 38 11.22 -22.50 -24.10
N VAL D 39 11.20 -21.55 -25.03
CA VAL D 39 12.42 -20.82 -25.36
C VAL D 39 12.97 -20.12 -24.13
N GLY D 40 12.11 -19.92 -23.14
CA GLY D 40 12.53 -19.27 -21.92
C GLY D 40 13.41 -20.22 -21.12
N GLY D 41 12.97 -21.47 -21.01
CA GLY D 41 13.74 -22.46 -20.28
C GLY D 41 15.10 -22.63 -20.93
N ALA D 42 15.12 -22.60 -22.26
CA ALA D 42 16.36 -22.74 -23.01
C ALA D 42 17.33 -21.63 -22.60
N ARG D 43 16.79 -20.63 -21.91
CA ARG D 43 17.58 -19.50 -21.43
C ARG D 43 17.80 -19.62 -19.93
N THR D 44 16.84 -20.25 -19.25
CA THR D 44 16.92 -20.44 -17.81
C THR D 44 17.86 -21.61 -17.51
N ALA D 45 18.00 -22.50 -18.49
CA ALA D 45 18.87 -23.66 -18.34
C ALA D 45 20.25 -23.31 -18.88
N LEU D 46 20.27 -22.35 -19.81
CA LEU D 46 21.52 -21.90 -20.42
C LEU D 46 22.28 -21.02 -19.43
N PHE D 47 21.57 -20.53 -18.42
CA PHE D 47 22.17 -19.67 -17.40
C PHE D 47 22.86 -20.55 -16.37
N ASN D 48 22.18 -21.61 -15.97
CA ASN D 48 22.73 -22.55 -14.98
C ASN D 48 23.94 -23.27 -15.54
N TRP D 49 23.80 -23.81 -16.75
CA TRP D 49 24.89 -24.52 -17.40
C TRP D 49 26.16 -23.68 -17.41
N MET D 50 26.06 -22.49 -18.01
CA MET D 50 27.20 -21.58 -18.09
C MET D 50 27.78 -21.29 -16.71
N PHE D 51 26.91 -21.09 -15.73
CA PHE D 51 27.35 -20.81 -14.38
C PHE D 51 28.03 -22.04 -13.77
N ALA D 52 27.47 -23.21 -14.04
CA ALA D 52 28.03 -24.46 -13.54
C ALA D 52 29.41 -24.67 -14.12
N ARG D 53 29.59 -24.27 -15.37
CA ARG D 53 30.86 -24.41 -16.06
C ARG D 53 31.79 -23.25 -15.74
N LYS D 54 31.21 -22.09 -15.44
CA LYS D 54 31.99 -20.90 -15.11
C LYS D 54 32.70 -21.12 -13.79
N GLU D 55 32.13 -21.99 -12.95
CA GLU D 55 32.71 -22.30 -11.66
C GLU D 55 33.32 -23.70 -11.66
N GLY D 56 32.49 -24.71 -11.87
CA GLY D 56 32.97 -26.07 -11.88
C GLY D 56 32.02 -27.02 -11.17
N GLY D 57 30.77 -26.60 -11.04
CA GLY D 57 29.78 -27.43 -10.37
C GLY D 57 29.11 -28.40 -11.34
N LYS D 58 28.05 -29.06 -10.87
CA LYS D 58 27.32 -30.01 -11.70
C LYS D 58 25.97 -29.46 -12.14
N PHE D 59 25.69 -29.57 -13.44
CA PHE D 59 24.44 -29.10 -14.00
C PHE D 59 23.40 -30.22 -13.91
N ILE D 60 22.78 -30.33 -12.73
CA ILE D 60 21.79 -31.36 -12.48
C ILE D 60 20.47 -31.11 -13.20
N LEU D 61 19.84 -32.19 -13.65
CA LEU D 61 18.57 -32.10 -14.34
C LEU D 61 17.53 -32.86 -13.54
N ARG D 62 16.51 -32.15 -13.06
CA ARG D 62 15.47 -32.78 -12.25
C ARG D 62 14.10 -32.64 -12.90
N ILE D 63 13.33 -33.72 -12.86
CA ILE D 63 11.99 -33.73 -13.43
C ILE D 63 10.97 -33.61 -12.31
N GLU D 64 10.03 -32.70 -12.47
CA GLU D 64 8.99 -32.48 -11.47
C GLU D 64 7.61 -32.82 -12.01
N ASP D 65 7.26 -34.09 -11.92
CA ASP D 65 5.97 -34.59 -12.39
C ASP D 65 4.98 -34.76 -11.25
N THR D 66 5.06 -33.87 -10.26
CA THR D 66 4.16 -33.92 -9.11
C THR D 66 2.70 -33.67 -9.49
N ASP D 67 2.49 -33.10 -10.68
CA ASP D 67 1.14 -32.84 -11.16
C ASP D 67 0.77 -33.85 -12.25
N THR D 68 0.28 -35.01 -11.81
CA THR D 68 -0.11 -36.07 -12.73
C THR D 68 -1.04 -35.58 -13.84
N GLU D 69 -1.82 -34.55 -13.55
CA GLU D 69 -2.76 -34.00 -14.53
C GLU D 69 -2.10 -33.51 -15.81
N ARG D 70 -1.01 -32.75 -15.67
CA ARG D 70 -0.31 -32.20 -16.82
C ARG D 70 0.95 -32.97 -17.21
N SER D 71 1.69 -33.46 -16.22
CA SER D 71 2.92 -34.20 -16.46
C SER D 71 2.73 -35.43 -17.33
N SER D 72 3.84 -35.91 -17.91
CA SER D 72 3.84 -37.08 -18.77
C SER D 72 5.26 -37.35 -19.24
N ARG D 73 5.64 -38.62 -19.33
CA ARG D 73 6.98 -38.98 -19.77
C ARG D 73 7.17 -38.68 -21.25
N GLU D 74 6.08 -38.34 -21.92
CA GLU D 74 6.13 -38.01 -23.34
C GLU D 74 6.75 -36.62 -23.47
N TYR D 75 6.14 -35.65 -22.79
CA TYR D 75 6.64 -34.28 -22.82
C TYR D 75 8.01 -34.21 -22.16
N GLU D 76 8.29 -35.16 -21.28
CA GLU D 76 9.57 -35.21 -20.60
C GLU D 76 10.67 -35.51 -21.61
N GLN D 77 10.44 -36.53 -22.43
CA GLN D 77 11.40 -36.93 -23.45
C GLN D 77 11.57 -35.85 -24.52
N GLN D 78 10.49 -35.12 -24.81
CA GLN D 78 10.52 -34.07 -25.80
C GLN D 78 11.42 -32.94 -25.29
N ILE D 79 11.25 -32.60 -24.02
CA ILE D 79 12.04 -31.54 -23.39
C ILE D 79 13.51 -31.94 -23.30
N LEU D 80 13.77 -33.15 -22.81
CA LEU D 80 15.13 -33.65 -22.66
C LEU D 80 15.92 -33.53 -23.95
N GLU D 81 15.29 -33.87 -25.07
CA GLU D 81 15.96 -33.81 -26.37
C GLU D 81 16.25 -32.36 -26.76
N SER D 82 15.31 -31.47 -26.47
CA SER D 82 15.48 -30.05 -26.79
C SER D 82 16.62 -29.43 -26.01
N LEU D 83 16.79 -29.88 -24.76
CA LEU D 83 17.87 -29.37 -23.91
C LEU D 83 19.20 -29.82 -24.48
N ARG D 84 19.35 -31.13 -24.63
CA ARG D 84 20.57 -31.73 -25.16
C ARG D 84 20.87 -31.18 -26.55
N TRP D 85 19.83 -30.73 -27.24
CA TRP D 85 19.98 -30.17 -28.58
C TRP D 85 20.64 -28.79 -28.50
N CYS D 86 20.84 -28.31 -27.28
CA CYS D 86 21.45 -27.00 -27.07
C CYS D 86 22.83 -27.15 -26.43
N GLY D 87 23.35 -28.38 -26.41
CA GLY D 87 24.65 -28.61 -25.82
C GLY D 87 24.60 -28.42 -24.32
N LEU D 88 23.40 -28.24 -23.79
CA LEU D 88 23.19 -28.03 -22.36
C LEU D 88 23.14 -29.38 -21.65
N ASP D 89 24.08 -30.26 -21.98
CA ASP D 89 24.13 -31.59 -21.39
C ASP D 89 24.00 -31.53 -19.87
N TRP D 90 23.28 -32.50 -19.31
CA TRP D 90 23.05 -32.59 -17.88
C TRP D 90 24.10 -33.49 -17.23
N ASP D 91 24.48 -33.15 -16.00
CA ASP D 91 25.47 -33.92 -15.27
C ASP D 91 24.83 -35.03 -14.44
N GLU D 92 23.67 -34.74 -13.87
CA GLU D 92 22.95 -35.70 -13.05
C GLU D 92 21.47 -35.70 -13.43
N GLY D 93 21.18 -36.15 -14.65
CA GLY D 93 19.81 -36.18 -15.12
C GLY D 93 19.07 -37.48 -14.82
N PRO D 94 17.74 -37.48 -14.95
CA PRO D 94 16.88 -38.65 -14.71
C PRO D 94 17.04 -39.73 -15.77
N ASP D 95 17.94 -39.49 -16.72
CA ASP D 95 18.19 -40.44 -17.79
C ASP D 95 19.54 -41.13 -17.58
N ILE D 96 20.53 -40.37 -17.11
CA ILE D 96 21.86 -40.92 -16.87
C ILE D 96 22.02 -41.33 -15.41
N GLY D 97 21.48 -40.51 -14.51
CA GLY D 97 21.58 -40.80 -13.10
C GLY D 97 22.80 -40.19 -12.43
N GLY D 98 22.92 -40.40 -11.13
CA GLY D 98 24.05 -39.86 -10.39
C GLY D 98 24.11 -40.45 -8.99
N ASP D 99 24.58 -39.67 -8.03
CA ASP D 99 24.68 -40.12 -6.65
C ASP D 99 23.60 -39.48 -5.79
N PHE D 100 22.66 -38.80 -6.45
CA PHE D 100 21.56 -38.14 -5.76
C PHE D 100 20.22 -38.47 -6.40
N GLY D 101 20.01 -39.75 -6.71
CA GLY D 101 18.77 -40.18 -7.32
C GLY D 101 17.77 -40.63 -6.27
N PRO D 102 16.51 -40.89 -6.66
CA PRO D 102 15.97 -40.76 -8.01
C PRO D 102 15.76 -39.31 -8.45
N TYR D 103 15.84 -39.09 -9.77
CA TYR D 103 15.67 -37.75 -10.32
C TYR D 103 14.24 -37.47 -10.77
N ARG D 104 13.30 -38.23 -10.22
CA ARG D 104 11.89 -38.05 -10.52
C ARG D 104 11.11 -37.99 -9.21
N GLN D 105 10.51 -36.83 -8.94
CA GLN D 105 9.76 -36.65 -7.71
C GLN D 105 8.65 -37.69 -7.59
N SER D 106 8.27 -38.28 -8.71
CA SER D 106 7.22 -39.29 -8.74
C SER D 106 7.80 -40.60 -8.19
N GLU D 107 9.10 -40.60 -7.91
CA GLU D 107 9.78 -41.76 -7.37
C GLU D 107 10.13 -41.53 -5.90
N ARG D 108 9.99 -40.28 -5.46
CA ARG D 108 10.28 -39.91 -4.08
C ARG D 108 9.01 -39.62 -3.30
N LEU D 109 7.89 -40.20 -3.76
CA LEU D 109 6.60 -40.00 -3.12
C LEU D 109 6.64 -40.18 -1.60
N GLU D 110 7.28 -41.25 -1.15
CA GLU D 110 7.38 -41.51 0.28
C GLU D 110 8.23 -40.48 1.01
N ILE D 111 9.34 -40.08 0.40
CA ILE D 111 10.23 -39.10 1.00
C ILE D 111 9.46 -37.84 1.41
N TYR D 112 8.47 -37.47 0.60
CA TYR D 112 7.66 -36.29 0.87
C TYR D 112 6.65 -36.55 1.99
N ARG D 113 6.22 -37.80 2.11
CA ARG D 113 5.26 -38.17 3.13
C ARG D 113 5.96 -38.38 4.47
N GLU D 114 7.28 -38.57 4.41
CA GLU D 114 8.08 -38.78 5.61
C GLU D 114 8.28 -37.45 6.36
N TYR D 115 8.76 -36.45 5.64
CA TYR D 115 9.00 -35.14 6.22
C TYR D 115 7.70 -34.43 6.53
N ALA D 116 6.63 -34.81 5.84
CA ALA D 116 5.32 -34.22 6.07
C ALA D 116 4.94 -34.48 7.53
N GLU D 117 5.18 -35.71 7.97
CA GLU D 117 4.90 -36.11 9.34
C GLU D 117 5.88 -35.39 10.26
N LYS D 118 7.10 -35.20 9.75
CA LYS D 118 8.15 -34.52 10.50
C LYS D 118 7.75 -33.06 10.72
N LEU D 119 6.52 -32.74 10.37
CA LEU D 119 5.98 -31.39 10.53
C LEU D 119 4.62 -31.47 11.21
N VAL D 120 3.74 -32.30 10.67
CA VAL D 120 2.41 -32.49 11.23
C VAL D 120 2.56 -32.95 12.68
N GLU D 121 3.42 -33.93 12.89
CA GLU D 121 3.68 -34.47 14.21
C GLU D 121 4.65 -33.55 14.95
N ASP D 122 4.83 -32.34 14.41
CA ASP D 122 5.74 -31.36 15.01
C ASP D 122 5.02 -30.05 15.26
N LYS D 123 3.69 -30.08 15.16
CA LYS D 123 2.85 -28.89 15.39
C LYS D 123 3.06 -27.81 14.34
N ARG D 124 3.93 -28.08 13.36
CA ARG D 124 4.20 -27.12 12.29
C ARG D 124 3.48 -27.52 11.00
N ALA D 125 2.40 -28.27 11.15
CA ALA D 125 1.60 -28.73 10.02
C ALA D 125 0.35 -29.41 10.57
N TYR D 126 -0.64 -29.62 9.72
CA TYR D 126 -1.88 -30.26 10.16
C TYR D 126 -2.66 -30.84 8.98
N TYR D 127 -3.52 -31.80 9.29
CA TYR D 127 -4.36 -32.45 8.27
C TYR D 127 -5.66 -31.68 8.10
N VAL D 128 -6.12 -31.58 6.85
CA VAL D 128 -7.36 -30.88 6.55
C VAL D 128 -8.33 -31.80 5.81
N VAL D 129 -9.19 -32.47 6.56
CA VAL D 129 -10.18 -33.39 6.00
C VAL D 129 -11.23 -32.65 5.18
N TYR D 130 -11.69 -33.28 4.10
CA TYR D 130 -12.70 -32.69 3.24
C TYR D 130 -13.98 -33.51 3.24
N ASP D 131 -14.98 -33.04 2.51
CA ASP D 131 -16.27 -33.72 2.43
C ASP D 131 -16.26 -34.88 1.44
N LYS D 132 -16.97 -35.95 1.79
CA LYS D 132 -17.05 -37.13 0.93
C LYS D 132 -17.78 -36.80 -0.37
N GLU D 133 -18.89 -36.09 -0.24
CA GLU D 133 -19.69 -35.69 -1.40
C GLU D 133 -18.94 -34.67 -2.25
N ASP D 134 -18.17 -33.82 -1.59
CA ASP D 134 -17.40 -32.79 -2.29
C ASP D 134 -15.98 -32.71 -1.74
N PRO D 135 -15.04 -33.43 -2.37
CA PRO D 135 -13.63 -33.46 -1.97
C PRO D 135 -12.98 -32.07 -1.95
N SER D 136 -13.68 -31.08 -2.48
CA SER D 136 -13.17 -29.72 -2.53
C SER D 136 -13.78 -28.84 -1.45
N LYS D 137 -14.45 -29.45 -0.49
CA LYS D 137 -15.07 -28.71 0.60
C LYS D 137 -14.36 -28.97 1.93
N GLU D 138 -13.71 -27.93 2.46
CA GLU D 138 -12.99 -28.04 3.71
C GLU D 138 -13.92 -28.41 4.86
N LEU D 139 -13.44 -29.28 5.74
CA LEU D 139 -14.23 -29.72 6.89
C LEU D 139 -13.59 -29.19 8.17
N PHE D 140 -12.61 -29.91 8.69
CA PHE D 140 -11.92 -29.51 9.91
C PHE D 140 -10.42 -29.78 9.81
N THR D 141 -9.69 -29.50 10.88
CA THR D 141 -8.24 -29.72 10.91
C THR D 141 -7.86 -30.64 12.05
N THR D 142 -6.58 -31.03 12.10
CA THR D 142 -6.10 -31.93 13.15
C THR D 142 -4.58 -32.13 13.09
N TYR D 143 -3.98 -32.45 14.24
CA TYR D 143 -2.56 -32.68 14.32
C TYR D 143 -2.27 -34.18 14.31
N GLU D 144 -3.31 -34.97 14.07
CA GLU D 144 -3.19 -36.42 14.03
C GLU D 144 -4.07 -37.00 12.93
N TYR D 145 -3.47 -37.87 12.11
CA TYR D 145 -4.19 -38.49 10.99
C TYR D 145 -5.33 -39.40 11.47
N PRO D 146 -6.58 -39.00 11.21
CA PRO D 146 -7.74 -39.79 11.62
C PRO D 146 -8.04 -40.92 10.63
N HIS D 147 -8.86 -41.87 11.06
CA HIS D 147 -9.23 -42.99 10.20
C HIS D 147 -10.74 -42.98 9.96
N GLU D 148 -11.47 -42.30 10.83
CA GLU D 148 -12.92 -42.20 10.72
C GLU D 148 -13.28 -41.18 9.65
N TYR D 149 -12.26 -40.66 8.97
CA TYR D 149 -12.47 -39.65 7.93
C TYR D 149 -11.66 -39.94 6.67
N LYS D 150 -11.33 -41.22 6.46
CA LYS D 150 -10.57 -41.62 5.29
C LYS D 150 -11.16 -42.92 4.75
N GLU D 151 -11.53 -43.81 5.67
CA GLU D 151 -12.11 -45.09 5.30
C GLU D 151 -13.52 -44.89 4.75
N LYS D 152 -14.09 -43.73 5.03
CA LYS D 152 -15.43 -43.40 4.56
C LYS D 152 -15.40 -42.80 3.16
N GLY D 153 -14.56 -41.78 2.98
CA GLY D 153 -14.47 -41.14 1.68
C GLY D 153 -14.13 -39.66 1.78
N HIS D 154 -13.56 -39.26 2.92
CA HIS D 154 -13.20 -37.86 3.13
C HIS D 154 -11.74 -37.62 2.80
N PRO D 155 -11.46 -36.68 1.89
CA PRO D 155 -10.09 -36.33 1.48
C PRO D 155 -9.28 -35.79 2.65
N VAL D 156 -7.97 -35.96 2.57
CA VAL D 156 -7.08 -35.47 3.63
C VAL D 156 -5.76 -34.95 3.05
N THR D 157 -5.49 -33.67 3.27
CA THR D 157 -4.26 -33.04 2.79
C THR D 157 -3.54 -32.39 3.97
N ILE D 158 -2.28 -32.03 3.75
CA ILE D 158 -1.48 -31.38 4.80
C ILE D 158 -1.14 -29.95 4.41
N LYS D 159 -1.30 -29.04 5.37
CA LYS D 159 -1.01 -27.63 5.15
C LYS D 159 0.07 -27.17 6.11
N PHE D 160 1.05 -26.43 5.61
CA PHE D 160 2.13 -25.93 6.45
C PHE D 160 1.61 -24.76 7.25
N LYS D 161 1.72 -24.84 8.58
CA LYS D 161 1.26 -23.77 9.45
C LYS D 161 2.21 -22.59 9.43
N VAL D 162 1.80 -21.51 8.78
CA VAL D 162 2.62 -20.31 8.69
C VAL D 162 2.42 -19.45 9.93
N LEU D 163 3.50 -19.21 10.66
CA LEU D 163 3.44 -18.39 11.87
C LEU D 163 3.77 -16.94 11.55
N PRO D 164 3.19 -16.00 12.31
CA PRO D 164 3.44 -14.56 12.09
C PRO D 164 4.88 -14.16 12.38
N GLY D 165 5.53 -13.55 11.39
CA GLY D 165 6.91 -13.13 11.56
C GLY D 165 7.43 -12.30 10.42
N LYS D 166 8.54 -12.74 9.83
CA LYS D 166 9.16 -12.04 8.71
C LYS D 166 10.25 -12.90 8.07
N THR D 167 10.09 -13.19 6.79
CA THR D 167 11.06 -13.99 6.05
C THR D 167 11.82 -13.09 5.09
N SER D 168 13.08 -12.84 5.39
CA SER D 168 13.91 -11.98 4.54
C SER D 168 15.16 -12.68 4.03
N PHE D 169 15.52 -12.40 2.78
CA PHE D 169 16.69 -13.00 2.16
C PHE D 169 17.31 -12.01 1.18
N GLU D 170 18.39 -12.41 0.52
CA GLU D 170 19.05 -11.53 -0.44
C GLU D 170 19.26 -12.20 -1.80
N ASP D 171 18.64 -11.64 -2.83
CA ASP D 171 18.77 -12.16 -4.18
C ASP D 171 19.95 -11.48 -4.87
N LEU D 172 20.73 -12.26 -5.60
CA LEU D 172 21.90 -11.73 -6.30
C LEU D 172 21.54 -10.77 -7.42
N LEU D 173 20.26 -10.58 -7.67
CA LEU D 173 19.82 -9.68 -8.74
C LEU D 173 18.86 -8.61 -8.23
N LYS D 174 17.86 -9.02 -7.47
CA LYS D 174 16.86 -8.10 -6.94
C LYS D 174 17.28 -7.46 -5.62
N GLY D 175 18.51 -7.72 -5.20
CA GLY D 175 19.01 -7.15 -3.96
C GLY D 175 18.44 -7.81 -2.72
N TYR D 176 18.06 -6.99 -1.74
CA TYR D 176 17.50 -7.50 -0.50
C TYR D 176 16.00 -7.72 -0.63
N MET D 177 15.53 -8.86 -0.17
CA MET D 177 14.11 -9.21 -0.24
C MET D 177 13.52 -9.43 1.15
N GLU D 178 12.27 -8.98 1.34
CA GLU D 178 11.58 -9.16 2.61
C GLU D 178 10.10 -9.45 2.33
N PHE D 179 9.54 -10.38 3.09
CA PHE D 179 8.14 -10.76 2.92
C PHE D 179 7.50 -11.05 4.28
N ASP D 180 6.40 -10.36 4.56
CA ASP D 180 5.69 -10.54 5.82
C ASP D 180 4.67 -11.67 5.69
N ASN D 181 4.78 -12.67 6.56
CA ASN D 181 3.88 -13.82 6.54
C ASN D 181 2.42 -13.39 6.57
N SER D 182 2.18 -12.11 6.86
CA SER D 182 0.83 -11.57 6.91
C SER D 182 0.07 -11.93 5.64
N THR D 183 0.48 -11.34 4.53
CA THR D 183 -0.16 -11.60 3.24
C THR D 183 0.35 -12.92 2.68
N LEU D 184 0.40 -13.94 3.52
CA LEU D 184 0.86 -15.26 3.11
C LEU D 184 0.29 -16.33 4.04
N GLU D 185 -0.89 -16.83 3.70
CA GLU D 185 -1.55 -17.84 4.52
C GLU D 185 -1.02 -19.25 4.29
N ASP D 186 -1.46 -20.17 5.14
CA ASP D 186 -1.04 -21.57 5.08
C ASP D 186 -1.24 -22.17 3.70
N PHE D 187 -0.39 -23.13 3.34
CA PHE D 187 -0.46 -23.80 2.04
C PHE D 187 -0.29 -25.31 2.17
N ILE D 188 -0.88 -26.04 1.22
CA ILE D 188 -0.82 -27.50 1.20
C ILE D 188 0.55 -28.00 0.76
N ILE D 189 1.04 -29.03 1.42
CA ILE D 189 2.34 -29.61 1.10
C ILE D 189 2.18 -31.05 0.59
N MET D 190 1.16 -31.72 1.08
CA MET D 190 0.86 -33.10 0.69
C MET D 190 -0.62 -33.25 0.38
N LYS D 191 -0.97 -33.19 -0.89
CA LYS D 191 -2.35 -33.30 -1.33
C LYS D 191 -2.96 -34.65 -0.94
N SER D 192 -4.28 -34.77 -1.13
CA SER D 192 -5.00 -36.00 -0.81
C SER D 192 -4.53 -37.16 -1.65
N ASN D 193 -3.97 -36.86 -2.82
CA ASN D 193 -3.48 -37.88 -3.73
C ASN D 193 -2.02 -38.24 -3.46
N GLY D 194 -1.60 -38.05 -2.20
CA GLY D 194 -0.23 -38.37 -1.83
C GLY D 194 0.82 -37.41 -2.38
N PHE D 195 0.74 -37.14 -3.67
CA PHE D 195 1.67 -36.24 -4.34
C PHE D 195 1.76 -34.89 -3.62
N PRO D 196 3.00 -34.41 -3.40
CA PRO D 196 3.21 -33.12 -2.72
C PRO D 196 3.07 -31.95 -3.70
N THR D 197 3.21 -30.73 -3.17
CA THR D 197 3.10 -29.54 -4.00
C THR D 197 4.49 -29.04 -4.39
N TYR D 198 4.55 -27.95 -5.15
CA TYR D 198 5.82 -27.39 -5.59
C TYR D 198 6.68 -26.81 -4.47
N ASN D 199 6.08 -26.01 -3.61
CA ASN D 199 6.80 -25.38 -2.50
C ASN D 199 7.25 -26.39 -1.44
N PHE D 200 6.87 -27.64 -1.60
CA PHE D 200 7.24 -28.67 -0.63
C PHE D 200 8.19 -29.71 -1.23
N ALA D 201 7.77 -30.31 -2.35
CA ALA D 201 8.58 -31.33 -3.01
C ALA D 201 9.93 -30.79 -3.47
N VAL D 202 9.95 -29.53 -3.89
CA VAL D 202 11.18 -28.89 -4.36
C VAL D 202 12.16 -28.59 -3.23
N VAL D 203 11.61 -28.22 -2.07
CA VAL D 203 12.45 -27.91 -0.91
C VAL D 203 13.25 -29.12 -0.47
N VAL D 204 12.61 -30.29 -0.50
CA VAL D 204 13.25 -31.54 -0.10
C VAL D 204 14.34 -31.94 -1.09
N ASP D 205 13.98 -32.04 -2.36
CA ASP D 205 14.93 -32.43 -3.40
C ASP D 205 16.16 -31.54 -3.47
N ASP D 206 15.96 -30.22 -3.59
CA ASP D 206 17.09 -29.29 -3.66
C ASP D 206 17.93 -29.38 -2.39
N HIS D 207 17.40 -30.05 -1.39
CA HIS D 207 18.11 -30.22 -0.13
C HIS D 207 18.91 -31.52 -0.17
N LEU D 208 18.22 -32.62 -0.39
CA LEU D 208 18.84 -33.94 -0.45
C LEU D 208 19.88 -33.99 -1.57
N MET D 209 19.53 -33.39 -2.71
CA MET D 209 20.42 -33.34 -3.86
C MET D 209 21.53 -32.34 -3.58
N ARG D 210 21.43 -31.67 -2.44
CA ARG D 210 22.42 -30.69 -2.02
C ARG D 210 22.66 -29.63 -3.08
N ILE D 211 21.60 -28.90 -3.43
CA ILE D 211 21.69 -27.84 -4.42
C ILE D 211 22.14 -26.56 -3.73
N SER D 212 23.36 -26.14 -4.03
CA SER D 212 23.93 -24.95 -3.42
C SER D 212 23.42 -23.66 -4.06
N HIS D 213 23.17 -23.69 -5.37
CA HIS D 213 22.69 -22.52 -6.09
C HIS D 213 21.39 -22.76 -6.84
N VAL D 214 20.41 -21.91 -6.62
CA VAL D 214 19.11 -22.02 -7.28
C VAL D 214 18.84 -20.84 -8.21
N PHE D 215 19.15 -21.04 -9.50
CA PHE D 215 18.94 -20.01 -10.51
C PHE D 215 17.72 -20.38 -11.33
N ARG D 216 16.59 -19.78 -11.00
CA ARG D 216 15.35 -20.06 -11.71
C ARG D 216 14.67 -18.78 -12.20
N GLY D 217 13.43 -18.91 -12.66
CA GLY D 217 12.71 -17.76 -13.17
C GLY D 217 12.22 -16.84 -12.07
N GLU D 218 11.77 -15.65 -12.48
CA GLU D 218 11.28 -14.64 -11.55
C GLU D 218 9.87 -14.97 -11.07
N ASP D 219 9.16 -15.81 -11.82
CA ASP D 219 7.80 -16.19 -11.48
C ASP D 219 7.73 -16.91 -10.13
N HIS D 220 8.89 -17.31 -9.62
CA HIS D 220 8.97 -18.00 -8.34
C HIS D 220 9.59 -17.12 -7.26
N LEU D 221 9.55 -15.81 -7.49
CA LEU D 221 10.11 -14.86 -6.54
C LEU D 221 9.29 -14.84 -5.24
N SER D 222 7.98 -14.72 -5.39
CA SER D 222 7.08 -14.67 -4.25
C SER D 222 6.88 -16.03 -3.60
N ASN D 223 7.36 -17.07 -4.26
CA ASN D 223 7.24 -18.43 -3.74
C ASN D 223 8.39 -18.74 -2.79
N THR D 224 9.46 -17.96 -2.89
CA THR D 224 10.62 -18.16 -2.03
C THR D 224 10.22 -18.12 -0.57
N PRO D 225 9.40 -17.15 -0.16
CA PRO D 225 8.98 -17.05 1.24
C PRO D 225 8.43 -18.39 1.75
N LYS D 226 7.45 -18.91 1.03
CA LYS D 226 6.81 -20.17 1.39
C LYS D 226 7.81 -21.32 1.52
N GLN D 227 8.90 -21.24 0.76
CA GLN D 227 9.92 -22.28 0.79
C GLN D 227 10.95 -22.01 1.88
N LEU D 228 11.14 -20.74 2.23
CA LEU D 228 12.10 -20.37 3.25
C LEU D 228 11.62 -20.82 4.63
N MET D 229 10.31 -20.88 4.81
CA MET D 229 9.72 -21.30 6.07
C MET D 229 9.96 -22.78 6.34
N ILE D 230 9.83 -23.59 5.29
CA ILE D 230 10.03 -25.04 5.41
C ILE D 230 11.49 -25.33 5.76
N TYR D 231 12.40 -24.56 5.20
CA TYR D 231 13.82 -24.74 5.47
C TYR D 231 14.08 -24.43 6.95
N GLU D 232 13.64 -23.26 7.38
CA GLU D 232 13.82 -22.85 8.76
C GLU D 232 13.05 -23.79 9.68
N ALA D 233 12.05 -24.46 9.12
CA ALA D 233 11.23 -25.40 9.88
C ALA D 233 11.95 -26.75 9.96
N PHE D 234 13.00 -26.88 9.16
CA PHE D 234 13.79 -28.11 9.12
C PHE D 234 15.22 -27.84 9.60
N GLY D 235 15.57 -26.57 9.68
CA GLY D 235 16.91 -26.20 10.12
C GLY D 235 17.95 -26.24 9.02
N TRP D 236 17.52 -26.00 7.78
CA TRP D 236 18.45 -26.01 6.65
C TRP D 236 18.67 -24.60 6.15
N GLU D 237 19.88 -24.31 5.68
CA GLU D 237 20.21 -22.99 5.17
C GLU D 237 19.86 -22.89 3.68
N ALA D 238 18.93 -22.01 3.36
CA ALA D 238 18.50 -21.81 1.98
C ALA D 238 19.68 -21.55 1.05
N PRO D 239 19.69 -22.19 -0.13
CA PRO D 239 20.77 -22.03 -1.11
C PRO D 239 20.77 -20.65 -1.76
N VAL D 240 21.83 -20.35 -2.50
CA VAL D 240 21.97 -19.08 -3.19
C VAL D 240 20.87 -18.92 -4.24
N PHE D 241 19.97 -17.97 -4.00
CA PHE D 241 18.86 -17.72 -4.92
C PHE D 241 19.16 -16.67 -5.97
N MET D 242 18.78 -16.95 -7.20
CA MET D 242 18.97 -16.04 -8.32
C MET D 242 17.75 -16.14 -9.23
N HIS D 243 17.00 -15.05 -9.34
CA HIS D 243 15.82 -15.04 -10.17
C HIS D 243 16.05 -14.32 -11.50
N ILE D 244 15.75 -15.02 -12.58
CA ILE D 244 15.91 -14.50 -13.93
C ILE D 244 14.59 -13.98 -14.49
N PRO D 245 14.56 -12.72 -14.95
CA PRO D 245 13.34 -12.13 -15.49
C PRO D 245 12.79 -12.99 -16.62
N LEU D 246 11.52 -13.36 -16.53
CA LEU D 246 10.89 -14.19 -17.54
C LEU D 246 10.91 -13.53 -18.92
N ILE D 247 10.94 -14.35 -19.96
CA ILE D 247 10.95 -13.83 -21.33
C ILE D 247 9.52 -13.56 -21.79
N LEU D 248 9.17 -12.28 -21.86
CA LEU D 248 7.83 -11.89 -22.28
C LEU D 248 7.51 -12.42 -23.67
N GLY D 249 6.22 -12.59 -23.95
CA GLY D 249 5.81 -13.10 -25.24
C GLY D 249 5.47 -12.01 -26.23
N SER D 250 4.22 -11.56 -26.21
CA SER D 250 3.77 -10.51 -27.12
C SER D 250 3.33 -9.26 -26.37
N ASP D 251 2.30 -9.41 -25.55
CA ASP D 251 1.76 -8.30 -24.78
C ASP D 251 2.40 -8.18 -23.39
N ARG D 252 3.72 -8.11 -23.36
CA ARG D 252 4.46 -8.00 -22.11
C ARG D 252 4.11 -9.09 -21.11
N THR D 253 3.62 -10.21 -21.60
CA THR D 253 3.24 -11.34 -20.74
C THR D 253 4.21 -12.49 -20.94
N PRO D 254 4.53 -13.22 -19.86
CA PRO D 254 5.46 -14.36 -19.95
C PRO D 254 5.11 -15.26 -21.12
N LEU D 255 5.99 -15.28 -22.12
CA LEU D 255 5.78 -16.10 -23.31
C LEU D 255 5.47 -17.54 -22.92
N SER D 256 4.62 -18.18 -23.73
CA SER D 256 4.23 -19.56 -23.48
C SER D 256 3.66 -20.21 -24.74
N LYS D 257 3.33 -21.49 -24.65
CA LYS D 257 2.79 -22.23 -25.77
C LYS D 257 1.31 -21.85 -25.95
N ARG D 258 0.98 -20.61 -25.62
CA ARG D 258 -0.38 -20.10 -25.72
C ARG D 258 -0.60 -19.43 -27.07
N HIS D 259 0.35 -18.60 -27.48
CA HIS D 259 0.27 -17.87 -28.75
C HIS D 259 0.19 -18.82 -29.94
N GLY D 260 0.86 -19.97 -29.83
CA GLY D 260 0.84 -20.94 -30.91
C GLY D 260 1.53 -22.25 -30.52
N ALA D 261 2.84 -22.16 -30.28
CA ALA D 261 3.63 -23.32 -29.90
C ALA D 261 5.08 -22.90 -29.73
N THR D 262 5.28 -21.66 -29.26
CA THR D 262 6.61 -21.10 -29.04
C THR D 262 7.48 -22.03 -28.21
N SER D 263 8.36 -22.78 -28.89
CA SER D 263 9.25 -23.71 -28.23
C SER D 263 10.50 -23.95 -29.07
N VAL D 264 11.48 -24.64 -28.50
CA VAL D 264 12.73 -24.93 -29.20
C VAL D 264 12.48 -25.73 -30.49
N GLU D 265 11.54 -26.67 -30.43
CA GLU D 265 11.22 -27.49 -31.60
C GLU D 265 10.70 -26.63 -32.74
N HIS D 266 10.02 -25.54 -32.40
CA HIS D 266 9.47 -24.64 -33.40
C HIS D 266 10.55 -24.10 -34.33
N PHE D 267 11.63 -23.60 -33.75
CA PHE D 267 12.74 -23.04 -34.53
C PHE D 267 13.74 -24.09 -34.99
N ARG D 268 13.72 -25.27 -34.38
CA ARG D 268 14.64 -26.33 -34.74
C ARG D 268 14.46 -26.75 -36.21
N ARG D 269 13.23 -27.09 -36.58
CA ARG D 269 12.92 -27.53 -37.92
C ARG D 269 12.94 -26.35 -38.91
N GLU D 270 12.83 -25.14 -38.37
CA GLU D 270 12.84 -23.94 -39.20
C GLU D 270 14.22 -23.57 -39.71
N GLY D 271 15.23 -24.33 -39.29
CA GLY D 271 16.59 -24.06 -39.73
C GLY D 271 17.35 -23.12 -38.83
N ILE D 272 17.10 -23.20 -37.53
CA ILE D 272 17.79 -22.36 -36.55
C ILE D 272 18.84 -23.17 -35.81
N LEU D 273 20.11 -22.85 -36.06
CA LEU D 273 21.22 -23.55 -35.42
C LEU D 273 21.08 -23.52 -33.91
N SER D 274 21.91 -24.29 -33.22
CA SER D 274 21.88 -24.34 -31.76
C SER D 274 22.61 -23.15 -31.14
N ARG D 275 23.90 -23.02 -31.46
CA ARG D 275 24.68 -21.92 -30.92
C ARG D 275 24.17 -20.59 -31.44
N ALA D 276 23.29 -20.65 -32.44
CA ALA D 276 22.70 -19.45 -33.00
C ALA D 276 21.53 -19.05 -32.13
N LEU D 277 20.68 -20.01 -31.82
CA LEU D 277 19.52 -19.78 -30.97
C LEU D 277 19.99 -19.41 -29.57
N MET D 278 20.99 -20.14 -29.09
CA MET D 278 21.55 -19.90 -27.77
C MET D 278 22.35 -18.61 -27.77
N ASN D 279 22.66 -18.13 -28.97
CA ASN D 279 23.40 -16.88 -29.12
C ASN D 279 22.46 -15.75 -28.72
N TYR D 280 21.26 -15.77 -29.30
CA TYR D 280 20.24 -14.75 -29.03
C TYR D 280 19.79 -14.82 -27.57
N LEU D 281 19.80 -16.02 -27.01
CA LEU D 281 19.38 -16.22 -25.63
C LEU D 281 20.40 -15.59 -24.69
N ALA D 282 21.64 -15.52 -25.15
CA ALA D 282 22.71 -14.93 -24.35
C ALA D 282 22.85 -13.45 -24.70
N LEU D 283 22.15 -13.03 -25.74
CA LEU D 283 22.18 -11.65 -26.19
C LEU D 283 21.05 -10.87 -25.54
N LEU D 284 19.92 -11.54 -25.29
CA LEU D 284 18.77 -10.91 -24.66
C LEU D 284 19.17 -10.40 -23.28
N GLY D 285 18.30 -9.61 -22.66
CA GLY D 285 18.62 -9.07 -21.35
C GLY D 285 20.01 -8.46 -21.39
N TRP D 286 21.01 -9.25 -21.00
CA TRP D 286 22.38 -8.78 -21.04
C TRP D 286 22.81 -8.58 -22.49
N ARG D 287 22.95 -7.33 -22.89
CA ARG D 287 23.36 -7.01 -24.26
C ARG D 287 24.88 -6.99 -24.34
N VAL D 288 25.42 -7.50 -25.44
CA VAL D 288 26.86 -7.55 -25.65
C VAL D 288 27.47 -6.15 -25.66
N GLU D 289 28.66 -6.02 -25.08
CA GLU D 289 29.35 -4.75 -25.02
C GLU D 289 30.24 -4.59 -26.25
N GLY D 290 30.49 -5.71 -26.94
CA GLY D 290 31.32 -5.68 -28.13
C GLY D 290 30.49 -5.91 -29.38
N ASP D 291 30.48 -7.15 -29.85
CA ASP D 291 29.71 -7.51 -31.04
C ASP D 291 28.74 -8.63 -30.65
N GLU D 292 27.52 -8.55 -31.18
CA GLU D 292 26.51 -9.55 -30.88
C GLU D 292 26.84 -10.94 -31.44
N ILE D 293 27.84 -11.00 -32.31
CA ILE D 293 28.26 -12.26 -32.92
C ILE D 293 29.23 -13.01 -32.02
N PHE D 294 28.82 -14.18 -31.53
CA PHE D 294 29.67 -14.99 -30.66
C PHE D 294 29.05 -16.35 -30.38
N THR D 295 29.66 -17.10 -29.46
CA THR D 295 29.18 -18.42 -29.09
C THR D 295 29.23 -18.60 -27.58
N ILE D 296 28.24 -19.30 -27.03
CA ILE D 296 28.17 -19.54 -25.60
C ILE D 296 29.52 -19.99 -25.04
N GLU D 297 30.28 -20.70 -25.87
CA GLU D 297 31.59 -21.20 -25.48
C GLU D 297 32.64 -20.10 -25.38
N GLU D 298 32.97 -19.49 -26.52
CA GLU D 298 33.96 -18.43 -26.56
C GLU D 298 33.57 -17.22 -25.72
N LYS D 299 32.57 -17.39 -24.86
CA LYS D 299 32.11 -16.32 -23.99
C LYS D 299 31.69 -16.92 -22.65
N LEU D 300 32.35 -18.01 -22.27
CA LEU D 300 32.06 -18.69 -21.02
C LEU D 300 33.01 -18.24 -19.91
N GLN D 301 34.31 -18.26 -20.19
CA GLN D 301 35.30 -17.85 -19.20
C GLN D 301 35.10 -16.40 -18.78
N SER D 302 34.09 -15.76 -19.36
CA SER D 302 33.78 -14.36 -19.05
C SER D 302 32.28 -14.22 -18.76
N PHE D 303 31.70 -15.26 -18.16
CA PHE D 303 30.29 -15.27 -17.82
C PHE D 303 30.03 -14.74 -16.40
N ASP D 304 29.13 -13.77 -16.30
CA ASP D 304 28.78 -13.17 -15.01
C ASP D 304 27.28 -13.00 -14.88
N PRO D 305 26.66 -13.68 -13.91
CA PRO D 305 25.21 -13.60 -13.68
C PRO D 305 24.72 -12.18 -13.44
N LYS D 306 25.65 -11.24 -13.22
CA LYS D 306 25.29 -9.86 -12.97
C LYS D 306 25.08 -9.10 -14.28
N ASP D 307 25.52 -9.69 -15.38
CA ASP D 307 25.39 -9.08 -16.70
C ASP D 307 23.94 -8.99 -17.14
N ILE D 308 23.17 -10.03 -16.84
CA ILE D 308 21.76 -10.09 -17.22
C ILE D 308 20.98 -8.88 -16.73
N SER D 309 20.10 -8.37 -17.58
CA SER D 309 19.28 -7.21 -17.25
C SER D 309 18.17 -7.62 -16.30
N ASN D 310 17.72 -6.67 -15.47
CA ASN D 310 16.66 -6.93 -14.51
C ASN D 310 15.30 -6.57 -15.10
N LYS D 311 15.10 -6.93 -16.37
CA LYS D 311 13.84 -6.63 -17.05
C LYS D 311 13.35 -7.83 -17.87
N GLY D 312 12.04 -7.97 -17.96
CA GLY D 312 11.48 -9.05 -18.74
C GLY D 312 11.72 -8.70 -20.20
N VAL D 313 12.24 -9.64 -20.98
CA VAL D 313 12.53 -9.38 -22.39
C VAL D 313 11.59 -10.11 -23.34
N ILE D 314 11.17 -9.40 -24.39
CA ILE D 314 10.28 -9.97 -25.39
C ILE D 314 11.09 -10.68 -26.48
N PHE D 315 10.53 -11.75 -27.02
CA PHE D 315 11.21 -12.51 -28.06
C PHE D 315 10.94 -11.92 -29.45
N ASP D 316 12.01 -11.55 -30.15
CA ASP D 316 11.89 -10.97 -31.48
C ASP D 316 12.33 -11.97 -32.55
N TYR D 317 11.36 -12.57 -33.25
CA TYR D 317 11.64 -13.54 -34.29
C TYR D 317 12.65 -13.04 -35.31
N GLN D 318 12.31 -11.94 -35.99
CA GLN D 318 13.17 -11.36 -37.01
C GLN D 318 14.61 -11.10 -36.54
N LYS D 319 14.78 -10.88 -35.24
CA LYS D 319 16.12 -10.64 -34.71
C LYS D 319 16.92 -11.94 -34.70
N LEU D 320 16.24 -13.03 -34.34
CA LEU D 320 16.88 -14.34 -34.31
C LEU D 320 17.18 -14.77 -35.74
N GLU D 321 16.29 -14.40 -36.66
CA GLU D 321 16.47 -14.73 -38.06
C GLU D 321 17.77 -14.09 -38.55
N TRP D 322 17.99 -12.86 -38.10
CA TRP D 322 19.19 -12.11 -38.48
C TRP D 322 20.44 -12.76 -37.90
N VAL D 323 20.39 -13.11 -36.62
CA VAL D 323 21.51 -13.73 -35.93
C VAL D 323 21.86 -15.10 -36.50
N ASN D 324 20.84 -15.89 -36.80
CA ASN D 324 21.04 -17.23 -37.33
C ASN D 324 21.80 -17.19 -38.66
N GLY D 325 21.42 -16.26 -39.52
CA GLY D 325 22.07 -16.13 -40.82
C GLY D 325 23.55 -15.78 -40.74
N LYS D 326 23.90 -14.90 -39.81
CA LYS D 326 25.28 -14.48 -39.66
C LYS D 326 26.20 -15.66 -39.39
N HIS D 327 25.67 -16.72 -38.81
CA HIS D 327 26.45 -17.91 -38.52
C HIS D 327 26.65 -18.76 -39.77
N MET D 328 25.59 -18.88 -40.56
CA MET D 328 25.63 -19.66 -41.78
C MET D 328 26.80 -19.18 -42.65
N ARG D 329 26.88 -17.88 -42.85
CA ARG D 329 27.94 -17.29 -43.67
C ARG D 329 29.23 -17.24 -42.86
N ARG D 330 29.13 -17.56 -41.57
CA ARG D 330 30.28 -17.53 -40.67
C ARG D 330 30.99 -18.87 -40.60
N ILE D 331 30.38 -19.82 -39.88
CA ILE D 331 30.97 -21.15 -39.72
C ILE D 331 31.49 -21.69 -41.03
N ASP D 332 32.48 -22.57 -40.94
CA ASP D 332 33.08 -23.18 -42.12
C ASP D 332 32.02 -23.85 -42.98
N LEU D 333 32.28 -23.92 -44.28
CA LEU D 333 31.34 -24.53 -45.20
C LEU D 333 31.13 -26.01 -44.84
N GLU D 334 32.21 -26.70 -44.50
CA GLU D 334 32.11 -28.11 -44.12
C GLU D 334 31.28 -28.22 -42.86
N ASP D 335 31.45 -27.24 -41.96
CA ASP D 335 30.71 -27.22 -40.71
C ASP D 335 29.22 -27.07 -41.02
N LEU D 336 28.89 -26.07 -41.82
CA LEU D 336 27.51 -25.82 -42.22
C LEU D 336 27.02 -26.95 -43.10
N LYS D 337 27.94 -27.60 -43.81
CA LYS D 337 27.60 -28.72 -44.68
C LYS D 337 27.03 -29.86 -43.84
N ARG D 338 27.35 -29.84 -42.55
CA ARG D 338 26.88 -30.86 -41.63
C ARG D 338 25.52 -30.45 -41.10
N GLU D 339 25.42 -29.21 -40.64
CA GLU D 339 24.18 -28.67 -40.09
C GLU D 339 23.05 -28.66 -41.12
N PHE D 340 23.41 -28.61 -42.39
CA PHE D 340 22.41 -28.59 -43.46
C PHE D 340 21.89 -30.01 -43.73
N ILE D 341 22.78 -30.98 -43.65
CA ILE D 341 22.42 -32.38 -43.88
C ILE D 341 21.72 -32.95 -42.65
N GLU D 342 22.27 -32.69 -41.47
CA GLU D 342 21.69 -33.17 -40.23
C GLU D 342 20.29 -32.58 -40.06
N TRP D 343 20.10 -31.38 -40.60
CA TRP D 343 18.82 -30.70 -40.52
C TRP D 343 17.80 -31.40 -41.41
N ALA D 344 18.16 -31.57 -42.68
CA ALA D 344 17.28 -32.24 -43.64
C ALA D 344 16.96 -33.65 -43.17
N LYS D 345 17.89 -34.25 -42.43
CA LYS D 345 17.71 -35.59 -41.92
C LYS D 345 16.53 -35.65 -40.94
N TYR D 346 16.40 -34.60 -40.13
CA TYR D 346 15.32 -34.52 -39.15
C TYR D 346 14.08 -33.82 -39.72
N ALA D 347 14.30 -32.86 -40.61
CA ALA D 347 13.22 -32.13 -41.24
C ALA D 347 12.35 -33.04 -42.09
N GLY D 348 12.80 -34.28 -42.27
CA GLY D 348 12.06 -35.23 -43.06
C GLY D 348 12.15 -34.94 -44.55
N LYS D 349 12.95 -33.94 -44.91
CA LYS D 349 13.13 -33.56 -46.30
C LYS D 349 14.39 -34.21 -46.88
N GLU D 350 14.27 -34.76 -48.09
CA GLU D 350 15.41 -35.41 -48.74
C GLU D 350 16.11 -34.48 -49.72
N ILE D 351 17.30 -34.88 -50.13
CA ILE D 351 18.10 -34.10 -51.07
C ILE D 351 18.89 -34.99 -52.02
N PRO D 352 18.58 -34.91 -53.32
CA PRO D 352 19.24 -35.71 -54.36
C PRO D 352 20.77 -35.64 -54.28
N SER D 353 21.39 -36.79 -54.07
CA SER D 353 22.85 -36.88 -53.98
C SER D 353 23.49 -36.48 -55.29
N VAL D 354 24.42 -35.53 -55.25
CA VAL D 354 25.10 -35.06 -56.44
C VAL D 354 26.61 -35.08 -56.27
N ASP D 355 27.31 -34.41 -57.18
CA ASP D 355 28.76 -34.33 -57.14
C ASP D 355 29.20 -33.68 -55.82
N GLU D 356 30.00 -34.42 -55.04
CA GLU D 356 30.49 -33.91 -53.75
C GLU D 356 31.00 -32.48 -53.88
N ARG D 357 31.51 -32.15 -55.06
CA ARG D 357 32.04 -30.82 -55.32
C ARG D 357 30.91 -29.86 -55.69
N TYR D 358 29.95 -30.35 -56.47
CA TYR D 358 28.81 -29.54 -56.88
C TYR D 358 27.98 -29.15 -55.68
N PHE D 359 28.15 -29.88 -54.58
CA PHE D 359 27.42 -29.60 -53.35
C PHE D 359 28.21 -28.66 -52.45
N SER D 360 29.30 -28.11 -52.99
CA SER D 360 30.15 -27.20 -52.24
C SER D 360 30.06 -25.77 -52.80
N GLU D 361 30.04 -25.66 -54.12
CA GLU D 361 29.95 -24.36 -54.77
C GLU D 361 28.56 -23.75 -54.60
N THR D 362 27.54 -24.60 -54.56
CA THR D 362 26.17 -24.14 -54.40
C THR D 362 26.00 -23.45 -53.04
N LEU D 363 26.44 -24.11 -51.97
CA LEU D 363 26.33 -23.55 -50.63
C LEU D 363 27.10 -22.24 -50.50
N ARG D 364 28.33 -22.22 -50.97
CA ARG D 364 29.17 -21.02 -50.91
C ARG D 364 28.46 -19.78 -51.43
N ILE D 365 27.66 -19.95 -52.47
CA ILE D 365 26.94 -18.83 -53.07
C ILE D 365 25.53 -18.70 -52.51
N CYS D 366 24.98 -19.81 -52.03
CA CYS D 366 23.62 -19.81 -51.47
C CYS D 366 23.60 -19.31 -50.03
N ARG D 367 24.46 -19.87 -49.19
CA ARG D 367 24.52 -19.50 -47.78
C ARG D 367 24.66 -17.99 -47.58
N GLU D 368 25.30 -17.33 -48.53
CA GLU D 368 25.51 -15.89 -48.45
C GLU D 368 24.25 -15.10 -48.79
N LYS D 369 23.14 -15.81 -48.98
CA LYS D 369 21.89 -15.15 -49.33
C LYS D 369 20.69 -15.62 -48.51
N VAL D 370 20.94 -16.35 -47.43
CA VAL D 370 19.86 -16.85 -46.59
C VAL D 370 20.06 -16.53 -45.12
N ASN D 371 19.11 -16.98 -44.29
CA ASN D 371 19.16 -16.73 -42.85
C ASN D 371 18.86 -18.00 -42.05
N THR D 372 18.07 -18.89 -42.61
CA THR D 372 17.71 -20.14 -41.94
C THR D 372 17.99 -21.32 -42.88
N LEU D 373 18.36 -22.46 -42.29
CA LEU D 373 18.64 -23.65 -43.08
C LEU D 373 17.43 -24.01 -43.94
N SER D 374 16.24 -23.68 -43.46
CA SER D 374 15.01 -23.97 -44.20
C SER D 374 15.02 -23.23 -45.53
N GLN D 375 15.44 -21.96 -45.49
CA GLN D 375 15.50 -21.15 -46.70
C GLN D 375 16.52 -21.74 -47.66
N LEU D 376 17.71 -22.02 -47.15
CA LEU D 376 18.79 -22.58 -47.95
C LEU D 376 18.31 -23.77 -48.79
N TYR D 377 17.37 -24.53 -48.24
CA TYR D 377 16.83 -25.69 -48.94
C TYR D 377 16.07 -25.25 -50.18
N ASP D 378 15.30 -24.17 -50.05
CA ASP D 378 14.51 -23.64 -51.15
C ASP D 378 15.38 -23.04 -52.26
N ILE D 379 16.31 -22.18 -51.87
CA ILE D 379 17.19 -21.53 -52.83
C ILE D 379 18.12 -22.55 -53.50
N MET D 380 18.16 -23.76 -52.93
CA MET D 380 19.01 -24.81 -53.48
C MET D 380 18.16 -25.92 -54.10
N TYR D 381 16.88 -25.61 -54.31
CA TYR D 381 15.94 -26.54 -54.91
C TYR D 381 16.25 -26.74 -56.39
N PRO D 382 16.41 -25.64 -57.15
CA PRO D 382 16.70 -25.74 -58.58
C PRO D 382 18.09 -26.30 -58.90
N PHE D 383 18.97 -26.32 -57.90
CA PHE D 383 20.32 -26.83 -58.08
C PHE D 383 20.38 -28.35 -57.88
N MET D 384 19.62 -28.84 -56.90
CA MET D 384 19.59 -30.26 -56.60
C MET D 384 18.50 -30.98 -57.39
N ASN D 385 17.60 -30.20 -57.99
CA ASN D 385 16.50 -30.76 -58.76
C ASN D 385 16.41 -30.10 -60.14
N ASP D 386 16.06 -30.89 -61.14
CA ASP D 386 15.94 -30.40 -62.51
C ASP D 386 14.49 -30.25 -62.91
N ASP D 387 13.59 -30.62 -62.01
CA ASP D 387 12.16 -30.53 -62.26
C ASP D 387 11.53 -29.35 -61.53
N TYR D 388 12.35 -28.36 -61.18
CA TYR D 388 11.87 -27.19 -60.47
C TYR D 388 10.74 -26.50 -61.24
N GLU D 389 10.06 -25.57 -60.60
CA GLU D 389 8.96 -24.85 -61.21
C GLU D 389 9.30 -23.38 -61.43
N TYR D 390 8.45 -22.69 -62.17
CA TYR D 390 8.64 -21.26 -62.45
C TYR D 390 7.68 -20.42 -61.62
N GLU D 391 8.21 -19.39 -60.98
CA GLU D 391 7.39 -18.51 -60.15
C GLU D 391 6.42 -17.69 -60.99
N LYS D 392 5.22 -17.49 -60.44
CA LYS D 392 4.17 -16.74 -61.11
C LYS D 392 4.62 -15.33 -61.49
N ASP D 393 5.29 -14.65 -60.56
CA ASP D 393 5.76 -13.30 -60.79
C ASP D 393 6.93 -13.26 -61.79
N TYR D 394 7.20 -14.39 -62.42
CA TYR D 394 8.28 -14.48 -63.40
C TYR D 394 7.79 -14.41 -64.84
N VAL D 395 6.85 -15.29 -65.18
CA VAL D 395 6.29 -15.34 -66.53
C VAL D 395 5.29 -14.22 -66.76
N GLU D 396 4.57 -13.85 -65.71
CA GLU D 396 3.56 -12.80 -65.79
C GLU D 396 4.14 -11.40 -65.75
N LYS D 397 5.34 -11.23 -66.27
CA LYS D 397 5.99 -9.91 -66.28
C LYS D 397 7.30 -9.90 -67.06
N PHE D 398 7.97 -11.06 -67.13
CA PHE D 398 9.23 -11.15 -67.85
C PHE D 398 9.19 -12.10 -69.04
N LEU D 399 9.01 -13.38 -68.76
CA LEU D 399 8.96 -14.40 -69.79
C LEU D 399 7.99 -14.05 -70.93
N LYS D 400 6.96 -13.28 -70.61
CA LYS D 400 5.97 -12.90 -71.60
C LYS D 400 6.18 -11.49 -72.16
N ARG D 401 6.95 -11.40 -73.24
CA ARG D 401 7.22 -10.12 -73.88
C ARG D 401 7.49 -10.30 -75.37
N GLU D 402 7.19 -9.26 -76.15
CA GLU D 402 7.37 -9.29 -77.60
C GLU D 402 8.76 -9.74 -78.04
N GLU D 403 9.75 -9.63 -77.15
CA GLU D 403 11.11 -10.02 -77.49
C GLU D 403 11.70 -11.03 -76.51
N ALA D 404 10.94 -11.32 -75.44
CA ALA D 404 11.39 -12.27 -74.43
C ALA D 404 11.70 -13.64 -75.02
N GLU D 405 11.33 -13.83 -76.29
CA GLU D 405 11.56 -15.09 -76.97
C GLU D 405 12.98 -15.19 -77.51
N ARG D 406 13.43 -14.16 -78.21
CA ARG D 406 14.78 -14.15 -78.76
C ARG D 406 15.82 -13.92 -77.68
N VAL D 407 15.41 -13.30 -76.58
CA VAL D 407 16.32 -13.03 -75.47
C VAL D 407 16.90 -14.33 -74.94
N LEU D 408 16.10 -15.40 -75.00
CA LEU D 408 16.53 -16.70 -74.53
C LEU D 408 17.36 -17.39 -75.60
N GLU D 409 16.93 -17.28 -76.85
CA GLU D 409 17.63 -17.89 -77.97
C GLU D 409 19.01 -17.29 -78.15
N GLU D 410 19.08 -15.96 -78.17
CA GLU D 410 20.35 -15.27 -78.34
C GLU D 410 21.32 -15.65 -77.23
N ALA D 411 20.83 -15.62 -75.99
CA ALA D 411 21.65 -15.97 -74.83
C ALA D 411 22.11 -17.42 -74.94
N LYS D 412 21.25 -18.26 -75.54
CA LYS D 412 21.55 -19.67 -75.71
C LYS D 412 22.84 -19.84 -76.53
N LYS D 413 22.91 -19.16 -77.66
CA LYS D 413 24.06 -19.23 -78.54
C LYS D 413 25.34 -18.71 -77.88
N ALA D 414 25.24 -17.54 -77.26
CA ALA D 414 26.38 -16.93 -76.59
C ALA D 414 27.13 -17.92 -75.71
N PHE D 415 26.41 -18.53 -74.77
CA PHE D 415 27.00 -19.50 -73.86
C PHE D 415 27.29 -20.82 -74.55
N LYS D 416 26.58 -21.08 -75.64
CA LYS D 416 26.74 -22.31 -76.41
C LYS D 416 28.12 -22.35 -77.08
N ASP D 417 28.86 -21.26 -76.98
CA ASP D 417 30.19 -21.19 -77.59
C ASP D 417 31.21 -20.54 -76.66
N LEU D 418 31.10 -20.81 -75.37
CA LEU D 418 32.04 -20.25 -74.39
C LEU D 418 33.26 -21.16 -74.23
N ASN D 419 34.33 -20.83 -74.92
CA ASN D 419 35.56 -21.61 -74.86
C ASN D 419 36.09 -21.65 -73.42
N SER D 420 35.63 -20.71 -72.60
CA SER D 420 36.03 -20.64 -71.20
C SER D 420 34.82 -20.23 -70.37
N TRP D 421 34.29 -21.19 -69.60
CA TRP D 421 33.10 -20.94 -68.78
C TRP D 421 33.46 -20.49 -67.37
N ASN D 422 33.08 -19.26 -67.02
CA ASN D 422 33.35 -18.70 -65.71
C ASN D 422 32.59 -17.39 -65.51
N MET D 423 32.53 -16.94 -64.25
CA MET D 423 31.83 -15.72 -63.90
C MET D 423 32.27 -14.50 -64.71
N GLU D 424 33.48 -14.56 -65.28
CA GLU D 424 33.99 -13.45 -66.08
C GLU D 424 33.23 -13.36 -67.39
N GLU D 425 33.34 -14.40 -68.21
CA GLU D 425 32.68 -14.45 -69.50
C GLU D 425 31.16 -14.30 -69.35
N ILE D 426 30.61 -14.98 -68.35
CA ILE D 426 29.17 -14.93 -68.11
C ILE D 426 28.67 -13.51 -67.92
N GLU D 427 29.54 -12.62 -67.42
CA GLU D 427 29.15 -11.23 -67.20
C GLU D 427 29.34 -10.44 -68.49
N LYS D 428 30.51 -10.60 -69.11
CA LYS D 428 30.81 -9.90 -70.36
C LYS D 428 29.86 -10.33 -71.46
N THR D 429 29.16 -11.44 -71.24
CA THR D 429 28.22 -11.97 -72.21
C THR D 429 26.84 -11.33 -72.12
N LEU D 430 26.16 -11.56 -71.01
CA LEU D 430 24.83 -11.01 -70.80
C LEU D 430 24.70 -9.53 -71.18
N ARG D 431 25.78 -8.78 -70.99
CA ARG D 431 25.75 -7.36 -71.32
C ARG D 431 25.83 -7.17 -72.83
N ASP D 432 26.76 -7.88 -73.46
CA ASP D 432 26.96 -7.80 -74.90
C ASP D 432 25.64 -8.02 -75.63
N LEU D 433 25.00 -9.16 -75.33
CA LEU D 433 23.73 -9.50 -75.96
C LEU D 433 22.67 -8.43 -75.71
N SER D 434 22.35 -8.19 -74.45
CA SER D 434 21.35 -7.18 -74.10
C SER D 434 21.67 -5.88 -74.82
N GLU D 435 22.96 -5.65 -75.06
CA GLU D 435 23.42 -4.45 -75.74
C GLU D 435 23.30 -4.63 -77.25
N LYS D 436 22.13 -5.07 -77.70
CA LYS D 436 21.88 -5.28 -79.11
C LYS D 436 20.49 -4.80 -79.50
N GLY D 437 19.87 -4.03 -78.60
CA GLY D 437 18.54 -3.51 -78.87
C GLY D 437 17.44 -4.54 -78.80
N LEU D 438 17.22 -5.07 -77.60
CA LEU D 438 16.17 -6.07 -77.39
C LEU D 438 15.20 -5.60 -76.32
N ALA D 439 15.54 -5.87 -75.06
CA ALA D 439 14.70 -5.48 -73.93
C ALA D 439 15.53 -4.84 -72.83
N SER D 440 14.86 -4.11 -71.94
CA SER D 440 15.51 -3.44 -70.82
C SER D 440 16.42 -4.43 -70.10
N LYS D 441 17.57 -3.96 -69.62
CA LYS D 441 18.51 -4.81 -68.91
C LYS D 441 17.80 -5.68 -67.88
N LYS D 442 16.74 -5.13 -67.28
CA LYS D 442 15.96 -5.86 -66.29
C LYS D 442 15.39 -7.12 -66.94
N VAL D 443 14.87 -6.94 -68.14
CA VAL D 443 14.28 -8.06 -68.89
C VAL D 443 15.40 -8.83 -69.59
N VAL D 444 16.50 -9.04 -68.87
CA VAL D 444 17.65 -9.75 -69.41
C VAL D 444 18.27 -10.64 -68.33
N PHE D 445 18.92 -10.00 -67.37
CA PHE D 445 19.57 -10.72 -66.27
C PHE D 445 18.51 -11.42 -65.42
N GLN D 446 17.43 -10.71 -65.13
CA GLN D 446 16.34 -11.24 -64.33
C GLN D 446 15.38 -12.06 -65.19
N LEU D 447 15.70 -12.19 -66.47
CA LEU D 447 14.88 -12.97 -67.39
C LEU D 447 15.51 -14.36 -67.48
N ILE D 448 16.83 -14.39 -67.50
CA ILE D 448 17.57 -15.64 -67.56
C ILE D 448 17.60 -16.24 -66.15
N ARG D 449 17.46 -15.36 -65.17
CA ARG D 449 17.46 -15.75 -63.76
C ARG D 449 16.34 -16.76 -63.49
N GLY D 450 15.16 -16.49 -64.03
CA GLY D 450 14.04 -17.37 -63.84
C GLY D 450 14.00 -18.48 -64.89
N ALA D 451 14.97 -18.44 -65.79
CA ALA D 451 15.05 -19.45 -66.85
C ALA D 451 15.91 -20.61 -66.37
N VAL D 452 16.92 -20.30 -65.56
CA VAL D 452 17.83 -21.31 -65.04
C VAL D 452 17.47 -21.77 -63.63
N THR D 453 16.50 -21.10 -63.01
CA THR D 453 16.07 -21.47 -61.66
C THR D 453 14.57 -21.32 -61.49
N GLY D 454 13.95 -20.55 -62.38
CA GLY D 454 12.51 -20.34 -62.30
C GLY D 454 12.20 -19.37 -61.17
N LYS D 455 13.22 -18.67 -60.71
CA LYS D 455 13.07 -17.71 -59.62
C LYS D 455 13.49 -16.29 -60.03
N LEU D 456 13.04 -15.32 -59.26
CA LEU D 456 13.38 -13.92 -59.51
C LEU D 456 14.41 -13.49 -58.49
N VAL D 457 14.65 -14.37 -57.51
CA VAL D 457 15.62 -14.13 -56.46
C VAL D 457 16.50 -15.37 -56.28
N THR D 458 17.70 -15.31 -56.84
CA THR D 458 18.65 -16.42 -56.76
C THR D 458 19.95 -15.96 -56.08
N PRO D 459 20.87 -16.90 -55.83
CA PRO D 459 22.15 -16.56 -55.19
C PRO D 459 22.83 -15.38 -55.88
N GLY D 460 23.29 -15.60 -57.10
CA GLY D 460 23.95 -14.57 -57.86
C GLY D 460 23.43 -14.53 -59.28
N LEU D 461 24.23 -15.04 -60.21
CA LEU D 461 23.86 -15.10 -61.62
C LEU D 461 25.07 -15.57 -62.42
N PHE D 462 26.02 -14.67 -62.62
CA PHE D 462 27.23 -14.99 -63.37
C PHE D 462 27.92 -16.16 -62.68
N GLU D 463 27.61 -16.34 -61.41
CA GLU D 463 28.18 -17.41 -60.60
C GLU D 463 27.17 -18.55 -60.56
N THR D 464 25.90 -18.19 -60.46
CA THR D 464 24.81 -19.16 -60.41
C THR D 464 24.77 -19.94 -61.72
N ILE D 465 25.33 -19.35 -62.77
CA ILE D 465 25.36 -19.99 -64.08
C ILE D 465 26.57 -20.92 -64.19
N GLU D 466 27.70 -20.49 -63.63
CA GLU D 466 28.92 -21.29 -63.67
C GLU D 466 28.73 -22.61 -62.93
N VAL D 467 28.43 -22.51 -61.65
CA VAL D 467 28.23 -23.69 -60.80
C VAL D 467 27.36 -24.75 -61.48
N LEU D 468 26.37 -24.30 -62.25
CA LEU D 468 25.48 -25.21 -62.95
C LEU D 468 26.25 -26.01 -64.00
N GLY D 469 26.86 -25.31 -64.95
CA GLY D 469 27.61 -25.96 -66.00
C GLY D 469 27.08 -25.63 -67.37
N LYS D 470 27.95 -25.70 -68.38
CA LYS D 470 27.58 -25.39 -69.75
C LYS D 470 26.57 -26.39 -70.28
N GLU D 471 26.42 -27.51 -69.58
CA GLU D 471 25.48 -28.55 -69.99
C GLU D 471 24.19 -28.43 -69.19
N ARG D 472 24.32 -28.06 -67.92
CA ARG D 472 23.16 -27.92 -67.04
C ARG D 472 22.55 -26.54 -67.26
N THR D 473 23.04 -25.84 -68.28
CA THR D 473 22.56 -24.51 -68.60
C THR D 473 21.91 -24.49 -69.99
N LEU D 474 22.66 -24.90 -71.00
CA LEU D 474 22.15 -24.94 -72.37
C LEU D 474 20.96 -25.88 -72.42
N LYS D 475 21.02 -26.95 -71.64
CA LYS D 475 19.95 -27.94 -71.58
C LYS D 475 18.81 -27.40 -70.74
N ARG D 476 19.15 -26.61 -69.72
CA ARG D 476 18.17 -26.02 -68.83
C ARG D 476 17.50 -24.80 -69.45
N LEU D 477 18.22 -24.12 -70.33
CA LEU D 477 17.69 -22.94 -71.00
C LEU D 477 16.79 -23.39 -72.15
N GLU D 478 16.85 -24.68 -72.45
CA GLU D 478 16.05 -25.25 -73.52
C GLU D 478 14.59 -25.38 -73.08
N ARG D 479 14.40 -25.82 -71.85
CA ARG D 479 13.06 -25.99 -71.29
C ARG D 479 12.30 -24.66 -71.29
N THR D 480 12.96 -23.62 -70.81
CA THR D 480 12.37 -22.29 -70.73
C THR D 480 11.66 -21.90 -72.01
N LEU D 481 12.30 -22.13 -73.15
CA LEU D 481 11.72 -21.80 -74.44
C LEU D 481 10.45 -22.61 -74.67
N GLN D 482 10.52 -23.91 -74.41
CA GLN D 482 9.38 -24.80 -74.59
C GLN D 482 8.28 -24.45 -73.59
N PHE D 483 8.68 -23.99 -72.42
CA PHE D 483 7.75 -23.60 -71.37
C PHE D 483 6.97 -22.38 -71.84
N LEU D 484 7.59 -21.57 -72.70
CA LEU D 484 6.98 -20.37 -73.24
C LEU D 484 6.10 -20.72 -74.43
N LYS D 485 6.31 -21.92 -74.97
CA LYS D 485 5.53 -22.38 -76.11
C LYS D 485 4.34 -23.22 -75.64
N LYS D 486 4.44 -23.72 -74.42
CA LYS D 486 3.38 -24.54 -73.82
C LYS D 486 3.20 -25.84 -74.58
C2 GSU I . -8.94 25.43 52.75
S GSU I . -6.52 33.83 51.70
N GSU I . -6.58 37.14 54.59
CA GSU I . -6.60 35.82 55.24
CB GSU I . -7.97 35.59 55.91
CG GSU I . -8.18 36.60 57.05
CD GSU I . -9.07 36.01 58.12
OE1 GSU I . -10.15 35.52 57.83
OE2 GSU I . -8.73 36.05 59.28
C GSU I . -6.37 34.75 54.20
O GSU I . -5.85 33.70 54.53
N10 GSU I . -6.74 34.96 52.91
O1S GSU I . -5.19 33.33 51.88
O2S GSU I . -7.00 34.44 50.51
O5' GSU I . -7.44 32.62 51.98
C5' GSU I . -8.80 33.08 52.15
C4' GSU I . -9.62 32.09 53.01
O4' GSU I . -9.38 30.76 52.47
C1' GSU I . -8.84 29.90 53.52
N9 GSU I . -7.85 28.96 52.96
C4 GSU I . -8.04 27.60 52.79
N3 GSU I . -9.05 26.74 53.03
N1 GSU I . -7.82 24.94 52.21
C6 GSU I . -6.75 25.73 51.92
N6 GSU I . -5.61 25.18 51.36
C5 GSU I . -6.83 27.11 52.21
N7 GSU I . -6.00 28.18 52.07
C8 GSU I . -6.58 29.26 52.51
C2' GSU I . -8.22 30.86 54.53
O2' GSU I . -8.10 30.31 55.84
C3' GSU I . -9.12 32.13 54.49
O3' GSU I . -10.23 31.87 55.36
C2 GSU J . 9.02 4.24 36.28
S GSU J . 3.44 -0.11 30.81
N GSU J . 3.42 -4.51 30.05
CA GSU J . 4.40 -4.04 31.04
CB GSU J . 5.81 -4.09 30.45
CG GSU J . 6.81 -4.59 31.49
CD GSU J . 7.90 -5.39 30.82
OE1 GSU J . 7.81 -6.60 30.76
OE2 GSU J . 8.87 -4.83 30.36
C GSU J . 4.08 -2.62 31.43
O GSU J . 4.05 -2.31 32.60
N10 GSU J . 3.81 -1.71 30.46
O1S GSU J . 2.60 -0.15 31.95
O2S GSU J . 3.10 0.49 29.56
O5' GSU J . 4.74 0.59 31.29
C5' GSU J . 5.77 0.43 30.28
C4' GSU J . 7.17 0.47 30.91
O4' GSU J . 7.23 1.70 31.72
C1' GSU J . 7.56 1.36 33.11
N9 GSU J . 6.86 2.24 34.05
C4 GSU J . 7.45 3.07 34.97
N3 GSU J . 8.73 3.35 35.31
N1 GSU J . 8.05 4.87 36.95
C6 GSU J . 6.74 4.65 36.67
N6 GSU J . 5.76 5.31 37.38
C5 GSU J . 6.39 3.72 35.66
N7 GSU J . 5.23 3.26 35.12
C8 GSU J . 5.51 2.39 34.19
C2' GSU J . 7.15 -0.10 33.24
O2' GSU J . 7.82 -0.78 34.29
C3' GSU J . 7.41 -0.73 31.85
O3' GSU J . 8.78 -1.11 31.81
C2 GSU K . -7.30 -5.52 -39.90
S GSU K . -4.82 -3.74 -48.03
N GSU K . -6.03 -0.65 -50.98
CA GSU K . -6.61 -0.49 -49.65
CB GSU K . -8.11 -0.83 -49.70
CG GSU K . -8.90 0.14 -48.81
CD GSU K . -10.17 0.56 -49.51
OE1 GSU K . -11.20 -0.07 -49.32
OE2 GSU K . -10.17 1.52 -50.25
C GSU K . -5.92 -1.40 -48.68
O GSU K . -5.67 -1.02 -47.56
N10 GSU K . -5.59 -2.67 -49.07
O1S GSU K . -3.78 -2.99 -47.40
O2S GSU K . -4.60 -4.92 -48.79
O5' GSU K . -5.80 -4.11 -46.90
C5' GSU K . -7.02 -4.64 -47.47
C4' GSU K . -8.17 -4.60 -46.45
O4' GSU K . -7.62 -5.08 -45.18
C1' GSU K . -7.82 -4.06 -44.15
N9 GSU K . -6.68 -4.03 -43.21
C4 GSU K . -6.68 -4.53 -41.93
N3 GSU K . -7.60 -5.13 -41.14
N1 GSU K . -6.08 -5.32 -39.38
C6 GSU K . -5.09 -4.73 -40.09
N6 GSU K . -3.85 -4.54 -39.52
C5 GSU K . -5.36 -4.30 -41.42
N7 GSU K . -4.66 -3.69 -42.40
C8 GSU K . -5.41 -3.53 -43.45
C2' GSU K . -7.97 -2.75 -44.94
O2' GSU K . -8.68 -1.75 -44.21
C3' GSU K . -8.69 -3.16 -46.25
O3' GSU K . -10.09 -3.19 -45.98
C2 GSU L . 12.20 -17.43 -18.49
S GSU L . 8.67 -25.05 -15.38
N GSU L . 8.51 -26.27 -11.09
CA GSU L . 9.22 -25.01 -11.38
CB GSU L . 10.73 -25.23 -11.22
CG GSU L . 11.36 -24.02 -10.52
CD GSU L . 12.80 -24.32 -10.19
OE1 GSU L . 13.66 -24.09 -11.01
OE2 GSU L . 13.09 -24.77 -9.10
C GSU L . 8.91 -24.58 -12.78
O GSU L . 8.59 -23.43 -12.99
N10 GSU L . 9.00 -25.48 -13.80
O1S GSU L . 7.44 -24.34 -15.35
O2S GSU L . 8.90 -26.24 -16.14
O5' GSU L . 9.73 -24.03 -15.84
C5' GSU L . 11.05 -24.58 -15.66
C4' GSU L . 12.10 -23.47 -15.42
O4' GSU L . 11.99 -22.54 -16.54
C1' GSU L . 11.70 -21.19 -16.03
N9 GSU L . 10.80 -20.46 -16.93
C4 GSU L . 11.11 -19.32 -17.62
N3 GSU L . 12.19 -18.52 -17.72
N1 GSU L . 11.12 -17.08 -19.21
C6 GSU L . 9.98 -17.82 -19.18
N6 GSU L . 8.88 -17.44 -19.93
C5 GSU L . 9.94 -18.99 -18.37
N7 GSU L . 9.01 -19.93 -18.10
C8 GSU L . 9.51 -20.79 -17.26
C2' GSU L . 11.10 -21.43 -14.66
O2' GSU L . 11.23 -20.30 -13.79
C3' GSU L . 11.80 -22.70 -14.11
O3' GSU L . 13.03 -22.27 -13.52
#